data_2ETS
# 
_entry.id   2ETS 
# 
_audit_conform.dict_name       mmcif_pdbx.dic 
_audit_conform.dict_version    5.397 
_audit_conform.dict_location   http://mmcif.pdb.org/dictionaries/ascii/mmcif_pdbx.dic 
# 
loop_
_database_2.database_id 
_database_2.database_code 
_database_2.pdbx_database_accession 
_database_2.pdbx_DOI 
PDB   2ETS         pdb_00002ets 10.2210/pdb2ets/pdb 
RCSB  RCSB035082   ?            ?                   
WWPDB D_1000035082 ?            ?                   
# 
loop_
_pdbx_audit_revision_history.ordinal 
_pdbx_audit_revision_history.data_content_type 
_pdbx_audit_revision_history.major_revision 
_pdbx_audit_revision_history.minor_revision 
_pdbx_audit_revision_history.revision_date 
1 'Structure model' 1 0 2005-11-08 
2 'Structure model' 1 1 2008-05-01 
3 'Structure model' 1 2 2011-07-13 
4 'Structure model' 1 3 2017-10-25 
5 'Structure model' 1 4 2023-01-25 
6 'Structure model' 1 5 2024-10-30 
# 
_pdbx_audit_revision_details.ordinal             1 
_pdbx_audit_revision_details.revision_ordinal    1 
_pdbx_audit_revision_details.data_content_type   'Structure model' 
_pdbx_audit_revision_details.provider            repository 
_pdbx_audit_revision_details.type                'Initial release' 
_pdbx_audit_revision_details.description         ? 
_pdbx_audit_revision_details.details             ? 
# 
loop_
_pdbx_audit_revision_group.ordinal 
_pdbx_audit_revision_group.revision_ordinal 
_pdbx_audit_revision_group.data_content_type 
_pdbx_audit_revision_group.group 
1  2 'Structure model' 'Version format compliance'  
2  3 'Structure model' Advisory                     
3  3 'Structure model' 'Derived calculations'       
4  3 'Structure model' 'Source and taxonomy'        
5  3 'Structure model' 'Version format compliance'  
6  4 'Structure model' 'Author supporting evidence' 
7  5 'Structure model' 'Database references'        
8  5 'Structure model' 'Derived calculations'       
9  6 'Structure model' 'Data collection'            
10 6 'Structure model' 'Structure summary'          
# 
loop_
_pdbx_audit_revision_category.ordinal 
_pdbx_audit_revision_category.revision_ordinal 
_pdbx_audit_revision_category.data_content_type 
_pdbx_audit_revision_category.category 
1 4 'Structure model' pdbx_struct_assembly_auth_evidence 
2 5 'Structure model' database_2                         
3 5 'Structure model' struct_conn                        
4 5 'Structure model' struct_ref_seq_dif                 
5 5 'Structure model' struct_site                        
6 6 'Structure model' chem_comp_atom                     
7 6 'Structure model' chem_comp_bond                     
8 6 'Structure model' pdbx_entry_details                 
9 6 'Structure model' pdbx_modification_feature          
# 
loop_
_pdbx_audit_revision_item.ordinal 
_pdbx_audit_revision_item.revision_ordinal 
_pdbx_audit_revision_item.data_content_type 
_pdbx_audit_revision_item.item 
1 5 'Structure model' '_database_2.pdbx_DOI'                
2 5 'Structure model' '_database_2.pdbx_database_accession' 
3 5 'Structure model' '_struct_conn.pdbx_leaving_atom_flag' 
4 5 'Structure model' '_struct_ref_seq_dif.details'         
5 5 'Structure model' '_struct_site.pdbx_auth_asym_id'      
6 5 'Structure model' '_struct_site.pdbx_auth_comp_id'      
7 5 'Structure model' '_struct_site.pdbx_auth_seq_id'       
# 
_pdbx_database_status.SG_entry                        Y 
_pdbx_database_status.entry_id                        2ETS 
_pdbx_database_status.deposit_site                    RCSB 
_pdbx_database_status.process_site                    RCSB 
_pdbx_database_status.recvd_initial_deposition_date   2005-10-27 
_pdbx_database_status.status_code                     REL 
_pdbx_database_status.status_code_sf                  REL 
_pdbx_database_status.status_code_mr                  ? 
_pdbx_database_status.pdb_format_compatible           Y 
_pdbx_database_status.status_code_cs                  ? 
_pdbx_database_status.methods_development_category    ? 
_pdbx_database_status.status_code_nmr_data            ? 
# 
_pdbx_database_related.db_name        TargetDB 
_pdbx_database_related.db_id          358600 
_pdbx_database_related.details        . 
_pdbx_database_related.content_type   unspecified 
# 
_audit_author.name           'Joint Center for Structural Genomics (JCSG)' 
_audit_author.pdbx_ordinal   1 
# 
_citation.id                        primary 
_citation.title                     
'Crystal structures of MW1337R and lin2004: representatives of a novel protein family that adopt a four-helical bundle fold.' 
_citation.journal_abbrev            Proteins 
_citation.journal_volume            71 
_citation.page_first                1589 
_citation.page_last                 1596 
_citation.year                      2008 
_citation.journal_id_ASTM           PSFGEY 
_citation.country                   US 
_citation.journal_id_ISSN           0887-3585 
_citation.journal_id_CSD            0867 
_citation.book_publisher            ? 
_citation.pdbx_database_id_PubMed   18324683 
_citation.pdbx_database_id_DOI      10.1002/prot.22020 
# 
loop_
_citation_author.citation_id 
_citation_author.name 
_citation_author.ordinal 
_citation_author.identifier_ORCID 
primary 'Kozbial, P.'       1  ? 
primary 'Xu, Q.'            2  ? 
primary 'Chiu, H.J.'        3  ? 
primary 'McMullan, D.'      4  ? 
primary 'Krishna, S.S.'     5  ? 
primary 'Miller, M.D.'      6  ? 
primary 'Abdubek, P.'       7  ? 
primary 'Acosta, C.'        8  ? 
primary 'Astakhova, T.'     9  ? 
primary 'Axelrod, H.L.'     10 ? 
primary 'Carlton, D.'       11 ? 
primary 'Clayton, T.'       12 ? 
primary 'Deller, M.'        13 ? 
primary 'Duan, L.'          14 ? 
primary 'Elias, Y.'         15 ? 
primary 'Elsliger, M.A.'    16 ? 
primary 'Feuerhelm, J.'     17 ? 
primary 'Grzechnik, S.K.'   18 ? 
primary 'Hale, J.'          19 ? 
primary 'Han, G.W.'         20 ? 
primary 'Jaroszewski, L.'   21 ? 
primary 'Jin, K.K.'         22 ? 
primary 'Klock, H.E.'       23 ? 
primary 'Knuth, M.W.'       24 ? 
primary 'Koesema, E.'       25 ? 
primary 'Kumar, A.'         26 ? 
primary 'Marciano, D.'      27 ? 
primary 'Morse, A.T.'       28 ? 
primary 'Murphy, K.D.'      29 ? 
primary 'Nigoghossian, E.'  30 ? 
primary 'Okach, L.'         31 ? 
primary 'Oommachen, S.'     32 ? 
primary 'Reyes, R.'         33 ? 
primary 'Rife, C.L.'        34 ? 
primary 'Spraggon, G.'      35 ? 
primary 'Trout, C.V.'       36 ? 
primary 'van den Bedem, H.' 37 ? 
primary 'Weekes, D.'        38 ? 
primary 'White, A.'         39 ? 
primary 'Wolf, G.'          40 ? 
primary 'Zubieta, C.'       41 ? 
primary 'Hodgson, K.O.'     42 ? 
primary 'Wooley, J.'        43 ? 
primary 'Deacon, A.M.'      44 ? 
primary 'Godzik, A.'        45 ? 
primary 'Lesley, S.A.'      46 ? 
primary 'Wilson, I.A.'      47 ? 
# 
loop_
_entity.id 
_entity.type 
_entity.src_method 
_entity.pdbx_description 
_entity.formula_weight 
_entity.pdbx_number_of_molecules 
_entity.pdbx_ec 
_entity.pdbx_mutation 
_entity.pdbx_fragment 
_entity.details 
1 polymer     man 'hypothetical protein' 15462.802 1  ? ? ? ? 
2 non-polymer syn 'PHOSPHATE ION'        94.971    1  ? ? ? ? 
3 non-polymer syn 'CHLORIDE ION'         35.453    3  ? ? ? ? 
4 water       nat water                  18.015    55 ? ? ? ? 
# 
_entity_poly.entity_id                      1 
_entity_poly.type                           'polypeptide(L)' 
_entity_poly.nstd_linkage                   no 
_entity_poly.nstd_monomer                   yes 
_entity_poly.pdbx_seq_one_letter_code       
;(MSE)GSDKIHHHHHH(MSE)NDLVESLIYEVNN(MSE)QQNFENVKSQQQDHDFYQTVKPYTEHIDSILNEIKLHREFI
IEVPY(MSE)NSRKFELLIANIEQLSVECHFKRTSRKLFIEKLKSVQYDLQNILDGVTKEGTDG
;
_entity_poly.pdbx_seq_one_letter_code_can   
;MGSDKIHHHHHHMNDLVESLIYEVNNMQQNFENVKSQQQDHDFYQTVKPYTEHIDSILNEIKLHREFIIEVPYMNSRKFE
LLIANIEQLSVECHFKRTSRKLFIEKLKSVQYDLQNILDGVTKEGTDG
;
_entity_poly.pdbx_strand_id                 A 
_entity_poly.pdbx_target_identifier         358600 
# 
loop_
_pdbx_entity_nonpoly.entity_id 
_pdbx_entity_nonpoly.name 
_pdbx_entity_nonpoly.comp_id 
2 'PHOSPHATE ION' PO4 
3 'CHLORIDE ION'  CL  
4 water           HOH 
# 
loop_
_entity_poly_seq.entity_id 
_entity_poly_seq.num 
_entity_poly_seq.mon_id 
_entity_poly_seq.hetero 
1 1   MSE n 
1 2   GLY n 
1 3   SER n 
1 4   ASP n 
1 5   LYS n 
1 6   ILE n 
1 7   HIS n 
1 8   HIS n 
1 9   HIS n 
1 10  HIS n 
1 11  HIS n 
1 12  HIS n 
1 13  MSE n 
1 14  ASN n 
1 15  ASP n 
1 16  LEU n 
1 17  VAL n 
1 18  GLU n 
1 19  SER n 
1 20  LEU n 
1 21  ILE n 
1 22  TYR n 
1 23  GLU n 
1 24  VAL n 
1 25  ASN n 
1 26  ASN n 
1 27  MSE n 
1 28  GLN n 
1 29  GLN n 
1 30  ASN n 
1 31  PHE n 
1 32  GLU n 
1 33  ASN n 
1 34  VAL n 
1 35  LYS n 
1 36  SER n 
1 37  GLN n 
1 38  GLN n 
1 39  GLN n 
1 40  ASP n 
1 41  HIS n 
1 42  ASP n 
1 43  PHE n 
1 44  TYR n 
1 45  GLN n 
1 46  THR n 
1 47  VAL n 
1 48  LYS n 
1 49  PRO n 
1 50  TYR n 
1 51  THR n 
1 52  GLU n 
1 53  HIS n 
1 54  ILE n 
1 55  ASP n 
1 56  SER n 
1 57  ILE n 
1 58  LEU n 
1 59  ASN n 
1 60  GLU n 
1 61  ILE n 
1 62  LYS n 
1 63  LEU n 
1 64  HIS n 
1 65  ARG n 
1 66  GLU n 
1 67  PHE n 
1 68  ILE n 
1 69  ILE n 
1 70  GLU n 
1 71  VAL n 
1 72  PRO n 
1 73  TYR n 
1 74  MSE n 
1 75  ASN n 
1 76  SER n 
1 77  ARG n 
1 78  LYS n 
1 79  PHE n 
1 80  GLU n 
1 81  LEU n 
1 82  LEU n 
1 83  ILE n 
1 84  ALA n 
1 85  ASN n 
1 86  ILE n 
1 87  GLU n 
1 88  GLN n 
1 89  LEU n 
1 90  SER n 
1 91  VAL n 
1 92  GLU n 
1 93  CYS n 
1 94  HIS n 
1 95  PHE n 
1 96  LYS n 
1 97  ARG n 
1 98  THR n 
1 99  SER n 
1 100 ARG n 
1 101 LYS n 
1 102 LEU n 
1 103 PHE n 
1 104 ILE n 
1 105 GLU n 
1 106 LYS n 
1 107 LEU n 
1 108 LYS n 
1 109 SER n 
1 110 VAL n 
1 111 GLN n 
1 112 TYR n 
1 113 ASP n 
1 114 LEU n 
1 115 GLN n 
1 116 ASN n 
1 117 ILE n 
1 118 LEU n 
1 119 ASP n 
1 120 GLY n 
1 121 VAL n 
1 122 THR n 
1 123 LYS n 
1 124 GLU n 
1 125 GLY n 
1 126 THR n 
1 127 ASP n 
1 128 GLY n 
# 
_entity_src_gen.entity_id                          1 
_entity_src_gen.pdbx_src_id                        1 
_entity_src_gen.pdbx_alt_source_flag               sample 
_entity_src_gen.pdbx_seq_type                      ? 
_entity_src_gen.pdbx_beg_seq_num                   ? 
_entity_src_gen.pdbx_end_seq_num                   ? 
_entity_src_gen.gene_src_common_name               ? 
_entity_src_gen.gene_src_genus                     Staphylococcus 
_entity_src_gen.pdbx_gene_src_gene                 np_646154.1 
_entity_src_gen.gene_src_species                   'Staphylococcus aureus' 
_entity_src_gen.gene_src_strain                    MW2 
_entity_src_gen.gene_src_tissue                    ? 
_entity_src_gen.gene_src_tissue_fraction           ? 
_entity_src_gen.gene_src_details                   ? 
_entity_src_gen.pdbx_gene_src_fragment             ? 
_entity_src_gen.pdbx_gene_src_scientific_name      'Staphylococcus aureus subsp. aureus' 
_entity_src_gen.pdbx_gene_src_ncbi_taxonomy_id     196620 
_entity_src_gen.pdbx_gene_src_variant              ? 
_entity_src_gen.pdbx_gene_src_cell_line            ? 
_entity_src_gen.pdbx_gene_src_atcc                 ? 
_entity_src_gen.pdbx_gene_src_organ                ? 
_entity_src_gen.pdbx_gene_src_organelle            ? 
_entity_src_gen.pdbx_gene_src_cell                 ? 
_entity_src_gen.pdbx_gene_src_cellular_location    ? 
_entity_src_gen.host_org_common_name               ? 
_entity_src_gen.pdbx_host_org_scientific_name      'Escherichia coli' 
_entity_src_gen.pdbx_host_org_ncbi_taxonomy_id     562 
_entity_src_gen.host_org_genus                     Escherichia 
_entity_src_gen.pdbx_host_org_gene                 ? 
_entity_src_gen.pdbx_host_org_organ                ? 
_entity_src_gen.host_org_species                   ? 
_entity_src_gen.pdbx_host_org_tissue               ? 
_entity_src_gen.pdbx_host_org_tissue_fraction      ? 
_entity_src_gen.pdbx_host_org_strain               ? 
_entity_src_gen.pdbx_host_org_variant              ? 
_entity_src_gen.pdbx_host_org_cell_line            ? 
_entity_src_gen.pdbx_host_org_atcc                 ? 
_entity_src_gen.pdbx_host_org_culture_collection   ? 
_entity_src_gen.pdbx_host_org_cell                 ? 
_entity_src_gen.pdbx_host_org_organelle            ? 
_entity_src_gen.pdbx_host_org_cellular_location    ? 
_entity_src_gen.pdbx_host_org_vector_type          Plasmid 
_entity_src_gen.pdbx_host_org_vector               ? 
_entity_src_gen.host_org_details                   ? 
_entity_src_gen.expression_system_id               ? 
_entity_src_gen.plasmid_name                       ? 
_entity_src_gen.plasmid_details                    ? 
_entity_src_gen.pdbx_description                   ? 
# 
loop_
_chem_comp.id 
_chem_comp.type 
_chem_comp.mon_nstd_flag 
_chem_comp.name 
_chem_comp.pdbx_synonyms 
_chem_comp.formula 
_chem_comp.formula_weight 
ALA 'L-peptide linking' y ALANINE          ? 'C3 H7 N O2'     89.093  
ARG 'L-peptide linking' y ARGININE         ? 'C6 H15 N4 O2 1' 175.209 
ASN 'L-peptide linking' y ASPARAGINE       ? 'C4 H8 N2 O3'    132.118 
ASP 'L-peptide linking' y 'ASPARTIC ACID'  ? 'C4 H7 N O4'     133.103 
CL  non-polymer         . 'CHLORIDE ION'   ? 'Cl -1'          35.453  
CYS 'L-peptide linking' y CYSTEINE         ? 'C3 H7 N O2 S'   121.158 
GLN 'L-peptide linking' y GLUTAMINE        ? 'C5 H10 N2 O3'   146.144 
GLU 'L-peptide linking' y 'GLUTAMIC ACID'  ? 'C5 H9 N O4'     147.129 
GLY 'peptide linking'   y GLYCINE          ? 'C2 H5 N O2'     75.067  
HIS 'L-peptide linking' y HISTIDINE        ? 'C6 H10 N3 O2 1' 156.162 
HOH non-polymer         . WATER            ? 'H2 O'           18.015  
ILE 'L-peptide linking' y ISOLEUCINE       ? 'C6 H13 N O2'    131.173 
LEU 'L-peptide linking' y LEUCINE          ? 'C6 H13 N O2'    131.173 
LYS 'L-peptide linking' y LYSINE           ? 'C6 H15 N2 O2 1' 147.195 
MET 'L-peptide linking' y METHIONINE       ? 'C5 H11 N O2 S'  149.211 
MSE 'L-peptide linking' n SELENOMETHIONINE ? 'C5 H11 N O2 Se' 196.106 
PHE 'L-peptide linking' y PHENYLALANINE    ? 'C9 H11 N O2'    165.189 
PO4 non-polymer         . 'PHOSPHATE ION'  ? 'O4 P -3'        94.971  
PRO 'L-peptide linking' y PROLINE          ? 'C5 H9 N O2'     115.130 
SER 'L-peptide linking' y SERINE           ? 'C3 H7 N O3'     105.093 
THR 'L-peptide linking' y THREONINE        ? 'C4 H9 N O3'     119.119 
TYR 'L-peptide linking' y TYROSINE         ? 'C9 H11 N O3'    181.189 
VAL 'L-peptide linking' y VALINE           ? 'C5 H11 N O2'    117.146 
# 
loop_
_pdbx_poly_seq_scheme.asym_id 
_pdbx_poly_seq_scheme.entity_id 
_pdbx_poly_seq_scheme.seq_id 
_pdbx_poly_seq_scheme.mon_id 
_pdbx_poly_seq_scheme.ndb_seq_num 
_pdbx_poly_seq_scheme.pdb_seq_num 
_pdbx_poly_seq_scheme.auth_seq_num 
_pdbx_poly_seq_scheme.pdb_mon_id 
_pdbx_poly_seq_scheme.auth_mon_id 
_pdbx_poly_seq_scheme.pdb_strand_id 
_pdbx_poly_seq_scheme.pdb_ins_code 
_pdbx_poly_seq_scheme.hetero 
A 1 1   MSE 1   -11 ?   ?   ?   A . n 
A 1 2   GLY 2   -10 ?   ?   ?   A . n 
A 1 3   SER 3   -9  ?   ?   ?   A . n 
A 1 4   ASP 4   -8  ?   ?   ?   A . n 
A 1 5   LYS 5   -7  ?   ?   ?   A . n 
A 1 6   ILE 6   -6  ?   ?   ?   A . n 
A 1 7   HIS 7   -5  ?   ?   ?   A . n 
A 1 8   HIS 8   -4  -4  HIS HIS A . n 
A 1 9   HIS 9   -3  -3  HIS HIS A . n 
A 1 10  HIS 10  -2  -2  HIS HIS A . n 
A 1 11  HIS 11  -1  -1  HIS HIS A . n 
A 1 12  HIS 12  0   0   HIS HIS A . n 
A 1 13  MSE 13  1   1   MSE MSE A . n 
A 1 14  ASN 14  2   2   ASN ASN A . n 
A 1 15  ASP 15  3   3   ASP ASP A . n 
A 1 16  LEU 16  4   4   LEU LEU A . n 
A 1 17  VAL 17  5   5   VAL VAL A . n 
A 1 18  GLU 18  6   6   GLU GLU A . n 
A 1 19  SER 19  7   7   SER SER A . n 
A 1 20  LEU 20  8   8   LEU LEU A . n 
A 1 21  ILE 21  9   9   ILE ILE A . n 
A 1 22  TYR 22  10  10  TYR TYR A . n 
A 1 23  GLU 23  11  11  GLU GLU A . n 
A 1 24  VAL 24  12  12  VAL VAL A . n 
A 1 25  ASN 25  13  13  ASN ASN A . n 
A 1 26  ASN 26  14  14  ASN ASN A . n 
A 1 27  MSE 27  15  15  MSE MSE A . n 
A 1 28  GLN 28  16  16  GLN GLN A . n 
A 1 29  GLN 29  17  17  GLN GLN A . n 
A 1 30  ASN 30  18  18  ASN ASN A . n 
A 1 31  PHE 31  19  19  PHE PHE A . n 
A 1 32  GLU 32  20  20  GLU GLU A . n 
A 1 33  ASN 33  21  21  ASN ASN A . n 
A 1 34  VAL 34  22  22  VAL VAL A . n 
A 1 35  LYS 35  23  23  LYS LYS A . n 
A 1 36  SER 36  24  24  SER SER A . n 
A 1 37  GLN 37  25  25  GLN GLN A . n 
A 1 38  GLN 38  26  26  GLN GLN A . n 
A 1 39  GLN 39  27  27  GLN GLN A . n 
A 1 40  ASP 40  28  28  ASP ASP A . n 
A 1 41  HIS 41  29  29  HIS HIS A . n 
A 1 42  ASP 42  30  30  ASP ASP A . n 
A 1 43  PHE 43  31  31  PHE PHE A . n 
A 1 44  TYR 44  32  32  TYR TYR A . n 
A 1 45  GLN 45  33  33  GLN GLN A . n 
A 1 46  THR 46  34  34  THR THR A . n 
A 1 47  VAL 47  35  35  VAL VAL A . n 
A 1 48  LYS 48  36  36  LYS LYS A . n 
A 1 49  PRO 49  37  37  PRO PRO A . n 
A 1 50  TYR 50  38  38  TYR TYR A . n 
A 1 51  THR 51  39  39  THR THR A . n 
A 1 52  GLU 52  40  40  GLU GLU A . n 
A 1 53  HIS 53  41  41  HIS HIS A . n 
A 1 54  ILE 54  42  42  ILE ILE A . n 
A 1 55  ASP 55  43  43  ASP ASP A . n 
A 1 56  SER 56  44  44  SER SER A . n 
A 1 57  ILE 57  45  45  ILE ILE A . n 
A 1 58  LEU 58  46  46  LEU LEU A . n 
A 1 59  ASN 59  47  47  ASN ASN A . n 
A 1 60  GLU 60  48  48  GLU GLU A . n 
A 1 61  ILE 61  49  49  ILE ILE A . n 
A 1 62  LYS 62  50  50  LYS LYS A . n 
A 1 63  LEU 63  51  51  LEU LEU A . n 
A 1 64  HIS 64  52  52  HIS HIS A . n 
A 1 65  ARG 65  53  53  ARG ARG A . n 
A 1 66  GLU 66  54  54  GLU GLU A . n 
A 1 67  PHE 67  55  55  PHE PHE A . n 
A 1 68  ILE 68  56  56  ILE ILE A . n 
A 1 69  ILE 69  57  57  ILE ILE A . n 
A 1 70  GLU 70  58  58  GLU GLU A . n 
A 1 71  VAL 71  59  59  VAL VAL A . n 
A 1 72  PRO 72  60  60  PRO PRO A . n 
A 1 73  TYR 73  61  61  TYR TYR A . n 
A 1 74  MSE 74  62  62  MSE MSE A . n 
A 1 75  ASN 75  63  63  ASN ASN A . n 
A 1 76  SER 76  64  64  SER SER A . n 
A 1 77  ARG 77  65  65  ARG ARG A . n 
A 1 78  LYS 78  66  66  LYS LYS A . n 
A 1 79  PHE 79  67  67  PHE PHE A . n 
A 1 80  GLU 80  68  68  GLU GLU A . n 
A 1 81  LEU 81  69  69  LEU LEU A . n 
A 1 82  LEU 82  70  70  LEU LEU A . n 
A 1 83  ILE 83  71  71  ILE ILE A . n 
A 1 84  ALA 84  72  72  ALA ALA A . n 
A 1 85  ASN 85  73  73  ASN ASN A . n 
A 1 86  ILE 86  74  74  ILE ILE A . n 
A 1 87  GLU 87  75  75  GLU GLU A . n 
A 1 88  GLN 88  76  76  GLN GLN A . n 
A 1 89  LEU 89  77  77  LEU LEU A . n 
A 1 90  SER 90  78  78  SER SER A . n 
A 1 91  VAL 91  79  79  VAL VAL A . n 
A 1 92  GLU 92  80  80  GLU GLU A . n 
A 1 93  CYS 93  81  81  CYS CYS A . n 
A 1 94  HIS 94  82  82  HIS HIS A . n 
A 1 95  PHE 95  83  83  PHE PHE A . n 
A 1 96  LYS 96  84  84  LYS LYS A . n 
A 1 97  ARG 97  85  85  ARG ARG A . n 
A 1 98  THR 98  86  86  THR THR A . n 
A 1 99  SER 99  87  87  SER SER A . n 
A 1 100 ARG 100 88  88  ARG ARG A . n 
A 1 101 LYS 101 89  89  LYS LYS A . n 
A 1 102 LEU 102 90  90  LEU LEU A . n 
A 1 103 PHE 103 91  91  PHE PHE A . n 
A 1 104 ILE 104 92  92  ILE ILE A . n 
A 1 105 GLU 105 93  93  GLU GLU A . n 
A 1 106 LYS 106 94  94  LYS LYS A . n 
A 1 107 LEU 107 95  95  LEU LEU A . n 
A 1 108 LYS 108 96  96  LYS LYS A . n 
A 1 109 SER 109 97  97  SER SER A . n 
A 1 110 VAL 110 98  98  VAL VAL A . n 
A 1 111 GLN 111 99  99  GLN GLN A . n 
A 1 112 TYR 112 100 100 TYR TYR A . n 
A 1 113 ASP 113 101 101 ASP ASP A . n 
A 1 114 LEU 114 102 102 LEU LEU A . n 
A 1 115 GLN 115 103 103 GLN GLN A . n 
A 1 116 ASN 116 104 104 ASN ASN A . n 
A 1 117 ILE 117 105 105 ILE ILE A . n 
A 1 118 LEU 118 106 106 LEU LEU A . n 
A 1 119 ASP 119 107 107 ASP ASP A . n 
A 1 120 GLY 120 108 108 GLY GLY A . n 
A 1 121 VAL 121 109 109 VAL VAL A . n 
A 1 122 THR 122 110 110 THR THR A . n 
A 1 123 LYS 123 111 ?   ?   ?   A . n 
A 1 124 GLU 124 112 ?   ?   ?   A . n 
A 1 125 GLY 125 113 ?   ?   ?   A . n 
A 1 126 THR 126 114 ?   ?   ?   A . n 
A 1 127 ASP 127 115 ?   ?   ?   A . n 
A 1 128 GLY 128 116 ?   ?   ?   A . n 
# 
loop_
_pdbx_nonpoly_scheme.asym_id 
_pdbx_nonpoly_scheme.entity_id 
_pdbx_nonpoly_scheme.mon_id 
_pdbx_nonpoly_scheme.ndb_seq_num 
_pdbx_nonpoly_scheme.pdb_seq_num 
_pdbx_nonpoly_scheme.auth_seq_num 
_pdbx_nonpoly_scheme.pdb_mon_id 
_pdbx_nonpoly_scheme.auth_mon_id 
_pdbx_nonpoly_scheme.pdb_strand_id 
_pdbx_nonpoly_scheme.pdb_ins_code 
B 2 PO4 1  117 1  PO4 PO4 A . 
C 3 CL  1  118 2  CL  CL  A . 
D 3 CL  1  119 3  CL  CL  A . 
E 3 CL  1  120 4  CL  CL  A . 
F 4 HOH 1  121 5  HOH HOH A . 
F 4 HOH 2  122 6  HOH HOH A . 
F 4 HOH 3  123 7  HOH HOH A . 
F 4 HOH 4  124 8  HOH HOH A . 
F 4 HOH 5  125 9  HOH HOH A . 
F 4 HOH 6  126 10 HOH HOH A . 
F 4 HOH 7  127 11 HOH HOH A . 
F 4 HOH 8  128 12 HOH HOH A . 
F 4 HOH 9  129 13 HOH HOH A . 
F 4 HOH 10 130 14 HOH HOH A . 
F 4 HOH 11 131 15 HOH HOH A . 
F 4 HOH 12 132 16 HOH HOH A . 
F 4 HOH 13 133 17 HOH HOH A . 
F 4 HOH 14 134 18 HOH HOH A . 
F 4 HOH 15 135 19 HOH HOH A . 
F 4 HOH 16 136 20 HOH HOH A . 
F 4 HOH 17 137 21 HOH HOH A . 
F 4 HOH 18 138 22 HOH HOH A . 
F 4 HOH 19 139 23 HOH HOH A . 
F 4 HOH 20 140 24 HOH HOH A . 
F 4 HOH 21 141 25 HOH HOH A . 
F 4 HOH 22 142 26 HOH HOH A . 
F 4 HOH 23 143 27 HOH HOH A . 
F 4 HOH 24 144 28 HOH HOH A . 
F 4 HOH 25 145 29 HOH HOH A . 
F 4 HOH 26 146 30 HOH HOH A . 
F 4 HOH 27 147 31 HOH HOH A . 
F 4 HOH 28 148 32 HOH HOH A . 
F 4 HOH 29 149 33 HOH HOH A . 
F 4 HOH 30 150 34 HOH HOH A . 
F 4 HOH 31 151 35 HOH HOH A . 
F 4 HOH 32 152 36 HOH HOH A . 
F 4 HOH 33 153 37 HOH HOH A . 
F 4 HOH 34 154 38 HOH HOH A . 
F 4 HOH 35 155 39 HOH HOH A . 
F 4 HOH 36 156 40 HOH HOH A . 
F 4 HOH 37 157 41 HOH HOH A . 
F 4 HOH 38 158 42 HOH HOH A . 
F 4 HOH 39 159 43 HOH HOH A . 
F 4 HOH 40 160 44 HOH HOH A . 
F 4 HOH 41 161 45 HOH HOH A . 
F 4 HOH 42 162 46 HOH HOH A . 
F 4 HOH 43 163 47 HOH HOH A . 
F 4 HOH 44 164 48 HOH HOH A . 
F 4 HOH 45 165 49 HOH HOH A . 
F 4 HOH 46 166 50 HOH HOH A . 
F 4 HOH 47 167 51 HOH HOH A . 
F 4 HOH 48 168 52 HOH HOH A . 
F 4 HOH 49 169 53 HOH HOH A . 
F 4 HOH 50 170 54 HOH HOH A . 
F 4 HOH 51 171 55 HOH HOH A . 
F 4 HOH 52 172 56 HOH HOH A . 
F 4 HOH 53 173 57 HOH HOH A . 
F 4 HOH 54 174 58 HOH HOH A . 
F 4 HOH 55 175 59 HOH HOH A . 
# 
loop_
_pdbx_unobs_or_zero_occ_atoms.id 
_pdbx_unobs_or_zero_occ_atoms.PDB_model_num 
_pdbx_unobs_or_zero_occ_atoms.polymer_flag 
_pdbx_unobs_or_zero_occ_atoms.occupancy_flag 
_pdbx_unobs_or_zero_occ_atoms.auth_asym_id 
_pdbx_unobs_or_zero_occ_atoms.auth_comp_id 
_pdbx_unobs_or_zero_occ_atoms.auth_seq_id 
_pdbx_unobs_or_zero_occ_atoms.PDB_ins_code 
_pdbx_unobs_or_zero_occ_atoms.auth_atom_id 
_pdbx_unobs_or_zero_occ_atoms.label_alt_id 
_pdbx_unobs_or_zero_occ_atoms.label_asym_id 
_pdbx_unobs_or_zero_occ_atoms.label_comp_id 
_pdbx_unobs_or_zero_occ_atoms.label_seq_id 
_pdbx_unobs_or_zero_occ_atoms.label_atom_id 
1  1 Y 1 A HIS -4 ? CG  ? A HIS 8  CG  
2  1 Y 1 A HIS -4 ? ND1 ? A HIS 8  ND1 
3  1 Y 1 A HIS -4 ? CD2 ? A HIS 8  CD2 
4  1 Y 1 A HIS -4 ? CE1 ? A HIS 8  CE1 
5  1 Y 1 A HIS -4 ? NE2 ? A HIS 8  NE2 
6  1 Y 1 A HIS -3 ? CB  ? A HIS 9  CB  
7  1 Y 1 A HIS -3 ? CG  ? A HIS 9  CG  
8  1 Y 1 A HIS -3 ? ND1 ? A HIS 9  ND1 
9  1 Y 1 A HIS -3 ? CD2 ? A HIS 9  CD2 
10 1 Y 1 A HIS -3 ? CE1 ? A HIS 9  CE1 
11 1 Y 1 A HIS -3 ? NE2 ? A HIS 9  NE2 
12 1 Y 1 A HIS -2 ? CB  ? A HIS 10 CB  
13 1 Y 1 A HIS -2 ? CG  ? A HIS 10 CG  
14 1 Y 1 A HIS -2 ? ND1 ? A HIS 10 ND1 
15 1 Y 1 A HIS -2 ? CD2 ? A HIS 10 CD2 
16 1 Y 1 A HIS -2 ? CE1 ? A HIS 10 CE1 
17 1 Y 1 A HIS -2 ? NE2 ? A HIS 10 NE2 
18 1 Y 1 A SER 44 ? OG  ? A SER 56 OG  
19 1 Y 1 A GLU 48 ? CD  ? A GLU 60 CD  
20 1 Y 1 A GLU 48 ? OE1 ? A GLU 60 OE1 
21 1 Y 1 A GLU 48 ? OE2 ? A GLU 60 OE2 
22 1 Y 1 A GLU 54 ? CD  ? A GLU 66 CD  
23 1 Y 1 A GLU 54 ? OE1 ? A GLU 66 OE1 
24 1 Y 1 A GLU 54 ? OE2 ? A GLU 66 OE2 
25 1 Y 1 A ARG 85 ? CG  ? A ARG 97 CG  
26 1 Y 1 A ARG 85 ? CD  ? A ARG 97 CD  
27 1 Y 1 A ARG 85 ? NE  ? A ARG 97 NE  
28 1 Y 1 A ARG 85 ? CZ  ? A ARG 97 CZ  
29 1 Y 1 A ARG 85 ? NH1 ? A ARG 97 NH1 
30 1 Y 1 A ARG 85 ? NH2 ? A ARG 97 NH2 
# 
loop_
_software.name 
_software.version 
_software.date 
_software.type 
_software.contact_author 
_software.contact_author_email 
_software.classification 
_software.location 
_software.language 
_software.citation_id 
_software.pdbx_ordinal 
REFMAC      5.2.0005  ?               ?       'Murshudov, G.N.' ccp4@dl.ac.uk            refinement        
http://www.ccp4.ac.uk/main.html            Fortran ? 1 
SCALA       .         ?               ?       'Phil Evans'      pre@mrc-lmb.cam.ac.uk    'data scaling'    
http://www.ccp4.ac.uk/dist/html/INDEX.html Fortran ? 2 
PDB_EXTRACT 1.601     'Jan. 30, 2005' package PDB               sw-help@rcsb.rutgers.edu 'data extraction' 
http://pdb.rutgers.edu/software/           C++     ? 3 
MOSFLM      .         ?               ?       ?                 ?                        'data reduction'  ? ?       ? 4 
CCP4        '(SCALA)' ?               ?       ?                 ?                        'data scaling'    ? ?       ? 5 
SHELXD      .         ?               ?       ?                 ?                        phasing           ? ?       ? 6 
autoSHARP   .         ?               ?       ?                 ?                        phasing           ? ?       ? 7 
# 
_cell.length_a           93.473 
_cell.length_b           93.473 
_cell.length_c           101.164 
_cell.angle_alpha        90.000 
_cell.angle_beta         90.000 
_cell.angle_gamma        120.000 
_cell.entry_id           2ETS 
_cell.pdbx_unique_axis   ? 
_cell.Z_PDB              18 
# 
_symmetry.Int_Tables_number                155 
_symmetry.space_group_name_H-M             'H 3 2' 
_symmetry.entry_id                         2ETS 
_symmetry.pdbx_full_space_group_name_H-M   ? 
_symmetry.cell_setting                     ? 
_symmetry.space_group_name_Hall            ? 
# 
_exptl.crystals_number   1 
_exptl.method            'X-RAY DIFFRACTION' 
_exptl.entry_id          2ETS 
# 
_exptl_crystal.id                    1 
_exptl_crystal.density_percent_sol   58.50 
_exptl_crystal.density_Matthews      2.99 
_exptl_crystal.description           ? 
_exptl_crystal.density_meas          ? 
_exptl_crystal.F_000                 ? 
_exptl_crystal.preparation           ? 
# 
_exptl_crystal_grow.crystal_id      1 
_exptl_crystal_grow.method          'VAPOR DIFFUSION, SITTING DROP, NANODROP' 
_exptl_crystal_grow.pH              7.0 
_exptl_crystal_grow.temp            277 
_exptl_crystal_grow.pdbx_details    
'0.2M MgCl2, 2.5M NaCl, 0.1M Tris, pH 7.0, VAPOR DIFFUSION, SITTING DROP, NANODROP, temperature 277K' 
_exptl_crystal_grow.temp_details    ? 
_exptl_crystal_grow.pdbx_pH_range   . 
# 
_diffrn.id                     1 
_diffrn.ambient_temp           100 
_diffrn.ambient_temp_details   ? 
_diffrn.crystal_id             1 
# 
_diffrn_detector.diffrn_id              1 
_diffrn_detector.detector               CCD 
_diffrn_detector.type                   'MARMOSAIC 300 mm CCD' 
_diffrn_detector.details                'Adjustable focusing mirrors. K-B geometry' 
_diffrn_detector.pdbx_collection_date   2005-08-03 
# 
_diffrn_radiation.diffrn_id                        1 
_diffrn_radiation.wavelength_id                    1 
_diffrn_radiation.pdbx_diffrn_protocol             'SINGLE WAVELENGTH' 
_diffrn_radiation.monochromator                    'DOUBLE CRYSTAL SI (111)' 
_diffrn_radiation.pdbx_monochromatic_or_laue_m_l   M 
_diffrn_radiation.pdbx_scattering_type             x-ray 
# 
_diffrn_radiation_wavelength.id           1 
_diffrn_radiation_wavelength.wavelength   0.97942 
_diffrn_radiation_wavelength.wt           1.0 
# 
_diffrn_source.diffrn_id                   1 
_diffrn_source.source                      SYNCHROTRON 
_diffrn_source.pdbx_synchrotron_beamline   23-ID-D 
_diffrn_source.type                        'APS BEAMLINE 23-ID-D' 
_diffrn_source.pdbx_wavelength             ? 
_diffrn_source.pdbx_wavelength_list        0.97942 
_diffrn_source.pdbx_synchrotron_site       APS 
# 
_reflns.entry_id                     2ETS 
_reflns.d_resolution_low             29.29 
_reflns.d_resolution_high            2.25 
_reflns.number_obs                   8245 
_reflns.percent_possible_obs         100.000 
_reflns.pdbx_Rmerge_I_obs            0.13 
_reflns.pdbx_chi_squared             ? 
_reflns.pdbx_redundancy              14.900 
_reflns.pdbx_scaling_rejects         ? 
_reflns.pdbx_netI_over_sigmaI        3.900 
_reflns.pdbx_Rsym_value              0.13 
_reflns.observed_criterion_sigma_F   ? 
_reflns.observed_criterion_sigma_I   ? 
_reflns.number_all                   ? 
_reflns.B_iso_Wilson_estimate        ? 
_reflns.R_free_details               ? 
_reflns.limit_h_max                  ? 
_reflns.limit_h_min                  ? 
_reflns.limit_k_max                  ? 
_reflns.limit_k_min                  ? 
_reflns.limit_l_max                  ? 
_reflns.limit_l_min                  ? 
_reflns.observed_criterion_F_max     ? 
_reflns.observed_criterion_F_min     ? 
_reflns.pdbx_ordinal                 1 
_reflns.pdbx_diffrn_id               1 
# 
loop_
_reflns_shell.d_res_low 
_reflns_shell.d_res_high 
_reflns_shell.number_measured_obs 
_reflns_shell.percent_possible_obs 
_reflns_shell.Rmerge_I_obs 
_reflns_shell.pdbx_chi_squared 
_reflns_shell.pdbx_redundancy 
_reflns_shell.number_unique_obs 
_reflns_shell.meanI_over_sigI_obs 
_reflns_shell.pdbx_Rsym_value 
_reflns_shell.percent_possible_all 
_reflns_shell.number_unique_all 
_reflns_shell.number_measured_all 
_reflns_shell.pdbx_ordinal 
_reflns_shell.pdbx_diffrn_id 
2.31  2.25  596 100.000 0.976 ? 15.300 ? 0.700 0.976 ? ? ? 1  1 
2.37  2.31  589 100.000 0.756 ? 15.200 ? 1.000 0.756 ? ? ? 2  1 
2.44  2.37  578 100.000 0.57  ? 15.300 ? 1.300 0.57  ? ? ? 3  1 
2.52  2.44  546 100.000 0.507 ? 15.300 ? 1.500 0.507 ? ? ? 4  1 
2.60  2.52  544 100.000 0.407 ? 15.200 ? 1.800 0.407 ? ? ? 5  1 
2.69  2.60  518 100.000 0.359 ? 15.200 ? 1.000 0.359 ? ? ? 6  1 
2.79  2.69  497 100.000 0.293 ? 15.300 ? 2.500 0.293 ? ? ? 7  1 
2.90  2.79  501 100.000 0.224 ? 15.100 ? 3.200 0.224 ? ? ? 8  1 
3.03  2.90  455 100.000 0.188 ? 15.300 ? 3.800 0.188 ? ? ? 9  1 
3.18  3.03  454 100.000 0.154 ? 15.200 ? 4.600 0.154 ? ? ? 10 1 
3.35  3.18  421 100.000 0.128 ? 15.000 ? 5.200 0.128 ? ? ? 11 1 
3.56  3.35  395 100.000 0.107 ? 14.900 ? 6.100 0.107 ? ? ? 12 1 
3.80  3.56  377 100.000 0.099 ? 14.900 ? 6.300 0.099 ? ? ? 13 1 
4.11  3.80  359 100.000 0.096 ? 14.600 ? 6.800 0.096 ? ? ? 14 1 
4.50  4.11  332 100.000 0.084 ? 14.300 ? 7.400 0.084 ? ? ? 15 1 
5.03  4.50  297 100.000 0.081 ? 14.400 ? 7.500 0.081 ? ? ? 16 1 
5.81  5.03  274 100.000 0.089 ? 14.400 ? 6.500 0.089 ? ? ? 17 1 
7.12  5.81  227 100.000 0.094 ? 14.000 ? 6.800 0.094 ? ? ? 18 1 
10.06 7.12  178 100.000 0.079 ? 13.500 ? 7.200 0.079 ? ? ? 19 1 
29.29 10.06 107 96.900  0.079 ? 11.700 ? 7.000 0.079 ? ? ? 20 1 
# 
_refine.ls_d_res_high                            2.250 
_refine.ls_d_res_low                             29.29 
_refine.ls_percent_reflns_obs                    99.920 
_refine.ls_number_reflns_obs                     7863 
_refine.pdbx_ls_cross_valid_method               THROUGHOUT 
_refine.pdbx_R_Free_selection_details            RANDOM 
_refine.ls_R_factor_all                          0.177 
_refine.ls_R_factor_R_work                       0.175 
_refine.ls_R_factor_R_free                       0.217 
_refine.ls_percent_reflns_R_free                 4.600 
_refine.ls_number_reflns_R_free                  382 
_refine.B_iso_mean                               49.769 
_refine.aniso_B[1][1]                            -1.340 
_refine.aniso_B[2][2]                            -1.340 
_refine.aniso_B[3][3]                            2.010 
_refine.aniso_B[1][2]                            -0.670 
_refine.aniso_B[1][3]                            0.000 
_refine.aniso_B[2][3]                            0.000 
_refine.correlation_coeff_Fo_to_Fc               0.962 
_refine.correlation_coeff_Fo_to_Fc_free          0.944 
_refine.pdbx_overall_ESU_R                       0.207 
_refine.pdbx_overall_ESU_R_Free                  0.179 
_refine.overall_SU_ML                            0.138 
_refine.overall_SU_B                             10.573 
_refine.solvent_model_details                    'BABINET MODEL WITH MASK' 
_refine.pdbx_solvent_vdw_probe_radii             1.200 
_refine.pdbx_solvent_ion_probe_radii             0.800 
_refine.pdbx_solvent_shrinkage_radii             0.800 
_refine.pdbx_stereochemistry_target_values       'MAXIMUM LIKELIHOOD WITH PHASES' 
_refine.pdbx_method_to_determine_struct          SAD 
_refine.entry_id                                 2ETS 
_refine.pdbx_ls_sigma_F                          ? 
_refine.pdbx_ls_sigma_I                          ? 
_refine.ls_number_reflns_all                     ? 
_refine.ls_R_factor_obs                          ? 
_refine.ls_redundancy_reflns_obs                 ? 
_refine.pdbx_data_cutoff_high_absF               ? 
_refine.pdbx_data_cutoff_low_absF                ? 
_refine.ls_number_parameters                     ? 
_refine.ls_number_restraints                     ? 
_refine.ls_R_factor_R_free_error                 ? 
_refine.ls_R_factor_R_free_error_details         ? 
_refine.pdbx_starting_model                      ? 
_refine.pdbx_stereochem_target_val_spec_case     ? 
_refine.solvent_model_param_bsol                 ? 
_refine.solvent_model_param_ksol                 ? 
_refine.occupancy_max                            ? 
_refine.occupancy_min                            ? 
_refine.pdbx_isotropic_thermal_model             ? 
_refine.details                                  
;1). HYDROGENS HAVE BEEN ADDED IN THE RIDING POSITIONS. 2). POOR DEFINED DENSITY A -4 TO A -1. 3). A MET-INHIBITION PROTOCOL WAS USED FOR SELENOMETHIONINE INCORPORATION DURING PROTEIN EXPRESSION. THE OCCUPANCY OF THE SE ATOMS IN THE MSE RESIDUES WAS REDUCED TO 0.7 TO ACCOUNT FOR THE REDUCED SCATTERING POWER DUE TO PARTIAL S-MET INCORPORATION. 4). THE ARG 85 SIDE CHAIN IS LOCATED ON THE 2-FOLD AXIS AND IS DISORDERED. ARG 85 WITHOUT SIDE CHAIN BEYOND BETA CARBON IS MODELED. 5). THE CHLORIDE AND PHOSPHATE IONS ARE TENATIVELY MODELLED ACCORDING ELECTRON DENSITY.
;
_refine.B_iso_min                                ? 
_refine.B_iso_max                                ? 
_refine.overall_SU_R_Cruickshank_DPI             ? 
_refine.overall_SU_R_free                        ? 
_refine.pdbx_data_cutoff_high_rms_absF           ? 
_refine.ls_wR_factor_R_free                      ? 
_refine.ls_wR_factor_R_work                      ? 
_refine.overall_FOM_free_R_set                   ? 
_refine.overall_FOM_work_R_set                   ? 
_refine.pdbx_refine_id                           'X-RAY DIFFRACTION' 
_refine.pdbx_TLS_residual_ADP_flag               'LIKELY RESIDUAL' 
_refine.pdbx_diffrn_id                           1 
_refine.pdbx_overall_phase_error                 ? 
_refine.pdbx_overall_SU_R_free_Cruickshank_DPI   ? 
_refine.pdbx_overall_SU_R_Blow_DPI               ? 
_refine.pdbx_overall_SU_R_free_Blow_DPI          ? 
# 
_refine_hist.pdbx_refine_id                   'X-RAY DIFFRACTION' 
_refine_hist.cycle_id                         LAST 
_refine_hist.pdbx_number_atoms_protein        949 
_refine_hist.pdbx_number_atoms_nucleic_acid   0 
_refine_hist.pdbx_number_atoms_ligand         8 
_refine_hist.number_atoms_solvent             55 
_refine_hist.number_atoms_total               1012 
_refine_hist.d_res_high                       2.250 
_refine_hist.d_res_low                        29.29 
# 
loop_
_refine_ls_restr.type 
_refine_ls_restr.number 
_refine_ls_restr.dev_ideal 
_refine_ls_restr.dev_ideal_target 
_refine_ls_restr.weight 
_refine_ls_restr.pdbx_refine_id 
_refine_ls_restr.pdbx_restraint_function 
r_bond_refined_d         977  0.015  0.022  ? 'X-RAY DIFFRACTION' ? 
r_bond_other_d           854  0.001  0.020  ? 'X-RAY DIFFRACTION' ? 
r_angle_refined_deg      1320 1.357  1.940  ? 'X-RAY DIFFRACTION' ? 
r_angle_other_deg        1997 0.804  3.000  ? 'X-RAY DIFFRACTION' ? 
r_dihedral_angle_1_deg   116  6.070  5.000  ? 'X-RAY DIFFRACTION' ? 
r_dihedral_angle_2_deg   54   36.348 25.741 ? 'X-RAY DIFFRACTION' ? 
r_dihedral_angle_3_deg   182  16.083 15.000 ? 'X-RAY DIFFRACTION' ? 
r_dihedral_angle_4_deg   3    9.441  15.000 ? 'X-RAY DIFFRACTION' ? 
r_chiral_restr           146  0.069  0.200  ? 'X-RAY DIFFRACTION' ? 
r_gen_planes_refined     1076 0.005  0.020  ? 'X-RAY DIFFRACTION' ? 
r_gen_planes_other       187  0.001  0.020  ? 'X-RAY DIFFRACTION' ? 
r_nbd_refined            249  0.229  0.200  ? 'X-RAY DIFFRACTION' ? 
r_nbd_other              834  0.174  0.200  ? 'X-RAY DIFFRACTION' ? 
r_nbtor_refined          479  0.190  0.200  ? 'X-RAY DIFFRACTION' ? 
r_nbtor_other            491  0.088  0.200  ? 'X-RAY DIFFRACTION' ? 
r_xyhbond_nbd_refined    39   0.181  0.200  ? 'X-RAY DIFFRACTION' ? 
r_symmetry_vdw_refined   5    0.205  0.200  ? 'X-RAY DIFFRACTION' ? 
r_symmetry_vdw_other     21   0.245  0.200  ? 'X-RAY DIFFRACTION' ? 
r_symmetry_hbond_refined 5    0.274  0.200  ? 'X-RAY DIFFRACTION' ? 
r_mcbond_it              632  2.202  3.000  ? 'X-RAY DIFFRACTION' ? 
r_mcbond_other           232  0.530  3.000  ? 'X-RAY DIFFRACTION' ? 
r_mcangle_it             938  3.196  5.000  ? 'X-RAY DIFFRACTION' ? 
r_scbond_it              431  6.736  8.000  ? 'X-RAY DIFFRACTION' ? 
r_scangle_it             381  8.205  11.000 ? 'X-RAY DIFFRACTION' ? 
# 
_refine_ls_shell.d_res_high                       2.251 
_refine_ls_shell.d_res_low                        2.310 
_refine_ls_shell.pdbx_total_number_of_bins_used   20 
_refine_ls_shell.percent_reflns_obs               99.830 
_refine_ls_shell.number_reflns_R_work             566 
_refine_ls_shell.R_factor_R_work                  0.208 
_refine_ls_shell.R_factor_R_free                  0.215 
_refine_ls_shell.percent_reflns_R_free            ? 
_refine_ls_shell.number_reflns_R_free             31 
_refine_ls_shell.R_factor_R_free_error            ? 
_refine_ls_shell.number_reflns_obs                ? 
_refine_ls_shell.redundancy_reflns_obs            ? 
_refine_ls_shell.number_reflns_all                ? 
_refine_ls_shell.R_factor_all                     ? 
_refine_ls_shell.pdbx_refine_id                   'X-RAY DIFFRACTION' 
# 
_struct.entry_id                  2ETS 
_struct.title                     
;CRYSTAL STRUCTURE OF A BACTERIAL DOMAIN OF UNKNOWN FUNCTION FROM DUF1798 FAMILY (MW1337) FROM STAPHYLOCOCCUS AUREUS SUBSP. AUREUS AT 2.25 A RESOLUTION
;
_struct.pdbx_model_details        ? 
_struct.pdbx_CASP_flag            ? 
_struct.pdbx_model_type_details   ? 
# 
_struct_keywords.entry_id        2ETS 
_struct_keywords.pdbx_keywords   'UNKNOWN FUNCTION' 
_struct_keywords.text            
'STRUCTURAL GENOMICS, JOINT CENTER FOR STRUCTURAL GENOMICS, JCSG, PROTEIN STRUCTURE INITIATIVE, PSI-2, UNKNOWN FUNCTION' 
# 
loop_
_struct_asym.id 
_struct_asym.pdbx_blank_PDB_chainid_flag 
_struct_asym.pdbx_modified 
_struct_asym.entity_id 
_struct_asym.details 
A N N 1 ? 
B N N 2 ? 
C N N 3 ? 
D N N 3 ? 
E N N 3 ? 
F N N 4 ? 
# 
_struct_ref.id                         1 
_struct_ref.db_name                    UNP 
_struct_ref.db_code                    Q8NWP7_STAAW 
_struct_ref.pdbx_db_accession          Q8NWP7 
_struct_ref.entity_id                  1 
_struct_ref.pdbx_seq_one_letter_code   
;MNDLVESLIYEVNNMQQNFENVKSQQQDHDFYQTVKPYTEHIDSMLNEIKLHREFIIEVPYMNSRKFELLIANIEQLSVE
CHFKRTSRKLFIEKLKSVQYDLQNILDGVTKEGTDG
;
_struct_ref.pdbx_align_begin           1 
_struct_ref.pdbx_db_isoform            ? 
# 
_struct_ref_seq.align_id                      1 
_struct_ref_seq.ref_id                        1 
_struct_ref_seq.pdbx_PDB_id_code              2ETS 
_struct_ref_seq.pdbx_strand_id                A 
_struct_ref_seq.seq_align_beg                 13 
_struct_ref_seq.pdbx_seq_align_beg_ins_code   ? 
_struct_ref_seq.seq_align_end                 128 
_struct_ref_seq.pdbx_seq_align_end_ins_code   ? 
_struct_ref_seq.pdbx_db_accession             Q8NWP7 
_struct_ref_seq.db_align_beg                  1 
_struct_ref_seq.pdbx_db_align_beg_ins_code    ? 
_struct_ref_seq.db_align_end                  116 
_struct_ref_seq.pdbx_db_align_end_ins_code    ? 
_struct_ref_seq.pdbx_auth_seq_align_beg       1 
_struct_ref_seq.pdbx_auth_seq_align_end       116 
# 
loop_
_struct_ref_seq_dif.align_id 
_struct_ref_seq_dif.pdbx_pdb_id_code 
_struct_ref_seq_dif.mon_id 
_struct_ref_seq_dif.pdbx_pdb_strand_id 
_struct_ref_seq_dif.seq_num 
_struct_ref_seq_dif.pdbx_pdb_ins_code 
_struct_ref_seq_dif.pdbx_seq_db_name 
_struct_ref_seq_dif.pdbx_seq_db_accession_code 
_struct_ref_seq_dif.db_mon_id 
_struct_ref_seq_dif.pdbx_seq_db_seq_num 
_struct_ref_seq_dif.details 
_struct_ref_seq_dif.pdbx_auth_seq_num 
_struct_ref_seq_dif.pdbx_ordinal 
1 2ETS MSE A 1  ? UNP Q8NWP7 ?   ?  'expression tag'   -11 1  
1 2ETS GLY A 2  ? UNP Q8NWP7 ?   ?  'expression tag'   -10 2  
1 2ETS SER A 3  ? UNP Q8NWP7 ?   ?  'expression tag'   -9  3  
1 2ETS ASP A 4  ? UNP Q8NWP7 ?   ?  'expression tag'   -8  4  
1 2ETS LYS A 5  ? UNP Q8NWP7 ?   ?  'expression tag'   -7  5  
1 2ETS ILE A 6  ? UNP Q8NWP7 ?   ?  'expression tag'   -6  6  
1 2ETS HIS A 7  ? UNP Q8NWP7 ?   ?  'expression tag'   -5  7  
1 2ETS HIS A 8  ? UNP Q8NWP7 ?   ?  'expression tag'   -4  8  
1 2ETS HIS A 9  ? UNP Q8NWP7 ?   ?  'expression tag'   -3  9  
1 2ETS HIS A 10 ? UNP Q8NWP7 ?   ?  'expression tag'   -2  10 
1 2ETS HIS A 11 ? UNP Q8NWP7 ?   ?  'expression tag'   -1  11 
1 2ETS HIS A 12 ? UNP Q8NWP7 ?   ?  'expression tag'   0   12 
1 2ETS MSE A 13 ? UNP Q8NWP7 MET 1  'modified residue' 1   13 
1 2ETS MSE A 27 ? UNP Q8NWP7 MET 15 'modified residue' 15  14 
1 2ETS ILE A 57 ? UNP Q8NWP7 MET 45 'SEE REMARK 999'   45  15 
1 2ETS MSE A 74 ? UNP Q8NWP7 MET 62 'modified residue' 62  16 
# 
loop_
_pdbx_struct_assembly.id 
_pdbx_struct_assembly.details 
_pdbx_struct_assembly.method_details 
_pdbx_struct_assembly.oligomeric_details 
_pdbx_struct_assembly.oligomeric_count 
1 author_defined_assembly   ?        monomeric 1 
2 software_defined_assembly PISA,PQS hexameric 6 
# 
loop_
_pdbx_struct_assembly_prop.biol_id 
_pdbx_struct_assembly_prop.type 
_pdbx_struct_assembly_prop.value 
_pdbx_struct_assembly_prop.details 
2 'ABSA (A^2)' 12500 ? 
2 MORE         -295  ? 
2 'SSA (A^2)'  29670 ? 
# 
loop_
_pdbx_struct_assembly_gen.assembly_id 
_pdbx_struct_assembly_gen.oper_expression 
_pdbx_struct_assembly_gen.asym_id_list 
1 1           A,B,C,D,E,F 
2 1,2,3,4,5,6 A,B,C,D,E,F 
# 
loop_
_pdbx_struct_assembly_auth_evidence.id 
_pdbx_struct_assembly_auth_evidence.assembly_id 
_pdbx_struct_assembly_auth_evidence.experimental_support 
_pdbx_struct_assembly_auth_evidence.details 
1 1 'gel filtration'   ? 
2 1 'light scattering' ? 
# 
loop_
_pdbx_struct_oper_list.id 
_pdbx_struct_oper_list.type 
_pdbx_struct_oper_list.name 
_pdbx_struct_oper_list.symmetry_operation 
_pdbx_struct_oper_list.matrix[1][1] 
_pdbx_struct_oper_list.matrix[1][2] 
_pdbx_struct_oper_list.matrix[1][3] 
_pdbx_struct_oper_list.vector[1] 
_pdbx_struct_oper_list.matrix[2][1] 
_pdbx_struct_oper_list.matrix[2][2] 
_pdbx_struct_oper_list.matrix[2][3] 
_pdbx_struct_oper_list.vector[2] 
_pdbx_struct_oper_list.matrix[3][1] 
_pdbx_struct_oper_list.matrix[3][2] 
_pdbx_struct_oper_list.matrix[3][3] 
_pdbx_struct_oper_list.vector[3] 
1 'identity operation'         1_555  x,y,z                  1.0000000000  0.0000000000  0.0000000000  0.0000000000   0.0000000000  1.0000000000  0.0000000000  0.0000000000  0.0000000000  0.0000000000  1.0000000000  0.0000000000   
2 'crystal symmetry operation' 2_665  -y+1,x-y+1,z           -0.1210899056 -0.9664233956 -0.2266341882 3.2176935234   0.3576198308  -0.2554553270 0.8982486474  31.6814678172 -0.9259834185 0.0277199638  0.3765452326  -14.6183411845 
3 'crystal symmetry operation' 3_565  -x+y,-x+1,z            -0.1210899056 0.3576198308  -0.9259834185 -24.4766324972 -0.9664233956 -0.2554553270 0.0277199638  11.6080739112 -0.2266341882 0.8982486474  0.3765452326  -22.2241295717 
4 'crystal symmetry operation' 10_455 y-1/3,x+1/3,-z+1/3     0.4776461680  0.2384400338  0.8455770151  14.0080192497  0.2384400338  -0.9615241788 0.1364463404  23.0209564897 0.8455770151  0.1364463404  -0.5161219891 -30.9705835651 
5 'crystal symmetry operation' 11_565 x-y+2/3,-y+4/3,-z+1/3  -0.7555575399 -0.4990798441 0.4243254802  10.7381351834  -0.4990798441 0.0189747341  -0.8663482376 -8.6689330412 0.4243254802  -0.8663482376 -0.2634171941 -16.3821082074 
6 'crystal symmetry operation' 12_555 -x+2/3,-x+y+1/3,-z+1/3 -0.4799088169 0.8694433750  -0.1172848885 -13.7075340794 0.8694433750  0.4534600989  -0.1960667141 2.9909025246  -0.1172848885 -0.1960667141 -0.9735512819 -38.6132202471 
# 
_struct_biol.id                    1 
_struct_biol.details               
;SIZE EXCLUSION CHROMATOGRAPHY WITH STATIC LIGHT 
SCATTERING SUPPORTS THE ASSIGNMENT OF A MONOMER AS 
A BIOLOGICALLY SIGNIFICANT OLIGIMERIZATION STATE.
;
_struct_biol.pdbx_parent_biol_id   ? 
# 
loop_
_struct_conf.conf_type_id 
_struct_conf.id 
_struct_conf.pdbx_PDB_helix_id 
_struct_conf.beg_label_comp_id 
_struct_conf.beg_label_asym_id 
_struct_conf.beg_label_seq_id 
_struct_conf.pdbx_beg_PDB_ins_code 
_struct_conf.end_label_comp_id 
_struct_conf.end_label_asym_id 
_struct_conf.end_label_seq_id 
_struct_conf.pdbx_end_PDB_ins_code 
_struct_conf.beg_auth_comp_id 
_struct_conf.beg_auth_asym_id 
_struct_conf.beg_auth_seq_id 
_struct_conf.end_auth_comp_id 
_struct_conf.end_auth_asym_id 
_struct_conf.end_auth_seq_id 
_struct_conf.pdbx_PDB_helix_class 
_struct_conf.details 
_struct_conf.pdbx_PDB_helix_length 
HELX_P HELX_P1 1 HIS A 11 ? GLN A 38  ? HIS A -1 GLN A 26  1 ? 28 
HELX_P HELX_P2 2 THR A 46 ? HIS A 64  ? THR A 34 HIS A 52  1 ? 19 
HELX_P HELX_P3 3 HIS A 64 ? ILE A 69  ? HIS A 52 ILE A 57  1 ? 6  
HELX_P HELX_P4 4 ASN A 75 ? CYS A 93  ? ASN A 63 CYS A 81  1 ? 19 
HELX_P HELX_P5 5 SER A 99 ? VAL A 121 ? SER A 87 VAL A 109 1 ? 23 
# 
_struct_conf_type.id          HELX_P 
_struct_conf_type.criteria    ? 
_struct_conf_type.reference   ? 
# 
loop_
_struct_conn.id 
_struct_conn.conn_type_id 
_struct_conn.pdbx_leaving_atom_flag 
_struct_conn.pdbx_PDB_id 
_struct_conn.ptnr1_label_asym_id 
_struct_conn.ptnr1_label_comp_id 
_struct_conn.ptnr1_label_seq_id 
_struct_conn.ptnr1_label_atom_id 
_struct_conn.pdbx_ptnr1_label_alt_id 
_struct_conn.pdbx_ptnr1_PDB_ins_code 
_struct_conn.pdbx_ptnr1_standard_comp_id 
_struct_conn.ptnr1_symmetry 
_struct_conn.ptnr2_label_asym_id 
_struct_conn.ptnr2_label_comp_id 
_struct_conn.ptnr2_label_seq_id 
_struct_conn.ptnr2_label_atom_id 
_struct_conn.pdbx_ptnr2_label_alt_id 
_struct_conn.pdbx_ptnr2_PDB_ins_code 
_struct_conn.ptnr1_auth_asym_id 
_struct_conn.ptnr1_auth_comp_id 
_struct_conn.ptnr1_auth_seq_id 
_struct_conn.ptnr2_auth_asym_id 
_struct_conn.ptnr2_auth_comp_id 
_struct_conn.ptnr2_auth_seq_id 
_struct_conn.ptnr2_symmetry 
_struct_conn.pdbx_ptnr3_label_atom_id 
_struct_conn.pdbx_ptnr3_label_seq_id 
_struct_conn.pdbx_ptnr3_label_comp_id 
_struct_conn.pdbx_ptnr3_label_asym_id 
_struct_conn.pdbx_ptnr3_label_alt_id 
_struct_conn.pdbx_ptnr3_PDB_ins_code 
_struct_conn.details 
_struct_conn.pdbx_dist_value 
_struct_conn.pdbx_value_order 
_struct_conn.pdbx_role 
covale1 covale both ? A HIS 12 C ? ? ? 1_555 A MSE 13 N ? ? A HIS 0  A MSE 1  1_555 ? ? ? ? ? ? ? 1.334 ? ? 
covale2 covale both ? A MSE 13 C ? ? ? 1_555 A ASN 14 N ? ? A MSE 1  A ASN 2  1_555 ? ? ? ? ? ? ? 1.327 ? ? 
covale3 covale both ? A ASN 26 C ? ? ? 1_555 A MSE 27 N ? ? A ASN 14 A MSE 15 1_555 ? ? ? ? ? ? ? 1.325 ? ? 
covale4 covale both ? A MSE 27 C ? ? ? 1_555 A GLN 28 N ? ? A MSE 15 A GLN 16 1_555 ? ? ? ? ? ? ? 1.328 ? ? 
covale5 covale both ? A TYR 73 C ? ? ? 1_555 A MSE 74 N ? ? A TYR 61 A MSE 62 1_555 ? ? ? ? ? ? ? 1.333 ? ? 
covale6 covale both ? A MSE 74 C ? ? ? 1_555 A ASN 75 N ? ? A MSE 62 A ASN 63 1_555 ? ? ? ? ? ? ? 1.322 ? ? 
# 
_struct_conn_type.id          covale 
_struct_conn_type.criteria    ? 
_struct_conn_type.reference   ? 
# 
loop_
_pdbx_modification_feature.ordinal 
_pdbx_modification_feature.label_comp_id 
_pdbx_modification_feature.label_asym_id 
_pdbx_modification_feature.label_seq_id 
_pdbx_modification_feature.label_alt_id 
_pdbx_modification_feature.modified_residue_label_comp_id 
_pdbx_modification_feature.modified_residue_label_asym_id 
_pdbx_modification_feature.modified_residue_label_seq_id 
_pdbx_modification_feature.modified_residue_label_alt_id 
_pdbx_modification_feature.auth_comp_id 
_pdbx_modification_feature.auth_asym_id 
_pdbx_modification_feature.auth_seq_id 
_pdbx_modification_feature.PDB_ins_code 
_pdbx_modification_feature.symmetry 
_pdbx_modification_feature.modified_residue_auth_comp_id 
_pdbx_modification_feature.modified_residue_auth_asym_id 
_pdbx_modification_feature.modified_residue_auth_seq_id 
_pdbx_modification_feature.modified_residue_PDB_ins_code 
_pdbx_modification_feature.modified_residue_symmetry 
_pdbx_modification_feature.comp_id_linking_atom 
_pdbx_modification_feature.modified_residue_id_linking_atom 
_pdbx_modification_feature.modified_residue_id 
_pdbx_modification_feature.ref_pcm_id 
_pdbx_modification_feature.ref_comp_id 
_pdbx_modification_feature.type 
_pdbx_modification_feature.category 
1 MSE A 13 ? . . . . MSE A 1  ? 1_555 . . . . . . . MET 1 MSE Selenomethionine 'Named protein modification' 
2 MSE A 27 ? . . . . MSE A 15 ? 1_555 . . . . . . . MET 1 MSE Selenomethionine 'Named protein modification' 
3 MSE A 74 ? . . . . MSE A 62 ? 1_555 . . . . . . . MET 1 MSE Selenomethionine 'Named protein modification' 
# 
loop_
_struct_site.id 
_struct_site.pdbx_evidence_code 
_struct_site.pdbx_auth_asym_id 
_struct_site.pdbx_auth_comp_id 
_struct_site.pdbx_auth_seq_id 
_struct_site.pdbx_auth_ins_code 
_struct_site.pdbx_num_residues 
_struct_site.details 
AC1 Software A PO4 117 ? 4 'BINDING SITE FOR RESIDUE PO4 A 117' 
AC2 Software A CL  118 ? 3 'BINDING SITE FOR RESIDUE CL A 118'  
AC3 Software A CL  119 ? 3 'BINDING SITE FOR RESIDUE CL A 119'  
AC4 Software A CL  120 ? 3 'BINDING SITE FOR RESIDUE CL A 120'  
# 
loop_
_struct_site_gen.id 
_struct_site_gen.site_id 
_struct_site_gen.pdbx_num_res 
_struct_site_gen.label_comp_id 
_struct_site_gen.label_asym_id 
_struct_site_gen.label_seq_id 
_struct_site_gen.pdbx_auth_ins_code 
_struct_site_gen.auth_comp_id 
_struct_site_gen.auth_asym_id 
_struct_site_gen.auth_seq_id 
_struct_site_gen.label_atom_id 
_struct_site_gen.label_alt_id 
_struct_site_gen.symmetry 
_struct_site_gen.details 
1  AC1 4 ASP A 55  ? ASP A 43  . ? 11_565 ? 
2  AC1 4 LYS A 62  ? LYS A 50  . ? 1_555  ? 
3  AC1 4 GLU A 87  ? GLU A 75  . ? 1_555  ? 
4  AC1 4 HOH F .   ? HOH A 143 . ? 11_565 ? 
5  AC2 3 ASN A 75  ? ASN A 63  . ? 1_555  ? 
6  AC2 3 ARG A 77  ? ARG A 65  . ? 1_555  ? 
7  AC2 3 CL  D .   ? CL  A 119 . ? 1_555  ? 
8  AC3 3 ARG A 97  ? ARG A 85  . ? 11_565 ? 
9  AC3 3 CL  C .   ? CL  A 118 . ? 1_555  ? 
10 AC3 3 HOH F .   ? HOH A 124 . ? 1_555  ? 
11 AC4 3 GLN A 111 ? GLN A 99  . ? 1_555  ? 
12 AC4 3 GLN A 115 ? GLN A 103 . ? 1_555  ? 
13 AC4 3 HOH F .   ? HOH A 162 . ? 1_555  ? 
# 
_pdbx_entry_details.entry_id                   2ETS 
_pdbx_entry_details.compound_details           ? 
_pdbx_entry_details.source_details             ? 
_pdbx_entry_details.nonpolymer_details         ? 
_pdbx_entry_details.sequence_details           ? 
_pdbx_entry_details.has_ligand_of_interest     ? 
_pdbx_entry_details.has_protein_modification   Y 
# 
loop_
_pdbx_validate_torsion.id 
_pdbx_validate_torsion.PDB_model_num 
_pdbx_validate_torsion.auth_comp_id 
_pdbx_validate_torsion.auth_asym_id 
_pdbx_validate_torsion.auth_seq_id 
_pdbx_validate_torsion.PDB_ins_code 
_pdbx_validate_torsion.label_alt_id 
_pdbx_validate_torsion.phi 
_pdbx_validate_torsion.psi 
1 1 HIS A -2  ? ? -105.16 57.40  
2 1 THR A 34  ? ? -125.21 -54.78 
3 1 VAL A 109 ? ? -107.52 58.17  
# 
_pdbx_validate_peptide_omega.id               1 
_pdbx_validate_peptide_omega.PDB_model_num    1 
_pdbx_validate_peptide_omega.auth_comp_id_1   HIS 
_pdbx_validate_peptide_omega.auth_asym_id_1   A 
_pdbx_validate_peptide_omega.auth_seq_id_1    -2 
_pdbx_validate_peptide_omega.PDB_ins_code_1   ? 
_pdbx_validate_peptide_omega.label_alt_id_1   ? 
_pdbx_validate_peptide_omega.auth_comp_id_2   HIS 
_pdbx_validate_peptide_omega.auth_asym_id_2   A 
_pdbx_validate_peptide_omega.auth_seq_id_2    -1 
_pdbx_validate_peptide_omega.PDB_ins_code_2   ? 
_pdbx_validate_peptide_omega.label_alt_id_2   ? 
_pdbx_validate_peptide_omega.omega            140.13 
# 
_pdbx_SG_project.project_name          'PSI, Protein Structure Initiative' 
_pdbx_SG_project.full_name_of_center   'Joint Center for Structural Genomics' 
_pdbx_SG_project.id                    1 
_pdbx_SG_project.initial_of_center     JCSG 
# 
loop_
_pdbx_struct_mod_residue.id 
_pdbx_struct_mod_residue.label_asym_id 
_pdbx_struct_mod_residue.label_comp_id 
_pdbx_struct_mod_residue.label_seq_id 
_pdbx_struct_mod_residue.auth_asym_id 
_pdbx_struct_mod_residue.auth_comp_id 
_pdbx_struct_mod_residue.auth_seq_id 
_pdbx_struct_mod_residue.PDB_ins_code 
_pdbx_struct_mod_residue.parent_comp_id 
_pdbx_struct_mod_residue.details 
1 A MSE 13 A MSE 1  ? MET SELENOMETHIONINE 
2 A MSE 27 A MSE 15 ? MET SELENOMETHIONINE 
3 A MSE 74 A MSE 62 ? MET SELENOMETHIONINE 
# 
loop_
_pdbx_struct_special_symmetry.id 
_pdbx_struct_special_symmetry.PDB_model_num 
_pdbx_struct_special_symmetry.auth_asym_id 
_pdbx_struct_special_symmetry.auth_comp_id 
_pdbx_struct_special_symmetry.auth_seq_id 
_pdbx_struct_special_symmetry.PDB_ins_code 
_pdbx_struct_special_symmetry.label_asym_id 
_pdbx_struct_special_symmetry.label_comp_id 
_pdbx_struct_special_symmetry.label_seq_id 
1 1 A HOH 138 ? F HOH . 
2 1 A HOH 144 ? F HOH . 
# 
_pdbx_refine_tls.id               1 
_pdbx_refine_tls.details          ? 
_pdbx_refine_tls.method           refined 
_pdbx_refine_tls.origin_x         -0.0026 
_pdbx_refine_tls.origin_y         -0.0993 
_pdbx_refine_tls.origin_z         -0.3873 
_pdbx_refine_tls.T[1][1]          0.1659 
_pdbx_refine_tls.T[2][2]          -0.1220 
_pdbx_refine_tls.T[3][3]          -0.4049 
_pdbx_refine_tls.T[1][2]          0.0525 
_pdbx_refine_tls.T[1][3]          -0.0630 
_pdbx_refine_tls.T[2][3]          -0.0082 
_pdbx_refine_tls.L[1][1]          4.5833 
_pdbx_refine_tls.L[2][2]          4.4614 
_pdbx_refine_tls.L[3][3]          4.1308 
_pdbx_refine_tls.L[1][2]          1.5964 
_pdbx_refine_tls.L[1][3]          1.7642 
_pdbx_refine_tls.L[2][3]          -0.0660 
_pdbx_refine_tls.S[1][1]          -0.0248 
_pdbx_refine_tls.S[1][2]          -0.5705 
_pdbx_refine_tls.S[1][3]          -0.1371 
_pdbx_refine_tls.S[2][1]          0.8370 
_pdbx_refine_tls.S[2][2]          0.1950 
_pdbx_refine_tls.S[2][3]          -0.1539 
_pdbx_refine_tls.S[3][1]          0.3334 
_pdbx_refine_tls.S[3][2]          -0.4128 
_pdbx_refine_tls.S[3][3]          -0.1702 
_pdbx_refine_tls.pdbx_refine_id   'X-RAY DIFFRACTION' 
# 
_pdbx_refine_tls_group.id                  1 
_pdbx_refine_tls_group.refine_tls_id       1 
_pdbx_refine_tls_group.beg_auth_asym_id    A 
_pdbx_refine_tls_group.beg_auth_seq_id     -4 
_pdbx_refine_tls_group.beg_label_asym_id   A 
_pdbx_refine_tls_group.beg_label_seq_id    8 
_pdbx_refine_tls_group.end_auth_asym_id    A 
_pdbx_refine_tls_group.end_auth_seq_id     110 
_pdbx_refine_tls_group.end_label_asym_id   A 
_pdbx_refine_tls_group.end_label_seq_id    122 
_pdbx_refine_tls_group.selection           ? 
_pdbx_refine_tls_group.pdbx_refine_id      'X-RAY DIFFRACTION' 
_pdbx_refine_tls_group.selection_details   ? 
# 
_phasing.method   SAD 
# 
loop_
_pdbx_database_remark.id 
_pdbx_database_remark.text 
300 
;BIOMOLECULE: 1
THIS ENTRY CONTAINS THE CRYSTALLOGRAPHIC ASYMMETRIC UNIT
WHICH CONSISTS OF 1 CHAIN(S). SEE REMARK 350 FOR
INFORMATION ON GENERATING THE BIOLOGICAL MOLECULE(S).
SIZE EXCLUSION CHROMATOGRAPHY WITH STATIC LIGHT
SCATTERING SUPPORTS THE ASSIGNMENT OF A MONOMER AS
A BIOLOGICALLY SIGNIFICANT OLIGOMERIZATION STATE.
;
999 
;SEQUENCE
THE STRAIN CLONED DIFFERS FROM THE SEQUENCED STRAIN IN
DATABASE. SEQUENCING CONFIRMED THAT RESIDUE 45 IS ILE
IN THIS STRAIN. THE ELECTRON DENSITY SUPPORTS THIS
ASSIGNMENT.
;
# 
loop_
_pdbx_unobs_or_zero_occ_residues.id 
_pdbx_unobs_or_zero_occ_residues.PDB_model_num 
_pdbx_unobs_or_zero_occ_residues.polymer_flag 
_pdbx_unobs_or_zero_occ_residues.occupancy_flag 
_pdbx_unobs_or_zero_occ_residues.auth_asym_id 
_pdbx_unobs_or_zero_occ_residues.auth_comp_id 
_pdbx_unobs_or_zero_occ_residues.auth_seq_id 
_pdbx_unobs_or_zero_occ_residues.PDB_ins_code 
_pdbx_unobs_or_zero_occ_residues.label_asym_id 
_pdbx_unobs_or_zero_occ_residues.label_comp_id 
_pdbx_unobs_or_zero_occ_residues.label_seq_id 
1  1 Y 1 A MSE -11 ? A MSE 1   
2  1 Y 1 A GLY -10 ? A GLY 2   
3  1 Y 1 A SER -9  ? A SER 3   
4  1 Y 1 A ASP -8  ? A ASP 4   
5  1 Y 1 A LYS -7  ? A LYS 5   
6  1 Y 1 A ILE -6  ? A ILE 6   
7  1 Y 1 A HIS -5  ? A HIS 7   
8  1 Y 1 A LYS 111 ? A LYS 123 
9  1 Y 1 A GLU 112 ? A GLU 124 
10 1 Y 1 A GLY 113 ? A GLY 125 
11 1 Y 1 A THR 114 ? A THR 126 
12 1 Y 1 A ASP 115 ? A ASP 127 
13 1 Y 1 A GLY 116 ? A GLY 128 
# 
loop_
_chem_comp_atom.comp_id 
_chem_comp_atom.atom_id 
_chem_comp_atom.type_symbol 
_chem_comp_atom.pdbx_aromatic_flag 
_chem_comp_atom.pdbx_stereo_config 
_chem_comp_atom.pdbx_ordinal 
ALA N    N  N N 1   
ALA CA   C  N S 2   
ALA C    C  N N 3   
ALA O    O  N N 4   
ALA CB   C  N N 5   
ALA OXT  O  N N 6   
ALA H    H  N N 7   
ALA H2   H  N N 8   
ALA HA   H  N N 9   
ALA HB1  H  N N 10  
ALA HB2  H  N N 11  
ALA HB3  H  N N 12  
ALA HXT  H  N N 13  
ARG N    N  N N 14  
ARG CA   C  N S 15  
ARG C    C  N N 16  
ARG O    O  N N 17  
ARG CB   C  N N 18  
ARG CG   C  N N 19  
ARG CD   C  N N 20  
ARG NE   N  N N 21  
ARG CZ   C  N N 22  
ARG NH1  N  N N 23  
ARG NH2  N  N N 24  
ARG OXT  O  N N 25  
ARG H    H  N N 26  
ARG H2   H  N N 27  
ARG HA   H  N N 28  
ARG HB2  H  N N 29  
ARG HB3  H  N N 30  
ARG HG2  H  N N 31  
ARG HG3  H  N N 32  
ARG HD2  H  N N 33  
ARG HD3  H  N N 34  
ARG HE   H  N N 35  
ARG HH11 H  N N 36  
ARG HH12 H  N N 37  
ARG HH21 H  N N 38  
ARG HH22 H  N N 39  
ARG HXT  H  N N 40  
ASN N    N  N N 41  
ASN CA   C  N S 42  
ASN C    C  N N 43  
ASN O    O  N N 44  
ASN CB   C  N N 45  
ASN CG   C  N N 46  
ASN OD1  O  N N 47  
ASN ND2  N  N N 48  
ASN OXT  O  N N 49  
ASN H    H  N N 50  
ASN H2   H  N N 51  
ASN HA   H  N N 52  
ASN HB2  H  N N 53  
ASN HB3  H  N N 54  
ASN HD21 H  N N 55  
ASN HD22 H  N N 56  
ASN HXT  H  N N 57  
ASP N    N  N N 58  
ASP CA   C  N S 59  
ASP C    C  N N 60  
ASP O    O  N N 61  
ASP CB   C  N N 62  
ASP CG   C  N N 63  
ASP OD1  O  N N 64  
ASP OD2  O  N N 65  
ASP OXT  O  N N 66  
ASP H    H  N N 67  
ASP H2   H  N N 68  
ASP HA   H  N N 69  
ASP HB2  H  N N 70  
ASP HB3  H  N N 71  
ASP HD2  H  N N 72  
ASP HXT  H  N N 73  
CL  CL   CL N N 74  
CYS N    N  N N 75  
CYS CA   C  N R 76  
CYS C    C  N N 77  
CYS O    O  N N 78  
CYS CB   C  N N 79  
CYS SG   S  N N 80  
CYS OXT  O  N N 81  
CYS H    H  N N 82  
CYS H2   H  N N 83  
CYS HA   H  N N 84  
CYS HB2  H  N N 85  
CYS HB3  H  N N 86  
CYS HG   H  N N 87  
CYS HXT  H  N N 88  
GLN N    N  N N 89  
GLN CA   C  N S 90  
GLN C    C  N N 91  
GLN O    O  N N 92  
GLN CB   C  N N 93  
GLN CG   C  N N 94  
GLN CD   C  N N 95  
GLN OE1  O  N N 96  
GLN NE2  N  N N 97  
GLN OXT  O  N N 98  
GLN H    H  N N 99  
GLN H2   H  N N 100 
GLN HA   H  N N 101 
GLN HB2  H  N N 102 
GLN HB3  H  N N 103 
GLN HG2  H  N N 104 
GLN HG3  H  N N 105 
GLN HE21 H  N N 106 
GLN HE22 H  N N 107 
GLN HXT  H  N N 108 
GLU N    N  N N 109 
GLU CA   C  N S 110 
GLU C    C  N N 111 
GLU O    O  N N 112 
GLU CB   C  N N 113 
GLU CG   C  N N 114 
GLU CD   C  N N 115 
GLU OE1  O  N N 116 
GLU OE2  O  N N 117 
GLU OXT  O  N N 118 
GLU H    H  N N 119 
GLU H2   H  N N 120 
GLU HA   H  N N 121 
GLU HB2  H  N N 122 
GLU HB3  H  N N 123 
GLU HG2  H  N N 124 
GLU HG3  H  N N 125 
GLU HE2  H  N N 126 
GLU HXT  H  N N 127 
GLY N    N  N N 128 
GLY CA   C  N N 129 
GLY C    C  N N 130 
GLY O    O  N N 131 
GLY OXT  O  N N 132 
GLY H    H  N N 133 
GLY H2   H  N N 134 
GLY HA2  H  N N 135 
GLY HA3  H  N N 136 
GLY HXT  H  N N 137 
HIS N    N  N N 138 
HIS CA   C  N S 139 
HIS C    C  N N 140 
HIS O    O  N N 141 
HIS CB   C  N N 142 
HIS CG   C  Y N 143 
HIS ND1  N  Y N 144 
HIS CD2  C  Y N 145 
HIS CE1  C  Y N 146 
HIS NE2  N  Y N 147 
HIS OXT  O  N N 148 
HIS H    H  N N 149 
HIS H2   H  N N 150 
HIS HA   H  N N 151 
HIS HB2  H  N N 152 
HIS HB3  H  N N 153 
HIS HD1  H  N N 154 
HIS HD2  H  N N 155 
HIS HE1  H  N N 156 
HIS HE2  H  N N 157 
HIS HXT  H  N N 158 
HOH O    O  N N 159 
HOH H1   H  N N 160 
HOH H2   H  N N 161 
ILE N    N  N N 162 
ILE CA   C  N S 163 
ILE C    C  N N 164 
ILE O    O  N N 165 
ILE CB   C  N S 166 
ILE CG1  C  N N 167 
ILE CG2  C  N N 168 
ILE CD1  C  N N 169 
ILE OXT  O  N N 170 
ILE H    H  N N 171 
ILE H2   H  N N 172 
ILE HA   H  N N 173 
ILE HB   H  N N 174 
ILE HG12 H  N N 175 
ILE HG13 H  N N 176 
ILE HG21 H  N N 177 
ILE HG22 H  N N 178 
ILE HG23 H  N N 179 
ILE HD11 H  N N 180 
ILE HD12 H  N N 181 
ILE HD13 H  N N 182 
ILE HXT  H  N N 183 
LEU N    N  N N 184 
LEU CA   C  N S 185 
LEU C    C  N N 186 
LEU O    O  N N 187 
LEU CB   C  N N 188 
LEU CG   C  N N 189 
LEU CD1  C  N N 190 
LEU CD2  C  N N 191 
LEU OXT  O  N N 192 
LEU H    H  N N 193 
LEU H2   H  N N 194 
LEU HA   H  N N 195 
LEU HB2  H  N N 196 
LEU HB3  H  N N 197 
LEU HG   H  N N 198 
LEU HD11 H  N N 199 
LEU HD12 H  N N 200 
LEU HD13 H  N N 201 
LEU HD21 H  N N 202 
LEU HD22 H  N N 203 
LEU HD23 H  N N 204 
LEU HXT  H  N N 205 
LYS N    N  N N 206 
LYS CA   C  N S 207 
LYS C    C  N N 208 
LYS O    O  N N 209 
LYS CB   C  N N 210 
LYS CG   C  N N 211 
LYS CD   C  N N 212 
LYS CE   C  N N 213 
LYS NZ   N  N N 214 
LYS OXT  O  N N 215 
LYS H    H  N N 216 
LYS H2   H  N N 217 
LYS HA   H  N N 218 
LYS HB2  H  N N 219 
LYS HB3  H  N N 220 
LYS HG2  H  N N 221 
LYS HG3  H  N N 222 
LYS HD2  H  N N 223 
LYS HD3  H  N N 224 
LYS HE2  H  N N 225 
LYS HE3  H  N N 226 
LYS HZ1  H  N N 227 
LYS HZ2  H  N N 228 
LYS HZ3  H  N N 229 
LYS HXT  H  N N 230 
MET N    N  N N 231 
MET CA   C  N S 232 
MET C    C  N N 233 
MET O    O  N N 234 
MET CB   C  N N 235 
MET CG   C  N N 236 
MET SD   S  N N 237 
MET CE   C  N N 238 
MET OXT  O  N N 239 
MET H    H  N N 240 
MET H2   H  N N 241 
MET HA   H  N N 242 
MET HB2  H  N N 243 
MET HB3  H  N N 244 
MET HG2  H  N N 245 
MET HG3  H  N N 246 
MET HE1  H  N N 247 
MET HE2  H  N N 248 
MET HE3  H  N N 249 
MET HXT  H  N N 250 
MSE N    N  N N 251 
MSE CA   C  N S 252 
MSE C    C  N N 253 
MSE O    O  N N 254 
MSE OXT  O  N N 255 
MSE CB   C  N N 256 
MSE CG   C  N N 257 
MSE SE   SE N N 258 
MSE CE   C  N N 259 
MSE H    H  N N 260 
MSE H2   H  N N 261 
MSE HA   H  N N 262 
MSE HXT  H  N N 263 
MSE HB2  H  N N 264 
MSE HB3  H  N N 265 
MSE HG2  H  N N 266 
MSE HG3  H  N N 267 
MSE HE1  H  N N 268 
MSE HE2  H  N N 269 
MSE HE3  H  N N 270 
PHE N    N  N N 271 
PHE CA   C  N S 272 
PHE C    C  N N 273 
PHE O    O  N N 274 
PHE CB   C  N N 275 
PHE CG   C  Y N 276 
PHE CD1  C  Y N 277 
PHE CD2  C  Y N 278 
PHE CE1  C  Y N 279 
PHE CE2  C  Y N 280 
PHE CZ   C  Y N 281 
PHE OXT  O  N N 282 
PHE H    H  N N 283 
PHE H2   H  N N 284 
PHE HA   H  N N 285 
PHE HB2  H  N N 286 
PHE HB3  H  N N 287 
PHE HD1  H  N N 288 
PHE HD2  H  N N 289 
PHE HE1  H  N N 290 
PHE HE2  H  N N 291 
PHE HZ   H  N N 292 
PHE HXT  H  N N 293 
PO4 P    P  N N 294 
PO4 O1   O  N N 295 
PO4 O2   O  N N 296 
PO4 O3   O  N N 297 
PO4 O4   O  N N 298 
PRO N    N  N N 299 
PRO CA   C  N S 300 
PRO C    C  N N 301 
PRO O    O  N N 302 
PRO CB   C  N N 303 
PRO CG   C  N N 304 
PRO CD   C  N N 305 
PRO OXT  O  N N 306 
PRO H    H  N N 307 
PRO HA   H  N N 308 
PRO HB2  H  N N 309 
PRO HB3  H  N N 310 
PRO HG2  H  N N 311 
PRO HG3  H  N N 312 
PRO HD2  H  N N 313 
PRO HD3  H  N N 314 
PRO HXT  H  N N 315 
SER N    N  N N 316 
SER CA   C  N S 317 
SER C    C  N N 318 
SER O    O  N N 319 
SER CB   C  N N 320 
SER OG   O  N N 321 
SER OXT  O  N N 322 
SER H    H  N N 323 
SER H2   H  N N 324 
SER HA   H  N N 325 
SER HB2  H  N N 326 
SER HB3  H  N N 327 
SER HG   H  N N 328 
SER HXT  H  N N 329 
THR N    N  N N 330 
THR CA   C  N S 331 
THR C    C  N N 332 
THR O    O  N N 333 
THR CB   C  N R 334 
THR OG1  O  N N 335 
THR CG2  C  N N 336 
THR OXT  O  N N 337 
THR H    H  N N 338 
THR H2   H  N N 339 
THR HA   H  N N 340 
THR HB   H  N N 341 
THR HG1  H  N N 342 
THR HG21 H  N N 343 
THR HG22 H  N N 344 
THR HG23 H  N N 345 
THR HXT  H  N N 346 
TYR N    N  N N 347 
TYR CA   C  N S 348 
TYR C    C  N N 349 
TYR O    O  N N 350 
TYR CB   C  N N 351 
TYR CG   C  Y N 352 
TYR CD1  C  Y N 353 
TYR CD2  C  Y N 354 
TYR CE1  C  Y N 355 
TYR CE2  C  Y N 356 
TYR CZ   C  Y N 357 
TYR OH   O  N N 358 
TYR OXT  O  N N 359 
TYR H    H  N N 360 
TYR H2   H  N N 361 
TYR HA   H  N N 362 
TYR HB2  H  N N 363 
TYR HB3  H  N N 364 
TYR HD1  H  N N 365 
TYR HD2  H  N N 366 
TYR HE1  H  N N 367 
TYR HE2  H  N N 368 
TYR HH   H  N N 369 
TYR HXT  H  N N 370 
VAL N    N  N N 371 
VAL CA   C  N S 372 
VAL C    C  N N 373 
VAL O    O  N N 374 
VAL CB   C  N N 375 
VAL CG1  C  N N 376 
VAL CG2  C  N N 377 
VAL OXT  O  N N 378 
VAL H    H  N N 379 
VAL H2   H  N N 380 
VAL HA   H  N N 381 
VAL HB   H  N N 382 
VAL HG11 H  N N 383 
VAL HG12 H  N N 384 
VAL HG13 H  N N 385 
VAL HG21 H  N N 386 
VAL HG22 H  N N 387 
VAL HG23 H  N N 388 
VAL HXT  H  N N 389 
# 
loop_
_chem_comp_bond.comp_id 
_chem_comp_bond.atom_id_1 
_chem_comp_bond.atom_id_2 
_chem_comp_bond.value_order 
_chem_comp_bond.pdbx_aromatic_flag 
_chem_comp_bond.pdbx_stereo_config 
_chem_comp_bond.pdbx_ordinal 
ALA N   CA   sing N N 1   
ALA N   H    sing N N 2   
ALA N   H2   sing N N 3   
ALA CA  C    sing N N 4   
ALA CA  CB   sing N N 5   
ALA CA  HA   sing N N 6   
ALA C   O    doub N N 7   
ALA C   OXT  sing N N 8   
ALA CB  HB1  sing N N 9   
ALA CB  HB2  sing N N 10  
ALA CB  HB3  sing N N 11  
ALA OXT HXT  sing N N 12  
ARG N   CA   sing N N 13  
ARG N   H    sing N N 14  
ARG N   H2   sing N N 15  
ARG CA  C    sing N N 16  
ARG CA  CB   sing N N 17  
ARG CA  HA   sing N N 18  
ARG C   O    doub N N 19  
ARG C   OXT  sing N N 20  
ARG CB  CG   sing N N 21  
ARG CB  HB2  sing N N 22  
ARG CB  HB3  sing N N 23  
ARG CG  CD   sing N N 24  
ARG CG  HG2  sing N N 25  
ARG CG  HG3  sing N N 26  
ARG CD  NE   sing N N 27  
ARG CD  HD2  sing N N 28  
ARG CD  HD3  sing N N 29  
ARG NE  CZ   sing N N 30  
ARG NE  HE   sing N N 31  
ARG CZ  NH1  sing N N 32  
ARG CZ  NH2  doub N N 33  
ARG NH1 HH11 sing N N 34  
ARG NH1 HH12 sing N N 35  
ARG NH2 HH21 sing N N 36  
ARG NH2 HH22 sing N N 37  
ARG OXT HXT  sing N N 38  
ASN N   CA   sing N N 39  
ASN N   H    sing N N 40  
ASN N   H2   sing N N 41  
ASN CA  C    sing N N 42  
ASN CA  CB   sing N N 43  
ASN CA  HA   sing N N 44  
ASN C   O    doub N N 45  
ASN C   OXT  sing N N 46  
ASN CB  CG   sing N N 47  
ASN CB  HB2  sing N N 48  
ASN CB  HB3  sing N N 49  
ASN CG  OD1  doub N N 50  
ASN CG  ND2  sing N N 51  
ASN ND2 HD21 sing N N 52  
ASN ND2 HD22 sing N N 53  
ASN OXT HXT  sing N N 54  
ASP N   CA   sing N N 55  
ASP N   H    sing N N 56  
ASP N   H2   sing N N 57  
ASP CA  C    sing N N 58  
ASP CA  CB   sing N N 59  
ASP CA  HA   sing N N 60  
ASP C   O    doub N N 61  
ASP C   OXT  sing N N 62  
ASP CB  CG   sing N N 63  
ASP CB  HB2  sing N N 64  
ASP CB  HB3  sing N N 65  
ASP CG  OD1  doub N N 66  
ASP CG  OD2  sing N N 67  
ASP OD2 HD2  sing N N 68  
ASP OXT HXT  sing N N 69  
CYS N   CA   sing N N 70  
CYS N   H    sing N N 71  
CYS N   H2   sing N N 72  
CYS CA  C    sing N N 73  
CYS CA  CB   sing N N 74  
CYS CA  HA   sing N N 75  
CYS C   O    doub N N 76  
CYS C   OXT  sing N N 77  
CYS CB  SG   sing N N 78  
CYS CB  HB2  sing N N 79  
CYS CB  HB3  sing N N 80  
CYS SG  HG   sing N N 81  
CYS OXT HXT  sing N N 82  
GLN N   CA   sing N N 83  
GLN N   H    sing N N 84  
GLN N   H2   sing N N 85  
GLN CA  C    sing N N 86  
GLN CA  CB   sing N N 87  
GLN CA  HA   sing N N 88  
GLN C   O    doub N N 89  
GLN C   OXT  sing N N 90  
GLN CB  CG   sing N N 91  
GLN CB  HB2  sing N N 92  
GLN CB  HB3  sing N N 93  
GLN CG  CD   sing N N 94  
GLN CG  HG2  sing N N 95  
GLN CG  HG3  sing N N 96  
GLN CD  OE1  doub N N 97  
GLN CD  NE2  sing N N 98  
GLN NE2 HE21 sing N N 99  
GLN NE2 HE22 sing N N 100 
GLN OXT HXT  sing N N 101 
GLU N   CA   sing N N 102 
GLU N   H    sing N N 103 
GLU N   H2   sing N N 104 
GLU CA  C    sing N N 105 
GLU CA  CB   sing N N 106 
GLU CA  HA   sing N N 107 
GLU C   O    doub N N 108 
GLU C   OXT  sing N N 109 
GLU CB  CG   sing N N 110 
GLU CB  HB2  sing N N 111 
GLU CB  HB3  sing N N 112 
GLU CG  CD   sing N N 113 
GLU CG  HG2  sing N N 114 
GLU CG  HG3  sing N N 115 
GLU CD  OE1  doub N N 116 
GLU CD  OE2  sing N N 117 
GLU OE2 HE2  sing N N 118 
GLU OXT HXT  sing N N 119 
GLY N   CA   sing N N 120 
GLY N   H    sing N N 121 
GLY N   H2   sing N N 122 
GLY CA  C    sing N N 123 
GLY CA  HA2  sing N N 124 
GLY CA  HA3  sing N N 125 
GLY C   O    doub N N 126 
GLY C   OXT  sing N N 127 
GLY OXT HXT  sing N N 128 
HIS N   CA   sing N N 129 
HIS N   H    sing N N 130 
HIS N   H2   sing N N 131 
HIS CA  C    sing N N 132 
HIS CA  CB   sing N N 133 
HIS CA  HA   sing N N 134 
HIS C   O    doub N N 135 
HIS C   OXT  sing N N 136 
HIS CB  CG   sing N N 137 
HIS CB  HB2  sing N N 138 
HIS CB  HB3  sing N N 139 
HIS CG  ND1  sing Y N 140 
HIS CG  CD2  doub Y N 141 
HIS ND1 CE1  doub Y N 142 
HIS ND1 HD1  sing N N 143 
HIS CD2 NE2  sing Y N 144 
HIS CD2 HD2  sing N N 145 
HIS CE1 NE2  sing Y N 146 
HIS CE1 HE1  sing N N 147 
HIS NE2 HE2  sing N N 148 
HIS OXT HXT  sing N N 149 
HOH O   H1   sing N N 150 
HOH O   H2   sing N N 151 
ILE N   CA   sing N N 152 
ILE N   H    sing N N 153 
ILE N   H2   sing N N 154 
ILE CA  C    sing N N 155 
ILE CA  CB   sing N N 156 
ILE CA  HA   sing N N 157 
ILE C   O    doub N N 158 
ILE C   OXT  sing N N 159 
ILE CB  CG1  sing N N 160 
ILE CB  CG2  sing N N 161 
ILE CB  HB   sing N N 162 
ILE CG1 CD1  sing N N 163 
ILE CG1 HG12 sing N N 164 
ILE CG1 HG13 sing N N 165 
ILE CG2 HG21 sing N N 166 
ILE CG2 HG22 sing N N 167 
ILE CG2 HG23 sing N N 168 
ILE CD1 HD11 sing N N 169 
ILE CD1 HD12 sing N N 170 
ILE CD1 HD13 sing N N 171 
ILE OXT HXT  sing N N 172 
LEU N   CA   sing N N 173 
LEU N   H    sing N N 174 
LEU N   H2   sing N N 175 
LEU CA  C    sing N N 176 
LEU CA  CB   sing N N 177 
LEU CA  HA   sing N N 178 
LEU C   O    doub N N 179 
LEU C   OXT  sing N N 180 
LEU CB  CG   sing N N 181 
LEU CB  HB2  sing N N 182 
LEU CB  HB3  sing N N 183 
LEU CG  CD1  sing N N 184 
LEU CG  CD2  sing N N 185 
LEU CG  HG   sing N N 186 
LEU CD1 HD11 sing N N 187 
LEU CD1 HD12 sing N N 188 
LEU CD1 HD13 sing N N 189 
LEU CD2 HD21 sing N N 190 
LEU CD2 HD22 sing N N 191 
LEU CD2 HD23 sing N N 192 
LEU OXT HXT  sing N N 193 
LYS N   CA   sing N N 194 
LYS N   H    sing N N 195 
LYS N   H2   sing N N 196 
LYS CA  C    sing N N 197 
LYS CA  CB   sing N N 198 
LYS CA  HA   sing N N 199 
LYS C   O    doub N N 200 
LYS C   OXT  sing N N 201 
LYS CB  CG   sing N N 202 
LYS CB  HB2  sing N N 203 
LYS CB  HB3  sing N N 204 
LYS CG  CD   sing N N 205 
LYS CG  HG2  sing N N 206 
LYS CG  HG3  sing N N 207 
LYS CD  CE   sing N N 208 
LYS CD  HD2  sing N N 209 
LYS CD  HD3  sing N N 210 
LYS CE  NZ   sing N N 211 
LYS CE  HE2  sing N N 212 
LYS CE  HE3  sing N N 213 
LYS NZ  HZ1  sing N N 214 
LYS NZ  HZ2  sing N N 215 
LYS NZ  HZ3  sing N N 216 
LYS OXT HXT  sing N N 217 
MET N   CA   sing N N 218 
MET N   H    sing N N 219 
MET N   H2   sing N N 220 
MET CA  C    sing N N 221 
MET CA  CB   sing N N 222 
MET CA  HA   sing N N 223 
MET C   O    doub N N 224 
MET C   OXT  sing N N 225 
MET CB  CG   sing N N 226 
MET CB  HB2  sing N N 227 
MET CB  HB3  sing N N 228 
MET CG  SD   sing N N 229 
MET CG  HG2  sing N N 230 
MET CG  HG3  sing N N 231 
MET SD  CE   sing N N 232 
MET CE  HE1  sing N N 233 
MET CE  HE2  sing N N 234 
MET CE  HE3  sing N N 235 
MET OXT HXT  sing N N 236 
MSE N   CA   sing N N 237 
MSE N   H    sing N N 238 
MSE N   H2   sing N N 239 
MSE CA  C    sing N N 240 
MSE CA  CB   sing N N 241 
MSE CA  HA   sing N N 242 
MSE C   O    doub N N 243 
MSE C   OXT  sing N N 244 
MSE OXT HXT  sing N N 245 
MSE CB  CG   sing N N 246 
MSE CB  HB2  sing N N 247 
MSE CB  HB3  sing N N 248 
MSE CG  SE   sing N N 249 
MSE CG  HG2  sing N N 250 
MSE CG  HG3  sing N N 251 
MSE SE  CE   sing N N 252 
MSE CE  HE1  sing N N 253 
MSE CE  HE2  sing N N 254 
MSE CE  HE3  sing N N 255 
PHE N   CA   sing N N 256 
PHE N   H    sing N N 257 
PHE N   H2   sing N N 258 
PHE CA  C    sing N N 259 
PHE CA  CB   sing N N 260 
PHE CA  HA   sing N N 261 
PHE C   O    doub N N 262 
PHE C   OXT  sing N N 263 
PHE CB  CG   sing N N 264 
PHE CB  HB2  sing N N 265 
PHE CB  HB3  sing N N 266 
PHE CG  CD1  doub Y N 267 
PHE CG  CD2  sing Y N 268 
PHE CD1 CE1  sing Y N 269 
PHE CD1 HD1  sing N N 270 
PHE CD2 CE2  doub Y N 271 
PHE CD2 HD2  sing N N 272 
PHE CE1 CZ   doub Y N 273 
PHE CE1 HE1  sing N N 274 
PHE CE2 CZ   sing Y N 275 
PHE CE2 HE2  sing N N 276 
PHE CZ  HZ   sing N N 277 
PHE OXT HXT  sing N N 278 
PO4 P   O1   doub N N 279 
PO4 P   O2   sing N N 280 
PO4 P   O3   sing N N 281 
PO4 P   O4   sing N N 282 
PRO N   CA   sing N N 283 
PRO N   CD   sing N N 284 
PRO N   H    sing N N 285 
PRO CA  C    sing N N 286 
PRO CA  CB   sing N N 287 
PRO CA  HA   sing N N 288 
PRO C   O    doub N N 289 
PRO C   OXT  sing N N 290 
PRO CB  CG   sing N N 291 
PRO CB  HB2  sing N N 292 
PRO CB  HB3  sing N N 293 
PRO CG  CD   sing N N 294 
PRO CG  HG2  sing N N 295 
PRO CG  HG3  sing N N 296 
PRO CD  HD2  sing N N 297 
PRO CD  HD3  sing N N 298 
PRO OXT HXT  sing N N 299 
SER N   CA   sing N N 300 
SER N   H    sing N N 301 
SER N   H2   sing N N 302 
SER CA  C    sing N N 303 
SER CA  CB   sing N N 304 
SER CA  HA   sing N N 305 
SER C   O    doub N N 306 
SER C   OXT  sing N N 307 
SER CB  OG   sing N N 308 
SER CB  HB2  sing N N 309 
SER CB  HB3  sing N N 310 
SER OG  HG   sing N N 311 
SER OXT HXT  sing N N 312 
THR N   CA   sing N N 313 
THR N   H    sing N N 314 
THR N   H2   sing N N 315 
THR CA  C    sing N N 316 
THR CA  CB   sing N N 317 
THR CA  HA   sing N N 318 
THR C   O    doub N N 319 
THR C   OXT  sing N N 320 
THR CB  OG1  sing N N 321 
THR CB  CG2  sing N N 322 
THR CB  HB   sing N N 323 
THR OG1 HG1  sing N N 324 
THR CG2 HG21 sing N N 325 
THR CG2 HG22 sing N N 326 
THR CG2 HG23 sing N N 327 
THR OXT HXT  sing N N 328 
TYR N   CA   sing N N 329 
TYR N   H    sing N N 330 
TYR N   H2   sing N N 331 
TYR CA  C    sing N N 332 
TYR CA  CB   sing N N 333 
TYR CA  HA   sing N N 334 
TYR C   O    doub N N 335 
TYR C   OXT  sing N N 336 
TYR CB  CG   sing N N 337 
TYR CB  HB2  sing N N 338 
TYR CB  HB3  sing N N 339 
TYR CG  CD1  doub Y N 340 
TYR CG  CD2  sing Y N 341 
TYR CD1 CE1  sing Y N 342 
TYR CD1 HD1  sing N N 343 
TYR CD2 CE2  doub Y N 344 
TYR CD2 HD2  sing N N 345 
TYR CE1 CZ   doub Y N 346 
TYR CE1 HE1  sing N N 347 
TYR CE2 CZ   sing Y N 348 
TYR CE2 HE2  sing N N 349 
TYR CZ  OH   sing N N 350 
TYR OH  HH   sing N N 351 
TYR OXT HXT  sing N N 352 
VAL N   CA   sing N N 353 
VAL N   H    sing N N 354 
VAL N   H2   sing N N 355 
VAL CA  C    sing N N 356 
VAL CA  CB   sing N N 357 
VAL CA  HA   sing N N 358 
VAL C   O    doub N N 359 
VAL C   OXT  sing N N 360 
VAL CB  CG1  sing N N 361 
VAL CB  CG2  sing N N 362 
VAL CB  HB   sing N N 363 
VAL CG1 HG11 sing N N 364 
VAL CG1 HG12 sing N N 365 
VAL CG1 HG13 sing N N 366 
VAL CG2 HG21 sing N N 367 
VAL CG2 HG22 sing N N 368 
VAL CG2 HG23 sing N N 369 
VAL OXT HXT  sing N N 370 
# 
_atom_sites.entry_id                    2ETS 
_atom_sites.fract_transf_matrix[1][1]   0.00862713 
_atom_sites.fract_transf_matrix[1][2]   -0.00410091 
_atom_sites.fract_transf_matrix[1][3]   0.00783821 
_atom_sites.fract_transf_matrix[2][1]   0.00976488 
_atom_sites.fract_transf_matrix[2][2]   0.00706743 
_atom_sites.fract_transf_matrix[2][3]   0.00268723 
_atom_sites.fract_transf_matrix[3][1]   -0.00497071 
_atom_sites.fract_transf_matrix[3][2]   0.00399328 
_atom_sites.fract_transf_matrix[3][3]   0.00756028 
_atom_sites.fract_transf_vector[1]      0.550084 
_atom_sites.fract_transf_vector[2]      0.666705 
_atom_sites.fract_transf_vector[3]      0.272675 
# 
loop_
_atom_type.symbol 
C  
CL 
N  
O  
P  
S  
SE 
# 
loop_
_atom_site.group_PDB 
_atom_site.id 
_atom_site.type_symbol 
_atom_site.label_atom_id 
_atom_site.label_alt_id 
_atom_site.label_comp_id 
_atom_site.label_asym_id 
_atom_site.label_entity_id 
_atom_site.label_seq_id 
_atom_site.pdbx_PDB_ins_code 
_atom_site.Cartn_x 
_atom_site.Cartn_y 
_atom_site.Cartn_z 
_atom_site.occupancy 
_atom_site.B_iso_or_equiv 
_atom_site.pdbx_formal_charge 
_atom_site.auth_seq_id 
_atom_site.auth_comp_id 
_atom_site.auth_asym_id 
_atom_site.auth_atom_id 
_atom_site.pdbx_PDB_model_num 
ATOM   1    N  N   . HIS A 1 8   ? -10.483 -15.422 4.683   1.00 86.68 ? -4  HIS A N   1 
ATOM   2    C  CA  . HIS A 1 8   ? -11.777 -15.961 5.215   1.00 87.70 ? -4  HIS A CA  1 
ATOM   3    C  C   . HIS A 1 8   ? -12.052 -15.666 6.711   1.00 88.92 ? -4  HIS A C   1 
ATOM   4    O  O   . HIS A 1 8   ? -13.213 -15.647 7.120   1.00 89.55 ? -4  HIS A O   1 
ATOM   5    C  CB  . HIS A 1 8   ? -11.888 -17.468 4.943   1.00 86.75 ? -4  HIS A CB  1 
ATOM   6    N  N   . HIS A 1 9   ? -11.007 -15.457 7.517   1.00 89.54 ? -3  HIS A N   1 
ATOM   7    C  CA  . HIS A 1 9   ? -11.158 -15.021 8.923   1.00 89.24 ? -3  HIS A CA  1 
ATOM   8    C  C   . HIS A 1 9   ? -11.105 -13.483 9.065   1.00 88.91 ? -3  HIS A C   1 
ATOM   9    O  O   . HIS A 1 9   ? -10.022 -12.900 9.140   1.00 86.78 ? -3  HIS A O   1 
ATOM   10   N  N   . HIS A 1 10  ? -12.283 -12.852 9.140   1.00 89.54 ? -2  HIS A N   1 
ATOM   11   C  CA  . HIS A 1 10  ? -12.427 -11.387 9.073   1.00 89.49 ? -2  HIS A CA  1 
ATOM   12   C  C   . HIS A 1 10  ? -12.731 -10.578 10.356  1.00 89.84 ? -2  HIS A C   1 
ATOM   13   O  O   . HIS A 1 10  ? -13.761 -9.908  10.447  1.00 91.31 ? -2  HIS A O   1 
ATOM   14   N  N   . HIS A 1 11  ? -11.866 -10.704 11.362  1.00 88.06 ? -1  HIS A N   1 
ATOM   15   C  CA  . HIS A 1 11  ? -11.452 -9.556  12.197  1.00 85.88 ? -1  HIS A CA  1 
ATOM   16   C  C   . HIS A 1 11  ? -9.930  -9.371  12.001  1.00 83.49 ? -1  HIS A C   1 
ATOM   17   O  O   . HIS A 1 11  ? -9.388  -8.263  12.130  1.00 83.75 ? -1  HIS A O   1 
ATOM   18   C  CB  . HIS A 1 11  ? -11.831 -9.734  13.669  1.00 85.93 ? -1  HIS A CB  1 
ATOM   19   C  CG  . HIS A 1 11  ? -10.697 -9.491  14.620  1.00 87.44 ? -1  HIS A CG  1 
ATOM   20   N  ND1 . HIS A 1 11  ? -9.742  -10.449 14.884  1.00 87.45 ? -1  HIS A ND1 1 
ATOM   21   C  CD2 . HIS A 1 11  ? -10.357 -8.405  15.357  1.00 86.99 ? -1  HIS A CD2 1 
ATOM   22   C  CE1 . HIS A 1 11  ? -8.866  -9.968  15.747  1.00 89.96 ? -1  HIS A CE1 1 
ATOM   23   N  NE2 . HIS A 1 11  ? -9.213  -8.730  16.048  1.00 88.34 ? -1  HIS A NE2 1 
ATOM   24   N  N   . HIS A 1 12  ? -9.266  -10.480 11.683  1.00 79.50 ? 0   HIS A N   1 
ATOM   25   C  CA  . HIS A 1 12  ? -7.894  -10.491 11.202  1.00 77.13 ? 0   HIS A CA  1 
ATOM   26   C  C   . HIS A 1 12  ? -7.748  -9.784  9.829   1.00 74.88 ? 0   HIS A C   1 
ATOM   27   O  O   . HIS A 1 12  ? -6.784  -9.046  9.610   1.00 73.08 ? 0   HIS A O   1 
ATOM   28   C  CB  . HIS A 1 12  ? -7.424  -11.951 11.146  1.00 78.08 ? 0   HIS A CB  1 
ATOM   29   C  CG  . HIS A 1 12  ? -6.031  -12.129 10.636  1.00 84.63 ? 0   HIS A CG  1 
ATOM   30   N  ND1 . HIS A 1 12  ? -5.729  -12.961 9.578   1.00 91.38 ? 0   HIS A ND1 1 
ATOM   31   C  CD2 . HIS A 1 12  ? -4.855  -11.586 11.034  1.00 92.34 ? 0   HIS A CD2 1 
ATOM   32   C  CE1 . HIS A 1 12  ? -4.431  -12.917 9.341   1.00 89.94 ? 0   HIS A CE1 1 
ATOM   33   N  NE2 . HIS A 1 12  ? -3.877  -12.090 10.211  1.00 93.38 ? 0   HIS A NE2 1 
HETATM 34   N  N   . MSE A 1 13  ? -8.697  -10.001 8.918   1.00 72.37 ? 1   MSE A N   1 
HETATM 35   C  CA  . MSE A 1 13  ? -8.672  -9.330  7.603   1.00 72.86 ? 1   MSE A CA  1 
HETATM 36   C  C   . MSE A 1 13  ? -8.874  -7.823  7.748   1.00 68.65 ? 1   MSE A C   1 
HETATM 37   O  O   . MSE A 1 13  ? -8.188  -7.018  7.102   1.00 68.66 ? 1   MSE A O   1 
HETATM 38   C  CB  . MSE A 1 13  ? -9.745  -9.887  6.682   1.00 70.25 ? 1   MSE A CB  1 
HETATM 39   C  CG  . MSE A 1 13  ? -9.437  -11.250 6.160   1.00 73.01 ? 1   MSE A CG  1 
HETATM 40   SE SE  . MSE A 1 13  ? -10.613 -11.683 4.667   0.70 81.45 ? 1   MSE A SE  1 
HETATM 41   C  CE  . MSE A 1 13  ? -12.270 -11.822 5.660   1.00 83.40 ? 1   MSE A CE  1 
ATOM   42   N  N   . ASN A 1 14  ? -9.845  -7.472  8.581   1.00 64.70 ? 2   ASN A N   1 
ATOM   43   C  CA  . ASN A 1 14  ? -10.082 -6.106  9.027   1.00 63.19 ? 2   ASN A CA  1 
ATOM   44   C  C   . ASN A 1 14  ? -8.795  -5.405  9.496   1.00 61.27 ? 2   ASN A C   1 
ATOM   45   O  O   . ASN A 1 14  ? -8.472  -4.287  9.064   1.00 57.07 ? 2   ASN A O   1 
ATOM   46   C  CB  . ASN A 1 14  ? -11.102 -6.124  10.182  1.00 64.88 ? 2   ASN A CB  1 
ATOM   47   C  CG  . ASN A 1 14  ? -12.034 -4.930  10.154  1.00 67.89 ? 2   ASN A CG  1 
ATOM   48   O  OD1 . ASN A 1 14  ? -11.952 -4.046  11.006  1.00 76.03 ? 2   ASN A OD1 1 
ATOM   49   N  ND2 . ASN A 1 14  ? -12.928 -4.897  9.169   1.00 62.46 ? 2   ASN A ND2 1 
ATOM   50   N  N   . ASP A 1 15  ? -8.070  -6.055  10.405  1.00 60.66 ? 3   ASP A N   1 
ATOM   51   C  CA  . ASP A 1 15  ? -6.851  -5.466  10.932  1.00 60.55 ? 3   ASP A CA  1 
ATOM   52   C  C   . ASP A 1 15  ? -5.763  -5.395  9.880   1.00 58.74 ? 3   ASP A C   1 
ATOM   53   O  O   . ASP A 1 15  ? -4.985  -4.449  9.862   1.00 56.24 ? 3   ASP A O   1 
ATOM   54   C  CB  . ASP A 1 15  ? -6.358  -6.237  12.159  1.00 62.50 ? 3   ASP A CB  1 
ATOM   55   C  CG  . ASP A 1 15  ? -7.329  -6.156  13.317  1.00 65.49 ? 3   ASP A CG  1 
ATOM   56   O  OD1 . ASP A 1 15  ? -8.009  -5.116  13.458  1.00 74.87 ? 3   ASP A OD1 1 
ATOM   57   O  OD2 . ASP A 1 15  ? -7.415  -7.137  14.084  1.00 74.02 ? 3   ASP A OD2 1 
ATOM   58   N  N   . LEU A 1 16  ? -5.705  -6.399  9.010   1.00 59.13 ? 4   LEU A N   1 
ATOM   59   C  CA  . LEU A 1 16  ? -4.748  -6.394  7.913   1.00 60.33 ? 4   LEU A CA  1 
ATOM   60   C  C   . LEU A 1 16  ? -4.973  -5.211  6.970   1.00 59.59 ? 4   LEU A C   1 
ATOM   61   O  O   . LEU A 1 16  ? -4.024  -4.545  6.581   1.00 56.12 ? 4   LEU A O   1 
ATOM   62   C  CB  . LEU A 1 16  ? -4.827  -7.698  7.104   1.00 61.85 ? 4   LEU A CB  1 
ATOM   63   C  CG  . LEU A 1 16  ? -3.941  -8.838  7.609   1.00 71.39 ? 4   LEU A CG  1 
ATOM   64   C  CD1 . LEU A 1 16  ? -4.348  -10.174 6.970   1.00 73.35 ? 4   LEU A CD1 1 
ATOM   65   C  CD2 . LEU A 1 16  ? -2.468  -8.521  7.324   1.00 74.16 ? 4   LEU A CD2 1 
ATOM   66   N  N   . VAL A 1 17  ? -6.234  -4.975  6.608   1.00 59.27 ? 5   VAL A N   1 
ATOM   67   C  CA  . VAL A 1 17  ? -6.595  -3.933  5.674   1.00 59.52 ? 5   VAL A CA  1 
ATOM   68   C  C   . VAL A 1 17  ? -6.379  -2.545  6.317   1.00 57.37 ? 5   VAL A C   1 
ATOM   69   O  O   . VAL A 1 17  ? -5.762  -1.640  5.704   1.00 51.75 ? 5   VAL A O   1 
ATOM   70   C  CB  . VAL A 1 17  ? -8.058  -4.158  5.107   1.00 62.29 ? 5   VAL A CB  1 
ATOM   71   C  CG1 . VAL A 1 17  ? -8.488  -3.043  4.154   1.00 58.52 ? 5   VAL A CG1 1 
ATOM   72   C  CG2 . VAL A 1 17  ? -8.152  -5.485  4.346   1.00 59.40 ? 5   VAL A CG2 1 
ATOM   73   N  N   . GLU A 1 18  ? -6.855  -2.391  7.547   1.00 58.07 ? 6   GLU A N   1 
ATOM   74   C  CA  . GLU A 1 18  ? -6.589  -1.170  8.341   1.00 60.56 ? 6   GLU A CA  1 
ATOM   75   C  C   . GLU A 1 18  ? -5.084  -0.899  8.484   1.00 60.63 ? 6   GLU A C   1 
ATOM   76   O  O   . GLU A 1 18  ? -4.630  0.255   8.474   1.00 60.22 ? 6   GLU A O   1 
ATOM   77   C  CB  . GLU A 1 18  ? -7.264  -1.251  9.728   1.00 56.52 ? 6   GLU A CB  1 
ATOM   78   C  CG  . GLU A 1 18  ? -8.667  -0.679  9.680   1.00 59.98 ? 6   GLU A CG  1 
ATOM   79   C  CD  . GLU A 1 18  ? -9.479  -0.892  10.952  1.00 64.57 ? 6   GLU A CD  1 
ATOM   80   O  OE1 . GLU A 1 18  ? -9.473  -2.019  11.509  1.00 72.62 ? 6   GLU A OE1 1 
ATOM   81   O  OE2 . GLU A 1 18  ? -10.140 0.080   11.392  1.00 68.68 ? 6   GLU A OE2 1 
ATOM   82   N  N   . SER A 1 19  ? -4.319  -1.978  8.610   1.00 60.04 ? 7   SER A N   1 
ATOM   83   C  CA  . SER A 1 19  ? -2.884  -1.869  8.620   1.00 60.32 ? 7   SER A CA  1 
ATOM   84   C  C   . SER A 1 19  ? -2.320  -1.305  7.322   1.00 57.57 ? 7   SER A C   1 
ATOM   85   O  O   . SER A 1 19  ? -1.418  -0.487  7.357   1.00 59.19 ? 7   SER A O   1 
ATOM   86   C  CB  . SER A 1 19  ? -2.249  -3.217  8.896   1.00 61.60 ? 7   SER A CB  1 
ATOM   87   O  OG  . SER A 1 19  ? -0.888  -3.010  9.199   1.00 70.80 ? 7   SER A OG  1 
ATOM   88   N  N   . LEU A 1 20  ? -2.819  -1.754  6.177   1.00 56.47 ? 8   LEU A N   1 
ATOM   89   C  CA  . LEU A 1 20  ? -2.348  -1.225  4.906   1.00 54.42 ? 8   LEU A CA  1 
ATOM   90   C  C   . LEU A 1 20  ? -2.802  0.231   4.723   1.00 51.51 ? 8   LEU A C   1 
ATOM   91   O  O   . LEU A 1 20  ? -2.077  1.058   4.193   1.00 51.61 ? 8   LEU A O   1 
ATOM   92   C  CB  . LEU A 1 20  ? -2.857  -2.072  3.735   1.00 56.67 ? 8   LEU A CB  1 
ATOM   93   C  CG  . LEU A 1 20  ? -2.292  -3.480  3.581   1.00 60.27 ? 8   LEU A CG  1 
ATOM   94   C  CD1 . LEU A 1 20  ? -3.070  -4.221  2.507   1.00 60.39 ? 8   LEU A CD1 1 
ATOM   95   C  CD2 . LEU A 1 20  ? -0.838  -3.410  3.208   1.00 60.10 ? 8   LEU A CD2 1 
ATOM   96   N  N   . ILE A 1 21  ? -4.021  0.535   5.128   1.00 51.67 ? 9   ILE A N   1 
ATOM   97   C  CA  . ILE A 1 21  ? -4.509  1.904   5.075   1.00 52.46 ? 9   ILE A CA  1 
ATOM   98   C  C   . ILE A 1 21  ? -3.573  2.859   5.813   1.00 52.40 ? 9   ILE A C   1 
ATOM   99   O  O   . ILE A 1 21  ? -3.090  3.863   5.226   1.00 52.22 ? 9   ILE A O   1 
ATOM   100  C  CB  . ILE A 1 21  ? -5.960  2.001   5.588   1.00 51.79 ? 9   ILE A CB  1 
ATOM   101  C  CG1 . ILE A 1 21  ? -6.879  1.357   4.514   1.00 49.82 ? 9   ILE A CG1 1 
ATOM   102  C  CG2 . ILE A 1 21  ? -6.370  3.469   5.802   1.00 49.42 ? 9   ILE A CG2 1 
ATOM   103  C  CD1 . ILE A 1 21  ? -8.346  1.231   4.919   1.00 54.71 ? 9   ILE A CD1 1 
ATOM   104  N  N   . TYR A 1 22  ? -3.287  2.531   7.065   1.00 50.85 ? 10  TYR A N   1 
ATOM   105  C  CA  . TYR A 1 22  ? -2.311  3.297   7.859   1.00 50.13 ? 10  TYR A CA  1 
ATOM   106  C  C   . TYR A 1 22  ? -0.994  3.423   7.090   1.00 48.46 ? 10  TYR A C   1 
ATOM   107  O  O   . TYR A 1 22  ? -0.444  4.524   6.966   1.00 45.38 ? 10  TYR A O   1 
ATOM   108  C  CB  . TYR A 1 22  ? -2.074  2.667   9.245   1.00 49.38 ? 10  TYR A CB  1 
ATOM   109  C  CG  . TYR A 1 22  ? -0.781  3.138   9.933   1.00 48.33 ? 10  TYR A CG  1 
ATOM   110  C  CD1 . TYR A 1 22  ? -0.732  4.301   10.746  1.00 58.10 ? 10  TYR A CD1 1 
ATOM   111  C  CD2 . TYR A 1 22  ? 0.382   2.420   9.782   1.00 53.49 ? 10  TYR A CD2 1 
ATOM   112  C  CE1 . TYR A 1 22  ? 0.473   4.710   11.364  1.00 57.05 ? 10  TYR A CE1 1 
ATOM   113  C  CE2 . TYR A 1 22  ? 1.565   2.806   10.401  1.00 53.90 ? 10  TYR A CE2 1 
ATOM   114  C  CZ  . TYR A 1 22  ? 1.621   3.944   11.155  1.00 61.01 ? 10  TYR A CZ  1 
ATOM   115  O  OH  . TYR A 1 22  ? 2.860   4.229   11.695  1.00 60.25 ? 10  TYR A OH  1 
ATOM   116  N  N   . GLU A 1 23  ? -0.490  2.286   6.572   1.00 46.79 ? 11  GLU A N   1 
ATOM   117  C  CA  . GLU A 1 23  ? 0.806   2.298   5.900   1.00 49.09 ? 11  GLU A CA  1 
ATOM   118  C  C   . GLU A 1 23  ? 0.846   3.163   4.607   1.00 50.25 ? 11  GLU A C   1 
ATOM   119  O  O   . GLU A 1 23  ? 1.824   3.876   4.348   1.00 50.86 ? 11  GLU A O   1 
ATOM   120  C  CB  . GLU A 1 23  ? 1.257   0.875   5.634   1.00 50.01 ? 11  GLU A CB  1 
ATOM   121  C  CG  . GLU A 1 23  ? 1.767   0.162   6.893   1.00 55.91 ? 11  GLU A CG  1 
ATOM   122  C  CD  . GLU A 1 23  ? 3.057   0.756   7.450   1.00 55.73 ? 11  GLU A CD  1 
ATOM   123  O  OE1 . GLU A 1 23  ? 3.529   1.788   6.903   1.00 59.84 ? 11  GLU A OE1 1 
ATOM   124  O  OE2 . GLU A 1 23  ? 3.603   0.182   8.430   1.00 62.05 ? 11  GLU A OE2 1 
ATOM   125  N  N   . VAL A 1 24  ? -0.229  3.113   3.820   1.00 51.37 ? 12  VAL A N   1 
ATOM   126  C  CA  . VAL A 1 24  ? -0.333  3.935   2.614   1.00 54.10 ? 12  VAL A CA  1 
ATOM   127  C  C   . VAL A 1 24  ? -0.346  5.456   2.992   1.00 55.08 ? 12  VAL A C   1 
ATOM   128  O  O   . VAL A 1 24  ? 0.249   6.298   2.301   1.00 57.08 ? 12  VAL A O   1 
ATOM   129  C  CB  . VAL A 1 24  ? -1.562  3.502   1.802   1.00 54.78 ? 12  VAL A CB  1 
ATOM   130  C  CG1 . VAL A 1 24  ? -1.842  4.444   0.656   1.00 58.11 ? 12  VAL A CG1 1 
ATOM   131  C  CG2 . VAL A 1 24  ? -1.360  2.064   1.260   1.00 57.37 ? 12  VAL A CG2 1 
ATOM   132  N  N   . ASN A 1 25  ? -1.012  5.807   4.081   1.00 54.29 ? 13  ASN A N   1 
ATOM   133  C  CA  . ASN A 1 25  ? -0.894  7.167   4.627   1.00 54.77 ? 13  ASN A CA  1 
ATOM   134  C  C   . ASN A 1 25  ? 0.520   7.552   5.040   1.00 52.16 ? 13  ASN A C   1 
ATOM   135  O  O   . ASN A 1 25  ? 1.000   8.629   4.780   1.00 53.61 ? 13  ASN A O   1 
ATOM   136  C  CB  . ASN A 1 25  ? -1.818  7.329   5.811   1.00 56.75 ? 13  ASN A CB  1 
ATOM   137  C  CG  . ASN A 1 25  ? -3.255  7.377   5.399   1.00 66.91 ? 13  ASN A CG  1 
ATOM   138  O  OD1 . ASN A 1 25  ? -3.605  8.050   4.425   1.00 79.90 ? 13  ASN A OD1 1 
ATOM   139  N  ND2 . ASN A 1 25  ? -4.107  6.657   6.126   1.00 77.25 ? 13  ASN A ND2 1 
ATOM   140  N  N   . ASN A 1 26  ? 1.206   6.636   5.657   1.00 54.61 ? 14  ASN A N   1 
ATOM   141  C  CA  . ASN A 1 26  ? 2.580   6.839   5.996   1.00 54.51 ? 14  ASN A CA  1 
ATOM   142  C  C   . ASN A 1 26  ? 3.426   7.066   4.762   1.00 54.32 ? 14  ASN A C   1 
ATOM   143  O  O   . ASN A 1 26  ? 4.337   7.870   4.780   1.00 55.93 ? 14  ASN A O   1 
ATOM   144  C  CB  . ASN A 1 26  ? 3.084   5.585   6.711   1.00 57.09 ? 14  ASN A CB  1 
ATOM   145  C  CG  . ASN A 1 26  ? 4.192   5.873   7.625   1.00 50.87 ? 14  ASN A CG  1 
ATOM   146  O  OD1 . ASN A 1 26  ? 4.136   6.833   8.379   1.00 67.55 ? 14  ASN A OD1 1 
ATOM   147  N  ND2 . ASN A 1 26  ? 5.225   5.036   7.595   1.00 69.50 ? 14  ASN A ND2 1 
HETATM 148  N  N   . MSE A 1 27  ? 3.163   6.303   3.711   1.00 53.25 ? 15  MSE A N   1 
HETATM 149  C  CA  . MSE A 1 27  ? 3.874   6.482   2.436   1.00 54.38 ? 15  MSE A CA  1 
HETATM 150  C  C   . MSE A 1 27  ? 3.664   7.887   1.878   1.00 52.74 ? 15  MSE A C   1 
HETATM 151  O  O   . MSE A 1 27  ? 4.569   8.458   1.303   1.00 52.82 ? 15  MSE A O   1 
HETATM 152  C  CB  . MSE A 1 27  ? 3.415   5.453   1.423   1.00 52.70 ? 15  MSE A CB  1 
HETATM 153  C  CG  . MSE A 1 27  ? 3.801   4.054   1.815   1.00 56.66 ? 15  MSE A CG  1 
HETATM 154  SE SE  . MSE A 1 27  ? 3.045   2.791   0.573   0.70 58.56 ? 15  MSE A SE  1 
HETATM 155  C  CE  . MSE A 1 27  ? 2.825   1.336   1.828   1.00 51.19 ? 15  MSE A CE  1 
ATOM   156  N  N   . GLN A 1 28  ? 2.475   8.452   2.052   1.00 53.21 ? 16  GLN A N   1 
ATOM   157  C  CA  . GLN A 1 28  ? 2.234   9.805   1.589   1.00 53.51 ? 16  GLN A CA  1 
ATOM   158  C  C   . GLN A 1 28  ? 3.118   10.802  2.367   1.00 50.88 ? 16  GLN A C   1 
ATOM   159  O  O   . GLN A 1 28  ? 3.702   11.715  1.786   1.00 51.93 ? 16  GLN A O   1 
ATOM   160  C  CB  . GLN A 1 28  ? 0.760   10.177  1.716   1.00 55.23 ? 16  GLN A CB  1 
ATOM   161  C  CG  . GLN A 1 28  ? 0.417   11.515  1.032   1.00 57.95 ? 16  GLN A CG  1 
ATOM   162  C  CD  . GLN A 1 28  ? -1.093  11.793  0.988   1.00 60.36 ? 16  GLN A CD  1 
ATOM   163  O  OE1 . GLN A 1 28  ? -1.906  11.016  1.505   1.00 69.06 ? 16  GLN A OE1 1 
ATOM   164  N  NE2 . GLN A 1 28  ? -1.468  12.917  0.378   1.00 62.22 ? 16  GLN A NE2 1 
ATOM   165  N  N   . GLN A 1 29  ? 3.262   10.595  3.656   1.00 50.17 ? 17  GLN A N   1 
ATOM   166  C  CA  . GLN A 1 29  ? 4.080   11.499  4.471   1.00 53.53 ? 17  GLN A CA  1 
ATOM   167  C  C   . GLN A 1 29  ? 5.557   11.376  4.110   1.00 53.04 ? 17  GLN A C   1 
ATOM   168  O  O   . GLN A 1 29  ? 6.247   12.369  4.051   1.00 49.91 ? 17  GLN A O   1 
ATOM   169  C  CB  . GLN A 1 29  ? 3.855   11.285  5.968   1.00 55.96 ? 17  GLN A CB  1 
ATOM   170  C  CG  . GLN A 1 29  ? 3.231   12.495  6.721   1.00 69.74 ? 17  GLN A CG  1 
ATOM   171  C  CD  . GLN A 1 29  ? 3.780   13.886  6.265   1.00 80.45 ? 17  GLN A CD  1 
ATOM   172  O  OE1 . GLN A 1 29  ? 4.973   14.197  6.422   1.00 79.37 ? 17  GLN A OE1 1 
ATOM   173  N  NE2 . GLN A 1 29  ? 2.894   14.712  5.697   1.00 81.25 ? 17  GLN A NE2 1 
ATOM   174  N  N   . ASN A 1 30  ? 6.010   10.159  3.806   1.00 55.17 ? 18  ASN A N   1 
ATOM   175  C  CA  . ASN A 1 30  ? 7.388   9.922   3.401   1.00 55.37 ? 18  ASN A CA  1 
ATOM   176  C  C   . ASN A 1 30  ? 7.707   10.641  2.085   1.00 54.15 ? 18  ASN A C   1 
ATOM   177  O  O   . ASN A 1 30  ? 8.758   11.263  1.909   1.00 53.20 ? 18  ASN A O   1 
ATOM   178  C  CB  . ASN A 1 30  ? 7.625   8.417   3.258   1.00 57.17 ? 18  ASN A CB  1 
ATOM   179  C  CG  . ASN A 1 30  ? 7.949   7.749   4.596   1.00 60.78 ? 18  ASN A CG  1 
ATOM   180  O  OD1 . ASN A 1 30  ? 8.986   8.005   5.164   1.00 66.90 ? 18  ASN A OD1 1 
ATOM   181  N  ND2 . ASN A 1 30  ? 7.045   6.921   5.105   1.00 61.52 ? 18  ASN A ND2 1 
ATOM   182  N  N   . PHE A 1 31  ? 6.776   10.559  1.161   1.00 53.69 ? 19  PHE A N   1 
ATOM   183  C  CA  . PHE A 1 31  ? 6.937   11.196  -0.123  1.00 53.33 ? 19  PHE A CA  1 
ATOM   184  C  C   . PHE A 1 31  ? 7.036   12.710  0.093   1.00 53.75 ? 19  PHE A C   1 
ATOM   185  O  O   . PHE A 1 31  ? 7.889   13.371  -0.491  1.00 56.00 ? 19  PHE A O   1 
ATOM   186  C  CB  . PHE A 1 31  ? 5.764   10.820  -1.029  1.00 51.53 ? 19  PHE A CB  1 
ATOM   187  C  CG  . PHE A 1 31  ? 5.720   11.589  -2.317  1.00 53.25 ? 19  PHE A CG  1 
ATOM   188  C  CD1 . PHE A 1 31  ? 6.607   11.287  -3.347  1.00 53.02 ? 19  PHE A CD1 1 
ATOM   189  C  CD2 . PHE A 1 31  ? 4.797   12.607  -2.502  1.00 54.32 ? 19  PHE A CD2 1 
ATOM   190  C  CE1 . PHE A 1 31  ? 6.564   11.971  -4.545  1.00 51.08 ? 19  PHE A CE1 1 
ATOM   191  C  CE2 . PHE A 1 31  ? 4.752   13.302  -3.712  1.00 61.97 ? 19  PHE A CE2 1 
ATOM   192  C  CZ  . PHE A 1 31  ? 5.640   12.973  -4.744  1.00 47.26 ? 19  PHE A CZ  1 
ATOM   193  N  N   . GLU A 1 32  ? 6.169   13.253  0.939   1.00 55.01 ? 20  GLU A N   1 
ATOM   194  C  CA  . GLU A 1 32  ? 6.220   14.678  1.281   1.00 55.92 ? 20  GLU A CA  1 
ATOM   195  C  C   . GLU A 1 32  ? 7.534   15.071  1.911   1.00 53.56 ? 20  GLU A C   1 
ATOM   196  O  O   . GLU A 1 32  ? 8.011   16.179  1.685   1.00 54.17 ? 20  GLU A O   1 
ATOM   197  C  CB  . GLU A 1 32  ? 5.075   15.084  2.216   1.00 56.16 ? 20  GLU A CB  1 
ATOM   198  C  CG  . GLU A 1 32  ? 3.719   15.137  1.545   1.00 66.06 ? 20  GLU A CG  1 
ATOM   199  C  CD  . GLU A 1 32  ? 3.644   16.073  0.332   1.00 67.73 ? 20  GLU A CD  1 
ATOM   200  O  OE1 . GLU A 1 32  ? 4.303   17.141  0.301   1.00 76.57 ? 20  GLU A OE1 1 
ATOM   201  O  OE2 . GLU A 1 32  ? 2.876   15.738  -0.586  1.00 70.12 ? 20  GLU A OE2 1 
ATOM   202  N  N   . ASN A 1 33  ? 8.106   14.174  2.704   1.00 53.35 ? 21  ASN A N   1 
ATOM   203  C  CA  A ASN A 1 33  ? 9.370   14.476  3.350   0.50 53.56 ? 21  ASN A CA  1 
ATOM   204  C  CA  B ASN A 1 33  ? 9.410   14.371  3.367   0.50 53.41 ? 21  ASN A CA  1 
ATOM   205  C  C   . ASN A 1 33  ? 10.526  14.492  2.350   1.00 53.39 ? 21  ASN A C   1 
ATOM   206  O  O   . ASN A 1 33  ? 11.284  15.450  2.351   1.00 49.20 ? 21  ASN A O   1 
ATOM   207  C  CB  A ASN A 1 33  ? 9.625   13.540  4.535   0.50 52.46 ? 21  ASN A CB  1 
ATOM   208  C  CB  B ASN A 1 33  ? 9.722   13.183  4.304   0.50 52.55 ? 21  ASN A CB  1 
ATOM   209  C  CG  A ASN A 1 33  ? 8.732   13.859  5.748   0.50 51.01 ? 21  ASN A CG  1 
ATOM   210  C  CG  B ASN A 1 33  ? 11.100  13.285  4.973   0.50 55.56 ? 21  ASN A CG  1 
ATOM   211  O  OD1 A ASN A 1 33  ? 8.822   13.195  6.776   0.50 57.22 ? 21  ASN A OD1 1 
ATOM   212  O  OD1 B ASN A 1 33  ? 11.254  13.962  5.992   0.50 53.40 ? 21  ASN A OD1 1 
ATOM   213  N  ND2 A ASN A 1 33  ? 7.880   14.872  5.628   0.50 52.02 ? 21  ASN A ND2 1 
ATOM   214  N  ND2 B ASN A 1 33  ? 12.097  12.578  4.424   0.50 52.69 ? 21  ASN A ND2 1 
ATOM   215  N  N   . VAL A 1 34  ? 10.627  13.480  1.470   1.00 55.24 ? 22  VAL A N   1 
ATOM   216  C  CA  . VAL A 1 34  ? 11.733  13.472  0.481   1.00 57.51 ? 22  VAL A CA  1 
ATOM   217  C  C   . VAL A 1 34  ? 11.618  14.649  -0.497  1.00 54.41 ? 22  VAL A C   1 
ATOM   218  O  O   . VAL A 1 34  ? 12.620  15.158  -0.992  1.00 54.32 ? 22  VAL A O   1 
ATOM   219  C  CB  . VAL A 1 34  ? 11.917  12.092  -0.303  1.00 57.64 ? 22  VAL A CB  1 
ATOM   220  C  CG1 . VAL A 1 34  ? 12.043  10.945  0.677   1.00 65.53 ? 22  VAL A CG1 1 
ATOM   221  C  CG2 . VAL A 1 34  ? 10.797  11.818  -1.299  1.00 63.96 ? 22  VAL A CG2 1 
ATOM   222  N  N   . LYS A 1 35  ? 10.392  15.078  -0.751  1.00 53.83 ? 23  LYS A N   1 
ATOM   223  C  CA  . LYS A 1 35  ? 10.119  16.156  -1.688  1.00 54.20 ? 23  LYS A CA  1 
ATOM   224  C  C   . LYS A 1 35  ? 10.491  17.526  -1.101  1.00 52.82 ? 23  LYS A C   1 
ATOM   225  O  O   . LYS A 1 35  ? 11.072  18.351  -1.821  1.00 51.36 ? 23  LYS A O   1 
ATOM   226  C  CB  . LYS A 1 35  ? 8.640   16.152  -2.102  1.00 54.09 ? 23  LYS A CB  1 
ATOM   227  C  CG  . LYS A 1 35  ? 8.242   15.105  -3.166  1.00 60.18 ? 23  LYS A CG  1 
ATOM   228  C  CD  . LYS A 1 35  ? 9.096   15.261  -4.444  1.00 57.88 ? 23  LYS A CD  1 
ATOM   229  C  CE  . LYS A 1 35  ? 8.369   15.063  -5.694  1.00 56.33 ? 23  LYS A CE  1 
ATOM   230  N  NZ  . LYS A 1 35  ? 9.325   14.855  -6.830  1.00 52.65 ? 23  LYS A NZ  1 
ATOM   231  N  N   . SER A 1 36  ? 10.127  17.788  0.167   1.00 52.73 ? 24  SER A N   1 
ATOM   232  C  CA  . SER A 1 36  ? 10.479  19.076  0.807   1.00 54.65 ? 24  SER A CA  1 
ATOM   233  C  C   . SER A 1 36  ? 11.966  19.129  1.004   1.00 51.82 ? 24  SER A C   1 
ATOM   234  O  O   . SER A 1 36  ? 12.590  20.141  0.689   1.00 50.78 ? 24  SER A O   1 
ATOM   235  C  CB  . SER A 1 36  ? 9.793   19.338  2.178   1.00 56.04 ? 24  SER A CB  1 
ATOM   236  O  OG  . SER A 1 36  ? 9.536   18.140  2.882   1.00 68.42 ? 24  SER A OG  1 
ATOM   237  N  N   . GLN A 1 37  ? 12.518  18.019  1.500   1.00 47.46 ? 25  GLN A N   1 
ATOM   238  C  CA  . GLN A 1 37  ? 13.921  17.940  1.854   1.00 48.95 ? 25  GLN A CA  1 
ATOM   239  C  C   . GLN A 1 37  ? 14.827  17.798  0.652   1.00 46.92 ? 25  GLN A C   1 
ATOM   240  O  O   . GLN A 1 37  ? 16.024  17.998  0.755   1.00 47.76 ? 25  GLN A O   1 
ATOM   241  C  CB  . GLN A 1 37  ? 14.158  16.746  2.772   1.00 49.10 ? 25  GLN A CB  1 
ATOM   242  C  CG  . GLN A 1 37  ? 13.560  16.914  4.158   1.00 53.70 ? 25  GLN A CG  1 
ATOM   243  C  CD  . GLN A 1 37  ? 13.763  15.676  5.024   1.00 55.74 ? 25  GLN A CD  1 
ATOM   244  O  OE1 . GLN A 1 37  ? 13.697  14.543  4.519   1.00 83.13 ? 25  GLN A OE1 1 
ATOM   245  N  NE2 . GLN A 1 37  ? 14.012  15.877  6.328   1.00 69.75 ? 25  GLN A NE2 1 
ATOM   246  N  N   . GLN A 1 38  ? 14.272  17.391  -0.475  1.00 48.97 ? 26  GLN A N   1 
ATOM   247  C  CA  . GLN A 1 38  ? 15.054  17.118  -1.679  1.00 49.42 ? 26  GLN A CA  1 
ATOM   248  C  C   . GLN A 1 38  ? 16.235  16.170  -1.418  1.00 49.92 ? 26  GLN A C   1 
ATOM   249  O  O   . GLN A 1 38  ? 17.370  16.399  -1.861  1.00 48.47 ? 26  GLN A O   1 
ATOM   250  C  CB  . GLN A 1 38  ? 15.490  18.450  -2.279  1.00 48.34 ? 26  GLN A CB  1 
ATOM   251  C  CG  . GLN A 1 38  ? 14.375  19.103  -3.033  1.00 44.57 ? 26  GLN A CG  1 
ATOM   252  C  CD  . GLN A 1 38  ? 14.040  18.324  -4.279  1.00 46.57 ? 26  GLN A CD  1 
ATOM   253  O  OE1 . GLN A 1 38  ? 14.891  18.136  -5.124  1.00 51.99 ? 26  GLN A OE1 1 
ATOM   254  N  NE2 . GLN A 1 38  ? 12.802  17.858  -4.393  1.00 39.99 ? 26  GLN A NE2 1 
ATOM   255  N  N   . GLN A 1 39  ? 15.951  15.127  -0.650  1.00 50.27 ? 27  GLN A N   1 
ATOM   256  C  CA  . GLN A 1 39  ? 16.930  14.105  -0.341  1.00 53.47 ? 27  GLN A CA  1 
ATOM   257  C  C   . GLN A 1 39  ? 16.272  12.702  -0.342  1.00 52.99 ? 27  GLN A C   1 
ATOM   258  O  O   . GLN A 1 39  ? 15.272  12.465  0.355   1.00 52.82 ? 27  GLN A O   1 
ATOM   259  C  CB  . GLN A 1 39  ? 17.596  14.404  1.015   1.00 53.57 ? 27  GLN A CB  1 
ATOM   260  C  CG  . GLN A 1 39  ? 18.963  13.732  1.161   1.00 57.77 ? 27  GLN A CG  1 
ATOM   261  C  CD  . GLN A 1 39  ? 19.604  13.991  2.485   1.00 60.73 ? 27  GLN A CD  1 
ATOM   262  O  OE1 . GLN A 1 39  ? 19.197  14.897  3.219   1.00 81.73 ? 27  GLN A OE1 1 
ATOM   263  N  NE2 . GLN A 1 39  ? 20.631  13.213  2.808   1.00 68.76 ? 27  GLN A NE2 1 
ATOM   264  N  N   . ASP A 1 40  ? 16.817  11.786  -1.139  1.00 51.74 ? 28  ASP A N   1 
ATOM   265  C  CA  . ASP A 1 40  ? 16.396  10.378  -1.086  1.00 51.61 ? 28  ASP A CA  1 
ATOM   266  C  C   . ASP A 1 40  ? 16.684  9.761   0.283   1.00 51.65 ? 28  ASP A C   1 
ATOM   267  O  O   . ASP A 1 40  ? 17.732  10.044  0.860   1.00 50.49 ? 28  ASP A O   1 
ATOM   268  C  CB  . ASP A 1 40  ? 17.182  9.563   -2.101  1.00 51.55 ? 28  ASP A CB  1 
ATOM   269  C  CG  . ASP A 1 40  ? 16.823  9.878   -3.516  1.00 54.04 ? 28  ASP A CG  1 
ATOM   270  O  OD1 . ASP A 1 40  ? 15.739  10.461  -3.763  1.00 56.93 ? 28  ASP A OD1 1 
ATOM   271  O  OD2 . ASP A 1 40  ? 17.651  9.534   -4.390  1.00 60.97 ? 28  ASP A OD2 1 
ATOM   272  N  N   . HIS A 1 41  ? 15.796  8.900   0.794   1.00 51.21 ? 29  HIS A N   1 
ATOM   273  C  CA  . HIS A 1 41  ? 16.132  8.120   2.001   1.00 51.06 ? 29  HIS A CA  1 
ATOM   274  C  C   . HIS A 1 41  ? 17.206  7.091   1.670   1.00 51.51 ? 29  HIS A C   1 
ATOM   275  O  O   . HIS A 1 41  ? 17.364  6.678   0.513   1.00 48.93 ? 29  HIS A O   1 
ATOM   276  C  CB  . HIS A 1 41  ? 14.932  7.381   2.571   1.00 51.41 ? 29  HIS A CB  1 
ATOM   277  C  CG  . HIS A 1 41  ? 13.868  8.278   3.110   1.00 54.75 ? 29  HIS A CG  1 
ATOM   278  N  ND1 . HIS A 1 41  ? 12.528  7.972   3.025   1.00 56.84 ? 29  HIS A ND1 1 
ATOM   279  C  CD2 . HIS A 1 41  ? 13.945  9.476   3.738   1.00 60.94 ? 29  HIS A CD2 1 
ATOM   280  C  CE1 . HIS A 1 41  ? 11.825  8.939   3.590   1.00 55.90 ? 29  HIS A CE1 1 
ATOM   281  N  NE2 . HIS A 1 41  ? 12.659  9.867   4.019   1.00 54.66 ? 29  HIS A NE2 1 
ATOM   282  N  N   . ASP A 1 42  ? 17.936  6.672   2.694   1.00 52.88 ? 30  ASP A N   1 
ATOM   283  C  CA  . ASP A 1 42  ? 19.017  5.710   2.527   1.00 52.57 ? 30  ASP A CA  1 
ATOM   284  C  C   . ASP A 1 42  ? 18.462  4.353   2.155   1.00 51.13 ? 30  ASP A C   1 
ATOM   285  O  O   . ASP A 1 42  ? 17.543  3.838   2.815   1.00 50.71 ? 30  ASP A O   1 
ATOM   286  C  CB  . ASP A 1 42  ? 19.827  5.571   3.809   1.00 54.47 ? 30  ASP A CB  1 
ATOM   287  C  CG  . ASP A 1 42  ? 20.945  4.568   3.647   1.00 61.89 ? 30  ASP A CG  1 
ATOM   288  O  OD1 . ASP A 1 42  ? 21.904  4.882   2.917   1.00 73.09 ? 30  ASP A OD1 1 
ATOM   289  O  OD2 . ASP A 1 42  ? 20.836  3.449   4.179   1.00 71.48 ? 30  ASP A OD2 1 
ATOM   290  N  N   . PHE A 1 43  ? 19.013  3.751   1.108   1.00 50.19 ? 31  PHE A N   1 
ATOM   291  C  CA  . PHE A 1 43  ? 18.465  2.499   0.643   1.00 47.47 ? 31  PHE A CA  1 
ATOM   292  C  C   . PHE A 1 43  ? 18.460  1.396   1.719   1.00 49.12 ? 31  PHE A C   1 
ATOM   293  O  O   . PHE A 1 43  ? 17.412  0.772   1.959   1.00 47.61 ? 31  PHE A O   1 
ATOM   294  C  CB  . PHE A 1 43  ? 19.182  1.993   -0.594  1.00 47.40 ? 31  PHE A CB  1 
ATOM   295  C  CG  . PHE A 1 43  ? 18.519  0.798   -1.171  1.00 42.93 ? 31  PHE A CG  1 
ATOM   296  C  CD1 . PHE A 1 43  ? 17.289  0.930   -1.831  1.00 47.29 ? 31  PHE A CD1 1 
ATOM   297  C  CD2 . PHE A 1 43  ? 19.047  -0.451  -0.994  1.00 42.00 ? 31  PHE A CD2 1 
ATOM   298  C  CE1 . PHE A 1 43  ? 16.623  -0.187  -2.342  1.00 50.81 ? 31  PHE A CE1 1 
ATOM   299  C  CE2 . PHE A 1 43  ? 18.401  -1.594  -1.500  1.00 44.70 ? 31  PHE A CE2 1 
ATOM   300  C  CZ  . PHE A 1 43  ? 17.195  -1.467  -2.180  1.00 46.43 ? 31  PHE A CZ  1 
ATOM   301  N  N   . TYR A 1 44  ? 19.615  1.148   2.350   1.00 48.60 ? 32  TYR A N   1 
ATOM   302  C  CA  . TYR A 1 44  ? 19.765  -0.012  3.243   1.00 49.72 ? 32  TYR A CA  1 
ATOM   303  C  C   . TYR A 1 44  ? 19.244  0.239   4.650   1.00 51.17 ? 32  TYR A C   1 
ATOM   304  O  O   . TYR A 1 44  ? 18.752  -0.683  5.294   1.00 52.56 ? 32  TYR A O   1 
ATOM   305  C  CB  . TYR A 1 44  ? 21.230  -0.526  3.285   1.00 50.56 ? 32  TYR A CB  1 
ATOM   306  C  CG  . TYR A 1 44  ? 21.653  -1.123  1.958   1.00 49.15 ? 32  TYR A CG  1 
ATOM   307  C  CD1 . TYR A 1 44  ? 21.053  -2.283  1.473   1.00 51.40 ? 32  TYR A CD1 1 
ATOM   308  C  CD2 . TYR A 1 44  ? 22.607  -0.500  1.164   1.00 49.06 ? 32  TYR A CD2 1 
ATOM   309  C  CE1 . TYR A 1 44  ? 21.406  -2.819  0.231   1.00 50.84 ? 32  TYR A CE1 1 
ATOM   310  C  CE2 . TYR A 1 44  ? 22.969  -1.022  -0.075  1.00 48.11 ? 32  TYR A CE2 1 
ATOM   311  C  CZ  . TYR A 1 44  ? 22.371  -2.179  -0.534  1.00 47.71 ? 32  TYR A CZ  1 
ATOM   312  O  OH  . TYR A 1 44  ? 22.728  -2.691  -1.759  1.00 48.19 ? 32  TYR A OH  1 
ATOM   313  N  N   . GLN A 1 45  ? 19.333  1.478   5.118   1.00 52.73 ? 33  GLN A N   1 
ATOM   314  C  CA  . GLN A 1 45  ? 18.860  1.827   6.447   1.00 53.45 ? 33  GLN A CA  1 
ATOM   315  C  C   . GLN A 1 45  ? 17.383  2.121   6.518   1.00 54.23 ? 33  GLN A C   1 
ATOM   316  O  O   . GLN A 1 45  ? 16.798  1.958   7.582   1.00 55.18 ? 33  GLN A O   1 
ATOM   317  C  CB  . GLN A 1 45  ? 19.623  3.041   6.980   1.00 56.31 ? 33  GLN A CB  1 
ATOM   318  C  CG  . GLN A 1 45  ? 21.107  2.768   7.232   1.00 62.95 ? 33  GLN A CG  1 
ATOM   319  C  CD  . GLN A 1 45  ? 21.321  1.631   8.215   1.00 68.17 ? 33  GLN A CD  1 
ATOM   320  O  OE1 . GLN A 1 45  ? 21.181  1.811   9.425   1.00 75.36 ? 33  GLN A OE1 1 
ATOM   321  N  NE2 . GLN A 1 45  ? 21.643  0.448   7.697   1.00 68.86 ? 33  GLN A NE2 1 
ATOM   322  N  N   . THR A 1 46  ? 16.779  2.550   5.403   1.00 54.93 ? 34  THR A N   1 
ATOM   323  C  CA  . THR A 1 46  ? 15.383  3.003   5.395   1.00 53.99 ? 34  THR A CA  1 
ATOM   324  C  C   . THR A 1 46  ? 14.495  2.273   4.372   1.00 54.89 ? 34  THR A C   1 
ATOM   325  O  O   . THR A 1 46  ? 13.458  1.744   4.730   1.00 56.26 ? 34  THR A O   1 
ATOM   326  C  CB  . THR A 1 46  ? 15.277  4.520   5.097   1.00 53.87 ? 34  THR A CB  1 
ATOM   327  O  OG1 . THR A 1 46  ? 16.154  5.270   5.957   1.00 51.11 ? 34  THR A OG1 1 
ATOM   328  C  CG2 . THR A 1 46  ? 13.812  5.008   5.263   1.00 55.09 ? 34  THR A CG2 1 
ATOM   329  N  N   . VAL A 1 47  ? 14.884  2.268   3.105   1.00 53.09 ? 35  VAL A N   1 
ATOM   330  C  CA  . VAL A 1 47  ? 14.019  1.726   2.041   1.00 55.14 ? 35  VAL A CA  1 
ATOM   331  C  C   . VAL A 1 47  ? 13.842  0.204   2.111   1.00 54.04 ? 35  VAL A C   1 
ATOM   332  O  O   . VAL A 1 47  ? 12.714  -0.286  2.048   1.00 56.78 ? 35  VAL A O   1 
ATOM   333  C  CB  . VAL A 1 47  ? 14.515  2.112   0.623   1.00 52.94 ? 35  VAL A CB  1 
ATOM   334  C  CG1 . VAL A 1 47  ? 13.523  1.632   -0.436  1.00 58.04 ? 35  VAL A CG1 1 
ATOM   335  C  CG2 . VAL A 1 47  ? 14.705  3.621   0.535   1.00 49.38 ? 35  VAL A CG2 1 
ATOM   336  N  N   . LYS A 1 48  ? 14.940  -0.525  2.202   1.00 51.75 ? 36  LYS A N   1 
ATOM   337  C  CA  . LYS A 1 48  ? 14.885  -1.978  2.250   1.00 54.04 ? 36  LYS A CA  1 
ATOM   338  C  C   . LYS A 1 48  ? 14.050  -2.474  3.444   1.00 53.40 ? 36  LYS A C   1 
ATOM   339  O  O   . LYS A 1 48  ? 13.083  -3.218  3.252   1.00 54.58 ? 36  LYS A O   1 
ATOM   340  C  CB  . LYS A 1 48  ? 16.305  -2.586  2.279   1.00 56.38 ? 36  LYS A CB  1 
ATOM   341  C  CG  . LYS A 1 48  ? 16.360  -4.075  1.939   1.00 55.60 ? 36  LYS A CG  1 
ATOM   342  C  CD  . LYS A 1 48  ? 17.792  -4.623  2.015   1.00 57.71 ? 36  LYS A CD  1 
ATOM   343  C  CE  . LYS A 1 48  ? 17.838  -6.188  1.923   1.00 55.27 ? 36  LYS A CE  1 
ATOM   344  N  NZ  . LYS A 1 48  ? 18.128  -6.881  3.245   1.00 57.68 ? 36  LYS A NZ  1 
ATOM   345  N  N   . PRO A 1 49  ? 14.386  -2.036  4.669   1.00 50.85 ? 37  PRO A N   1 
ATOM   346  C  CA  . PRO A 1 49  ? 13.575  -2.480  5.796   1.00 50.86 ? 37  PRO A CA  1 
ATOM   347  C  C   . PRO A 1 49  ? 12.089  -2.132  5.685   1.00 49.18 ? 37  PRO A C   1 
ATOM   348  O  O   . PRO A 1 49  ? 11.231  -2.928  6.058   1.00 47.55 ? 37  PRO A O   1 
ATOM   349  C  CB  . PRO A 1 49  ? 14.204  -1.745  6.997   1.00 53.93 ? 37  PRO A CB  1 
ATOM   350  C  CG  . PRO A 1 49  ? 15.555  -1.335  6.560   1.00 54.33 ? 37  PRO A CG  1 
ATOM   351  C  CD  . PRO A 1 49  ? 15.435  -1.087  5.088   1.00 50.14 ? 37  PRO A CD  1 
ATOM   352  N  N   . TYR A 1 50  ? 11.788  -0.964  5.138   1.00 46.65 ? 38  TYR A N   1 
ATOM   353  C  CA  . TYR A 1 50  ? 10.419  -0.529  5.016   1.00 46.04 ? 38  TYR A CA  1 
ATOM   354  C  C   . TYR A 1 50  ? 9.629   -1.384  4.034   1.00 49.09 ? 38  TYR A C   1 
ATOM   355  O  O   . TYR A 1 50  ? 8.521   -1.852  4.334   1.00 51.27 ? 38  TYR A O   1 
ATOM   356  C  CB  . TYR A 1 50  ? 10.349  0.930   4.566   1.00 45.24 ? 38  TYR A CB  1 
ATOM   357  C  CG  . TYR A 1 50  ? 8.930   1.405   4.523   1.00 42.73 ? 38  TYR A CG  1 
ATOM   358  C  CD1 . TYR A 1 50  ? 8.218   1.638   5.712   1.00 49.95 ? 38  TYR A CD1 1 
ATOM   359  C  CD2 . TYR A 1 50  ? 8.265   1.542   3.317   1.00 48.21 ? 38  TYR A CD2 1 
ATOM   360  C  CE1 . TYR A 1 50  ? 6.890   2.073   5.675   1.00 50.92 ? 38  TYR A CE1 1 
ATOM   361  C  CE2 . TYR A 1 50  ? 6.934   1.934   3.266   1.00 52.50 ? 38  TYR A CE2 1 
ATOM   362  C  CZ  . TYR A 1 50  ? 6.267   2.228   4.449   1.00 48.55 ? 38  TYR A CZ  1 
ATOM   363  O  OH  . TYR A 1 50  ? 4.959   2.611   4.402   1.00 51.88 ? 38  TYR A OH  1 
ATOM   364  N  N   . THR A 1 51  ? 10.204  -1.576  2.856   1.00 50.48 ? 39  THR A N   1 
ATOM   365  C  CA  . THR A 1 51  ? 9.559   -2.386  1.792   1.00 52.38 ? 39  THR A CA  1 
ATOM   366  C  C   . THR A 1 51  ? 9.435   -3.840  2.219   1.00 50.99 ? 39  THR A C   1 
ATOM   367  O  O   . THR A 1 51  ? 8.450   -4.485  1.931   1.00 52.29 ? 39  THR A O   1 
ATOM   368  C  CB  . THR A 1 51  ? 10.341  -2.337  0.489   1.00 52.00 ? 39  THR A CB  1 
ATOM   369  O  OG1 . THR A 1 51  ? 11.666  -2.833  0.727   1.00 50.21 ? 39  THR A OG1 1 
ATOM   370  C  CG2 . THR A 1 51  ? 10.378  -0.924  -0.054  1.00 48.40 ? 39  THR A CG2 1 
ATOM   371  N  N   . GLU A 1 52  ? 10.422  -4.350  2.925   1.00 53.16 ? 40  GLU A N   1 
ATOM   372  C  CA  . GLU A 1 52  ? 10.303  -5.696  3.493   1.00 55.72 ? 40  GLU A CA  1 
ATOM   373  C  C   . GLU A 1 52  ? 9.182   -5.811  4.538   1.00 55.46 ? 40  GLU A C   1 
ATOM   374  O  O   . GLU A 1 52  ? 8.508   -6.830  4.605   1.00 57.55 ? 40  GLU A O   1 
ATOM   375  C  CB  . GLU A 1 52  ? 11.633  -6.125  4.088   1.00 54.89 ? 40  GLU A CB  1 
ATOM   376  C  CG  . GLU A 1 52  ? 12.680  -6.396  3.020   1.00 59.74 ? 40  GLU A CG  1 
ATOM   377  C  CD  . GLU A 1 52  ? 13.976  -6.943  3.602   1.00 62.83 ? 40  GLU A CD  1 
ATOM   378  O  OE1 . GLU A 1 52  ? 14.135  -6.935  4.853   1.00 72.32 ? 40  GLU A OE1 1 
ATOM   379  O  OE2 . GLU A 1 52  ? 14.829  -7.375  2.797   1.00 64.13 ? 40  GLU A OE2 1 
ATOM   380  N  N   . HIS A 1 53  ? 8.967   -4.772  5.337   1.00 52.98 ? 41  HIS A N   1 
ATOM   381  C  CA  . HIS A 1 53  ? 7.869   -4.783  6.312   1.00 51.52 ? 41  HIS A CA  1 
ATOM   382  C  C   . HIS A 1 53  ? 6.527   -4.750  5.566   1.00 50.86 ? 41  HIS A C   1 
ATOM   383  O  O   . HIS A 1 53  ? 5.572   -5.433  5.938   1.00 52.41 ? 41  HIS A O   1 
ATOM   384  C  CB  . HIS A 1 53  ? 8.013   -3.616  7.296   1.00 47.96 ? 41  HIS A CB  1 
ATOM   385  C  CG  . HIS A 1 53  ? 6.729   -3.155  7.918   1.00 46.93 ? 41  HIS A CG  1 
ATOM   386  N  ND1 . HIS A 1 53  ? 6.117   -3.814  8.967   1.00 48.41 ? 41  HIS A ND1 1 
ATOM   387  C  CD2 . HIS A 1 53  ? 5.984   -2.045  7.686   1.00 52.65 ? 41  HIS A CD2 1 
ATOM   388  C  CE1 . HIS A 1 53  ? 5.024   -3.156  9.318   1.00 48.29 ? 41  HIS A CE1 1 
ATOM   389  N  NE2 . HIS A 1 53  ? 4.919   -2.076  8.556   1.00 43.05 ? 41  HIS A NE2 1 
ATOM   390  N  N   . ILE A 1 54  ? 6.462   -3.950  4.518   1.00 50.47 ? 42  ILE A N   1 
ATOM   391  C  CA  . ILE A 1 54  ? 5.270   -3.941  3.645   1.00 51.93 ? 42  ILE A CA  1 
ATOM   392  C  C   . ILE A 1 54  ? 5.033   -5.325  2.963   1.00 51.69 ? 42  ILE A C   1 
ATOM   393  O  O   . ILE A 1 54  ? 3.897   -5.823  2.916   1.00 50.38 ? 42  ILE A O   1 
ATOM   394  C  CB  . ILE A 1 54  ? 5.377   -2.831  2.594   1.00 53.60 ? 42  ILE A CB  1 
ATOM   395  C  CG1 . ILE A 1 54  ? 5.449   -1.431  3.244   1.00 58.18 ? 42  ILE A CG1 1 
ATOM   396  C  CG2 . ILE A 1 54  ? 4.202   -2.896  1.590   1.00 58.45 ? 42  ILE A CG2 1 
ATOM   397  C  CD1 . ILE A 1 54  ? 4.352   -1.105  4.257   1.00 58.04 ? 42  ILE A CD1 1 
ATOM   398  N  N   . ASP A 1 55  ? 6.104   -5.950  2.462   1.00 49.63 ? 43  ASP A N   1 
ATOM   399  C  CA  . ASP A 1 55  ? 5.992   -7.293  1.909   1.00 51.01 ? 43  ASP A CA  1 
ATOM   400  C  C   . ASP A 1 55  ? 5.414   -8.277  2.933   1.00 50.67 ? 43  ASP A C   1 
ATOM   401  O  O   . ASP A 1 55  ? 4.616   -9.138  2.558   1.00 51.16 ? 43  ASP A O   1 
ATOM   402  C  CB  . ASP A 1 55  ? 7.352   -7.814  1.396   1.00 52.39 ? 43  ASP A CB  1 
ATOM   403  C  CG  . ASP A 1 55  ? 7.892   -7.002  0.226   1.00 52.99 ? 43  ASP A CG  1 
ATOM   404  O  OD1 . ASP A 1 55  ? 7.107   -6.244  -0.391  1.00 54.80 ? 43  ASP A OD1 1 
ATOM   405  O  OD2 . ASP A 1 55  ? 9.113   -7.065  -0.025  1.00 54.48 ? 43  ASP A OD2 1 
ATOM   406  N  N   . SER A 1 56  ? 5.791   -8.143  4.215   1.00 48.97 ? 44  SER A N   1 
ATOM   407  C  CA  . SER A 1 56  ? 5.281   -9.048  5.252   1.00 48.07 ? 44  SER A CA  1 
ATOM   408  C  C   . SER A 1 56  ? 3.771   -8.900  5.351   1.00 45.02 ? 44  SER A C   1 
ATOM   409  O  O   . SER A 1 56  ? 3.062   -9.886  5.380   1.00 46.59 ? 44  SER A O   1 
ATOM   410  C  CB  . SER A 1 56  ? 5.952   -8.836  6.638   1.00 48.78 ? 44  SER A CB  1 
ATOM   411  N  N   . ILE A 1 57  ? 3.275   -7.676  5.371   1.00 46.56 ? 45  ILE A N   1 
ATOM   412  C  CA  . ILE A 1 57  ? 1.836   -7.470  5.455   1.00 49.65 ? 45  ILE A CA  1 
ATOM   413  C  C   . ILE A 1 57  ? 1.147   -8.016  4.217   1.00 49.86 ? 45  ILE A C   1 
ATOM   414  O  O   . ILE A 1 57  ? 0.126   -8.676  4.320   1.00 49.40 ? 45  ILE A O   1 
ATOM   415  C  CB  . ILE A 1 57  ? 1.443   -5.977  5.654   1.00 51.33 ? 45  ILE A CB  1 
ATOM   416  C  CG1 . ILE A 1 57  ? 2.092   -5.408  6.933   1.00 47.90 ? 45  ILE A CG1 1 
ATOM   417  C  CG2 . ILE A 1 57  ? -0.087  -5.844  5.794   1.00 46.46 ? 45  ILE A CG2 1 
ATOM   418  C  CD1 . ILE A 1 57  ? 1.999   -3.870  6.999   1.00 52.32 ? 45  ILE A CD1 1 
ATOM   419  N  N   . LEU A 1 58  ? 1.718   -7.757  3.049   1.00 50.29 ? 46  LEU A N   1 
ATOM   420  C  CA  . LEU A 1 58  ? 1.103   -8.208  1.800   1.00 51.08 ? 46  LEU A CA  1 
ATOM   421  C  C   . LEU A 1 58  ? 1.062   -9.700  1.699   1.00 50.83 ? 46  LEU A C   1 
ATOM   422  O  O   . LEU A 1 58  ? 0.073   -10.234 1.223   1.00 49.59 ? 46  LEU A O   1 
ATOM   423  C  CB  . LEU A 1 58  ? 1.795   -7.609  0.578   1.00 50.72 ? 46  LEU A CB  1 
ATOM   424  C  CG  . LEU A 1 58  ? 1.590   -6.084  0.490   1.00 55.56 ? 46  LEU A CG  1 
ATOM   425  C  CD1 . LEU A 1 58  ? 2.323   -5.487  -0.685  1.00 54.36 ? 46  LEU A CD1 1 
ATOM   426  C  CD2 . LEU A 1 58  ? 0.120   -5.669  0.438   1.00 54.88 ? 46  LEU A CD2 1 
ATOM   427  N  N   . ASN A 1 59  ? 2.123   -10.362 2.169   1.00 52.21 ? 47  ASN A N   1 
ATOM   428  C  CA  . ASN A 1 59  ? 2.170   -11.820 2.207   1.00 52.90 ? 47  ASN A CA  1 
ATOM   429  C  C   . ASN A 1 59  ? 1.026   -12.411 3.013   1.00 52.73 ? 47  ASN A C   1 
ATOM   430  O  O   . ASN A 1 59  ? 0.424   -13.413 2.606   1.00 52.25 ? 47  ASN A O   1 
ATOM   431  C  CB  . ASN A 1 59  ? 3.511   -12.328 2.755   1.00 52.20 ? 47  ASN A CB  1 
ATOM   432  C  CG  . ASN A 1 59  ? 4.643   -12.159 1.759   1.00 55.77 ? 47  ASN A CG  1 
ATOM   433  O  OD1 . ASN A 1 59  ? 4.413   -12.006 0.562   1.00 63.80 ? 47  ASN A OD1 1 
ATOM   434  N  ND2 . ASN A 1 59  ? 5.870   -12.159 2.250   1.00 63.07 ? 47  ASN A ND2 1 
ATOM   435  N  N   . GLU A 1 60  ? 0.717   -11.778 4.136   1.00 51.13 ? 48  GLU A N   1 
ATOM   436  C  CA  . GLU A 1 60  ? -0.417  -12.199 4.939   1.00 53.15 ? 48  GLU A CA  1 
ATOM   437  C  C   . GLU A 1 60  ? -1.699  -11.978 4.148   1.00 51.96 ? 48  GLU A C   1 
ATOM   438  O  O   . GLU A 1 60  ? -2.458  -12.900 3.941   1.00 53.57 ? 48  GLU A O   1 
ATOM   439  C  CB  . GLU A 1 60  ? -0.468  -11.467 6.299   1.00 53.19 ? 48  GLU A CB  1 
ATOM   440  C  CG  . GLU A 1 60  ? 0.504   -12.016 7.379   1.00 61.53 ? 48  GLU A CG  1 
ATOM   441  N  N   . ILE A 1 61  ? -1.928  -10.776 3.660   1.00 53.71 ? 49  ILE A N   1 
ATOM   442  C  CA  . ILE A 1 61  ? -3.177  -10.514 2.938   1.00 55.62 ? 49  ILE A CA  1 
ATOM   443  C  C   . ILE A 1 61  ? -3.373  -11.415 1.696   1.00 52.74 ? 49  ILE A C   1 
ATOM   444  O  O   . ILE A 1 61  ? -4.504  -11.742 1.353   1.00 52.04 ? 49  ILE A O   1 
ATOM   445  C  CB  . ILE A 1 61  ? -3.346  -9.028  2.605   1.00 59.50 ? 49  ILE A CB  1 
ATOM   446  C  CG1 . ILE A 1 61  ? -4.827  -8.641  2.703   1.00 72.27 ? 49  ILE A CG1 1 
ATOM   447  C  CG2 . ILE A 1 61  ? -2.799  -8.671  1.199   1.00 59.37 ? 49  ILE A CG2 1 
ATOM   448  C  CD1 . ILE A 1 61  ? -5.043  -7.185  3.044   1.00 79.81 ? 49  ILE A CD1 1 
ATOM   449  N  N   . LYS A 1 62  ? -2.284  -11.864 1.071   1.00 51.24 ? 50  LYS A N   1 
ATOM   450  C  CA  . LYS A 1 62  ? -2.364  -12.842 -0.028  1.00 54.30 ? 50  LYS A CA  1 
ATOM   451  C  C   . LYS A 1 62  ? -2.936  -14.179 0.434   1.00 52.97 ? 50  LYS A C   1 
ATOM   452  O  O   . LYS A 1 62  ? -3.649  -14.852 -0.314  1.00 52.88 ? 50  LYS A O   1 
ATOM   453  C  CB  . LYS A 1 62  ? -1.000  -13.094 -0.670  1.00 54.96 ? 50  LYS A CB  1 
ATOM   454  C  CG  . LYS A 1 62  ? -0.530  -12.003 -1.600  1.00 53.81 ? 50  LYS A CG  1 
ATOM   455  C  CD  . LYS A 1 62  ? 0.832   -12.337 -2.254  1.00 55.62 ? 50  LYS A CD  1 
ATOM   456  C  CE  . LYS A 1 62  ? 1.585   -11.040 -2.545  1.00 58.79 ? 50  LYS A CE  1 
ATOM   457  N  NZ  . LYS A 1 62  ? 2.827   -11.199 -3.332  1.00 56.17 ? 50  LYS A NZ  1 
ATOM   458  N  N   . LEU A 1 63  ? -2.650  -14.554 1.667   1.00 52.53 ? 51  LEU A N   1 
ATOM   459  C  CA  . LEU A 1 63  ? -3.274  -15.749 2.236   1.00 52.69 ? 51  LEU A CA  1 
ATOM   460  C  C   . LEU A 1 63  ? -4.812  -15.647 2.253   1.00 51.37 ? 51  LEU A C   1 
ATOM   461  O  O   . LEU A 1 63  ? -5.473  -16.643 2.274   1.00 49.88 ? 51  LEU A O   1 
ATOM   462  C  CB  . LEU A 1 63  ? -2.731  -16.040 3.638   1.00 53.43 ? 51  LEU A CB  1 
ATOM   463  C  CG  . LEU A 1 63  ? -1.210  -16.251 3.772   1.00 56.51 ? 51  LEU A CG  1 
ATOM   464  C  CD1 . LEU A 1 63  ? -0.801  -16.426 5.248   1.00 48.42 ? 51  LEU A CD1 1 
ATOM   465  C  CD2 . LEU A 1 63  ? -0.709  -17.434 2.939   1.00 56.73 ? 51  LEU A CD2 1 
ATOM   466  N  N   . HIS A 1 64  ? -5.382  -14.447 2.210   1.00 53.74 ? 52  HIS A N   1 
ATOM   467  C  CA  . HIS A 1 64  ? -6.845  -14.300 2.130   1.00 53.68 ? 52  HIS A CA  1 
ATOM   468  C  C   . HIS A 1 64  ? -7.363  -13.946 0.754   1.00 53.21 ? 52  HIS A C   1 
ATOM   469  O  O   . HIS A 1 64  ? -8.495  -13.488 0.645   1.00 53.16 ? 52  HIS A O   1 
ATOM   470  C  CB  . HIS A 1 64  ? -7.323  -13.227 3.101   1.00 54.57 ? 52  HIS A CB  1 
ATOM   471  C  CG  . HIS A 1 64  ? -6.912  -13.483 4.504   1.00 54.06 ? 52  HIS A CG  1 
ATOM   472  N  ND1 . HIS A 1 64  ? -7.713  -14.160 5.398   1.00 56.19 ? 52  HIS A ND1 1 
ATOM   473  C  CD2 . HIS A 1 64  ? -5.764  -13.199 5.160   1.00 54.25 ? 52  HIS A CD2 1 
ATOM   474  C  CE1 . HIS A 1 64  ? -7.085  -14.255 6.553   1.00 55.59 ? 52  HIS A CE1 1 
ATOM   475  N  NE2 . HIS A 1 64  ? -5.901  -13.682 6.435   1.00 55.91 ? 52  HIS A NE2 1 
ATOM   476  N  N   . ARG A 1 65  ? -6.566  -14.200 -0.284  1.00 55.35 ? 53  ARG A N   1 
ATOM   477  C  CA  . ARG A 1 65  ? -6.928  -13.873 -1.685  1.00 55.88 ? 53  ARG A CA  1 
ATOM   478  C  C   . ARG A 1 65  ? -8.351  -14.313 -2.081  1.00 57.43 ? 53  ARG A C   1 
ATOM   479  O  O   . ARG A 1 65  ? -9.136  -13.511 -2.596  1.00 55.34 ? 53  ARG A O   1 
ATOM   480  C  CB  . ARG A 1 65  ? -5.910  -14.483 -2.662  1.00 55.26 ? 53  ARG A CB  1 
ATOM   481  C  CG  . ARG A 1 65  ? -6.201  -14.127 -4.119  1.00 56.64 ? 53  ARG A CG  1 
ATOM   482  C  CD  . ARG A 1 65  ? -5.238  -14.731 -5.134  1.00 55.69 ? 53  ARG A CD  1 
ATOM   483  N  NE  . ARG A 1 65  ? -5.848  -14.786 -6.469  1.00 50.15 ? 53  ARG A NE  1 
ATOM   484  C  CZ  . ARG A 1 65  ? -6.798  -15.656 -6.839  1.00 65.05 ? 53  ARG A CZ  1 
ATOM   485  N  NH1 . ARG A 1 65  ? -7.270  -16.583 -5.999  1.00 61.31 ? 53  ARG A NH1 1 
ATOM   486  N  NH2 . ARG A 1 65  ? -7.294  -15.608 -8.076  1.00 66.34 ? 53  ARG A NH2 1 
ATOM   487  N  N   . GLU A 1 66  ? -8.673  -15.578 -1.809  1.00 58.39 ? 54  GLU A N   1 
ATOM   488  C  CA  . GLU A 1 66  ? -9.956  -16.190 -2.210  1.00 58.64 ? 54  GLU A CA  1 
ATOM   489  C  C   . GLU A 1 66  ? -11.177 -15.444 -1.649  1.00 56.68 ? 54  GLU A C   1 
ATOM   490  O  O   . GLU A 1 66  ? -12.176 -15.281 -2.349  1.00 58.41 ? 54  GLU A O   1 
ATOM   491  C  CB  . GLU A 1 66  ? -10.012 -17.674 -1.787  1.00 60.01 ? 54  GLU A CB  1 
ATOM   492  C  CG  . GLU A 1 66  ? -8.973  -18.586 -2.449  1.00 64.07 ? 54  GLU A CG  1 
ATOM   493  N  N   . PHE A 1 67  ? -11.091 -14.981 -0.404  1.00 54.83 ? 55  PHE A N   1 
ATOM   494  C  CA  . PHE A 1 67  ? -12.160 -14.162 0.183   1.00 55.59 ? 55  PHE A CA  1 
ATOM   495  C  C   . PHE A 1 67  ? -12.218 -12.790 -0.474  1.00 56.26 ? 55  PHE A C   1 
ATOM   496  O  O   . PHE A 1 67  ? -13.252 -12.403 -1.034  1.00 55.67 ? 55  PHE A O   1 
ATOM   497  C  CB  . PHE A 1 67  ? -11.969 -13.957 1.688   1.00 57.23 ? 55  PHE A CB  1 
ATOM   498  C  CG  . PHE A 1 67  ? -13.153 -13.287 2.359   1.00 58.27 ? 55  PHE A CG  1 
ATOM   499  C  CD1 . PHE A 1 67  ? -13.314 -11.903 2.326   1.00 60.42 ? 55  PHE A CD1 1 
ATOM   500  C  CD2 . PHE A 1 67  ? -14.124 -14.048 2.995   1.00 62.56 ? 55  PHE A CD2 1 
ATOM   501  C  CE1 . PHE A 1 67  ? -14.411 -11.293 2.927   1.00 53.42 ? 55  PHE A CE1 1 
ATOM   502  C  CE2 . PHE A 1 67  ? -15.222 -13.439 3.600   1.00 65.17 ? 55  PHE A CE2 1 
ATOM   503  C  CZ  . PHE A 1 67  ? -15.357 -12.051 3.560   1.00 60.65 ? 55  PHE A CZ  1 
ATOM   504  N  N   . ILE A 1 68  ? -11.093 -12.077 -0.397  1.00 54.07 ? 56  ILE A N   1 
ATOM   505  C  CA  . ILE A 1 68  ? -11.003 -10.700 -0.847  1.00 54.01 ? 56  ILE A CA  1 
ATOM   506  C  C   . ILE A 1 68  ? -11.468 -10.501 -2.302  1.00 52.43 ? 56  ILE A C   1 
ATOM   507  O  O   . ILE A 1 68  ? -12.145 -9.531  -2.583  1.00 50.97 ? 56  ILE A O   1 
ATOM   508  C  CB  . ILE A 1 68  ? -9.568  -10.154 -0.644  1.00 54.74 ? 56  ILE A CB  1 
ATOM   509  C  CG1 . ILE A 1 68  ? -9.340  -9.869  0.848   1.00 58.35 ? 56  ILE A CG1 1 
ATOM   510  C  CG2 . ILE A 1 68  ? -9.344  -8.884  -1.466  1.00 47.27 ? 56  ILE A CG2 1 
ATOM   511  C  CD1 . ILE A 1 68  ? -7.900  -9.872  1.258   1.00 61.12 ? 56  ILE A CD1 1 
ATOM   512  N  N   . ILE A 1 69  ? -11.137 -11.422 -3.206  1.00 51.70 ? 57  ILE A N   1 
ATOM   513  C  CA  . ILE A 1 69  ? -11.499 -11.251 -4.636  1.00 52.76 ? 57  ILE A CA  1 
ATOM   514  C  C   . ILE A 1 69  ? -13.011 -11.301 -4.895  1.00 52.09 ? 57  ILE A C   1 
ATOM   515  O  O   . ILE A 1 69  ? -13.494 -10.868 -5.954  1.00 54.63 ? 57  ILE A O   1 
ATOM   516  C  CB  . ILE A 1 69  ? -10.759 -12.259 -5.578  1.00 51.24 ? 57  ILE A CB  1 
ATOM   517  C  CG1 . ILE A 1 69  ? -11.117 -13.713 -5.261  1.00 49.22 ? 57  ILE A CG1 1 
ATOM   518  C  CG2 . ILE A 1 69  ? -9.269  -12.090 -5.480  1.00 49.76 ? 57  ILE A CG2 1 
ATOM   519  C  CD1 . ILE A 1 69  ? -10.921 -14.638 -6.462  1.00 49.62 ? 57  ILE A CD1 1 
ATOM   520  N  N   . GLU A 1 70  ? -13.741 -11.806 -3.914  1.00 52.04 ? 58  GLU A N   1 
ATOM   521  C  CA  . GLU A 1 70  ? -15.182 -11.950 -3.994  1.00 52.26 ? 58  GLU A CA  1 
ATOM   522  C  C   . GLU A 1 70  ? -15.939 -10.785 -3.361  1.00 50.56 ? 58  GLU A C   1 
ATOM   523  O  O   . GLU A 1 70  ? -17.150 -10.728 -3.482  1.00 50.86 ? 58  GLU A O   1 
ATOM   524  C  CB  . GLU A 1 70  ? -15.625 -13.265 -3.324  1.00 53.73 ? 58  GLU A CB  1 
ATOM   525  C  CG  . GLU A 1 70  ? -15.126 -14.558 -4.016  1.00 63.34 ? 58  GLU A CG  1 
ATOM   526  C  CD  . GLU A 1 70  ? -15.629 -14.704 -5.451  1.00 73.60 ? 58  GLU A CD  1 
ATOM   527  O  OE1 . GLU A 1 70  ? -16.837 -14.470 -5.684  1.00 78.81 ? 58  GLU A OE1 1 
ATOM   528  O  OE2 . GLU A 1 70  ? -14.817 -15.046 -6.347  1.00 77.69 ? 58  GLU A OE2 1 
ATOM   529  N  N   . VAL A 1 71  ? -15.270 -9.855  -2.683  1.00 50.35 ? 59  VAL A N   1 
ATOM   530  C  CA  . VAL A 1 71  ? -16.009 -8.707  -2.140  1.00 49.94 ? 59  VAL A CA  1 
ATOM   531  C  C   . VAL A 1 71  ? -16.447 -7.782  -3.300  1.00 47.88 ? 59  VAL A C   1 
ATOM   532  O  O   . VAL A 1 71  ? -15.846 -7.819  -4.376  1.00 46.65 ? 59  VAL A O   1 
ATOM   533  C  CB  . VAL A 1 71  ? -15.242 -7.935  -1.019  1.00 51.33 ? 59  VAL A CB  1 
ATOM   534  C  CG1 . VAL A 1 71  ? -14.791 -8.884  0.108   1.00 50.81 ? 59  VAL A CG1 1 
ATOM   535  C  CG2 . VAL A 1 71  ? -14.067 -7.179  -1.561  1.00 52.66 ? 59  VAL A CG2 1 
ATOM   536  N  N   . PRO A 1 72  ? -17.551 -7.020  -3.106  1.00 46.28 ? 60  PRO A N   1 
ATOM   537  C  CA  . PRO A 1 72  ? -17.936 -6.068  -4.131  1.00 45.52 ? 60  PRO A CA  1 
ATOM   538  C  C   . PRO A 1 72  ? -16.775 -5.182  -4.566  1.00 45.36 ? 60  PRO A C   1 
ATOM   539  O  O   . PRO A 1 72  ? -15.925 -4.841  -3.747  1.00 42.35 ? 60  PRO A O   1 
ATOM   540  C  CB  . PRO A 1 72  ? -19.039 -5.247  -3.474  1.00 44.98 ? 60  PRO A CB  1 
ATOM   541  C  CG  . PRO A 1 72  ? -19.699 -6.249  -2.476  1.00 44.11 ? 60  PRO A CG  1 
ATOM   542  C  CD  . PRO A 1 72  ? -18.498 -7.026  -1.962  1.00 46.75 ? 60  PRO A CD  1 
ATOM   543  N  N   . TYR A 1 73  ? -16.734 -4.867  -5.866  1.00 46.55 ? 61  TYR A N   1 
ATOM   544  C  CA  . TYR A 1 73  ? -15.670 -4.022  -6.474  1.00 48.01 ? 61  TYR A CA  1 
ATOM   545  C  C   . TYR A 1 73  ? -14.332 -4.730  -6.663  1.00 49.67 ? 61  TYR A C   1 
ATOM   546  O  O   . TYR A 1 73  ? -13.382 -4.105  -7.110  1.00 51.06 ? 61  TYR A O   1 
ATOM   547  C  CB  . TYR A 1 73  ? -15.423 -2.727  -5.665  1.00 49.49 ? 61  TYR A CB  1 
ATOM   548  C  CG  . TYR A 1 73  ? -16.570 -1.742  -5.664  1.00 47.27 ? 61  TYR A CG  1 
ATOM   549  C  CD1 . TYR A 1 73  ? -16.835 -0.966  -6.792  1.00 50.06 ? 61  TYR A CD1 1 
ATOM   550  C  CD2 . TYR A 1 73  ? -17.373 -1.575  -4.557  1.00 43.94 ? 61  TYR A CD2 1 
ATOM   551  C  CE1 . TYR A 1 73  ? -17.893 -0.066  -6.803  1.00 44.62 ? 61  TYR A CE1 1 
ATOM   552  C  CE2 . TYR A 1 73  ? -18.427 -0.672  -4.568  1.00 43.94 ? 61  TYR A CE2 1 
ATOM   553  C  CZ  . TYR A 1 73  ? -18.663 0.075   -5.702  1.00 47.48 ? 61  TYR A CZ  1 
ATOM   554  O  OH  . TYR A 1 73  ? -19.693 0.967   -5.755  1.00 59.31 ? 61  TYR A OH  1 
HETATM 555  N  N   . MSE A 1 74  ? -14.228 -6.011  -6.312  1.00 49.52 ? 62  MSE A N   1 
HETATM 556  C  CA  . MSE A 1 74  ? -12.949 -6.709  -6.388  1.00 48.66 ? 62  MSE A CA  1 
HETATM 557  C  C   . MSE A 1 74  ? -13.029 -7.875  -7.344  1.00 50.61 ? 62  MSE A C   1 
HETATM 558  O  O   . MSE A 1 74  ? -14.084 -8.402  -7.589  1.00 52.61 ? 62  MSE A O   1 
HETATM 559  C  CB  . MSE A 1 74  ? -12.512 -7.201  -5.009  1.00 49.78 ? 62  MSE A CB  1 
HETATM 560  C  CG  . MSE A 1 74  ? -11.645 -6.233  -4.249  1.00 53.75 ? 62  MSE A CG  1 
HETATM 561  SE SE  . MSE A 1 74  ? -9.908  -5.931  -5.083  0.70 65.32 ? 62  MSE A SE  1 
HETATM 562  C  CE  . MSE A 1 74  ? -10.029 -4.057  -5.197  1.00 54.52 ? 62  MSE A CE  1 
ATOM   563  N  N   . ASN A 1 75  ? -11.891 -8.245  -7.906  1.00 51.44 ? 63  ASN A N   1 
ATOM   564  C  CA  . ASN A 1 75  ? -11.759 -9.444  -8.709  1.00 48.35 ? 63  ASN A CA  1 
ATOM   565  C  C   . ASN A 1 75  ? -10.280 -9.819  -8.681  1.00 47.45 ? 63  ASN A C   1 
ATOM   566  O  O   . ASN A 1 75  ? -9.503  -9.109  -8.074  1.00 47.39 ? 63  ASN A O   1 
ATOM   567  C  CB  . ASN A 1 75  ? -12.290 -9.232  -10.132 1.00 46.26 ? 63  ASN A CB  1 
ATOM   568  C  CG  . ASN A 1 75  ? -11.509 -8.207  -10.918 1.00 48.38 ? 63  ASN A CG  1 
ATOM   569  O  OD1 . ASN A 1 75  ? -10.281 -8.181  -10.885 1.00 53.30 ? 63  ASN A OD1 1 
ATOM   570  N  ND2 . ASN A 1 75  ? -12.220 -7.372  -11.665 1.00 40.77 ? 63  ASN A ND2 1 
ATOM   571  N  N   . SER A 1 76  ? -9.904  -10.919 -9.327  1.00 47.50 ? 64  SER A N   1 
ATOM   572  C  CA  . SER A 1 76  ? -8.533  -11.456 -9.246  1.00 48.03 ? 64  SER A CA  1 
ATOM   573  C  C   . SER A 1 76  ? -7.492  -10.478 -9.804  1.00 47.95 ? 64  SER A C   1 
ATOM   574  O  O   . SER A 1 76  ? -6.472  -10.215 -9.149  1.00 46.49 ? 64  SER A O   1 
ATOM   575  C  CB  . SER A 1 76  ? -8.450  -12.805 -10.000 1.00 49.67 ? 64  SER A CB  1 
ATOM   576  O  OG  . SER A 1 76  ? -7.109  -13.267 -10.029 1.00 49.25 ? 64  SER A OG  1 
ATOM   577  N  N   . ARG A 1 77  ? -7.770  -9.933  -10.999 1.00 46.69 ? 65  ARG A N   1 
ATOM   578  C  CA  . ARG A 1 77  ? -6.901  -8.932  -11.625 1.00 48.71 ? 65  ARG A CA  1 
ATOM   579  C  C   . ARG A 1 77  ? -6.711  -7.677  -10.748 1.00 49.02 ? 65  ARG A C   1 
ATOM   580  O  O   . ARG A 1 77  ? -5.588  -7.272  -10.489 1.00 48.08 ? 65  ARG A O   1 
ATOM   581  C  CB  . ARG A 1 77  ? -7.437  -8.508  -12.979 1.00 47.79 ? 65  ARG A CB  1 
ATOM   582  C  CG  . ARG A 1 77  ? -6.362  -7.805  -13.836 1.00 51.92 ? 65  ARG A CG  1 
ATOM   583  C  CD  . ARG A 1 77  ? -6.864  -7.496  -15.236 1.00 53.66 ? 65  ARG A CD  1 
ATOM   584  N  NE  . ARG A 1 77  ? -7.802  -6.417  -15.098 1.00 56.60 ? 65  ARG A NE  1 
ATOM   585  C  CZ  . ARG A 1 77  ? -7.517  -5.122  -15.190 1.00 57.11 ? 65  ARG A CZ  1 
ATOM   586  N  NH1 . ARG A 1 77  ? -6.312  -4.666  -15.529 1.00 59.43 ? 65  ARG A NH1 1 
ATOM   587  N  NH2 . ARG A 1 77  ? -8.488  -4.265  -14.966 1.00 49.39 ? 65  ARG A NH2 1 
ATOM   588  N  N   . LYS A 1 78  ? -7.814  -7.091  -10.286 1.00 50.49 ? 66  LYS A N   1 
ATOM   589  C  CA  . LYS A 1 78  ? -7.792  -5.898  -9.442  1.00 51.53 ? 66  LYS A CA  1 
ATOM   590  C  C   . LYS A 1 78  ? -7.017  -6.151  -8.144  1.00 52.43 ? 66  LYS A C   1 
ATOM   591  O  O   . LYS A 1 78  ? -6.307  -5.289  -7.670  1.00 53.51 ? 66  LYS A O   1 
ATOM   592  C  CB  . LYS A 1 78  ? -9.225  -5.440  -9.109  1.00 53.28 ? 66  LYS A CB  1 
ATOM   593  C  CG  . LYS A 1 78  ? -9.989  -4.707  -10.250 1.00 64.63 ? 66  LYS A CG  1 
ATOM   594  C  CD  . LYS A 1 78  ? -9.651  -3.201  -10.363 1.00 82.43 ? 66  LYS A CD  1 
ATOM   595  C  CE  . LYS A 1 78  ? -10.182 -2.398  -9.114  1.00 84.71 ? 66  LYS A CE  1 
ATOM   596  N  NZ  . LYS A 1 78  ? -9.544  -1.040  -8.972  1.00 79.16 ? 66  LYS A NZ  1 
ATOM   597  N  N   . PHE A 1 79  ? -7.134  -7.348  -7.581  1.00 50.73 ? 67  PHE A N   1 
ATOM   598  C  CA  . PHE A 1 79  ? -6.372  -7.697  -6.395  1.00 49.80 ? 67  PHE A CA  1 
ATOM   599  C  C   . PHE A 1 79  ? -4.858  -7.710  -6.677  1.00 50.04 ? 67  PHE A C   1 
ATOM   600  O  O   . PHE A 1 79  ? -4.063  -7.218  -5.865  1.00 50.42 ? 67  PHE A O   1 
ATOM   601  C  CB  . PHE A 1 79  ? -6.851  -9.037  -5.850  1.00 50.18 ? 67  PHE A CB  1 
ATOM   602  C  CG  . PHE A 1 79  ? -6.159  -9.488  -4.590  1.00 50.03 ? 67  PHE A CG  1 
ATOM   603  C  CD1 . PHE A 1 79  ? -6.594  -9.043  -3.341  1.00 51.81 ? 67  PHE A CD1 1 
ATOM   604  C  CD2 . PHE A 1 79  ? -5.128  -10.426 -4.644  1.00 52.74 ? 67  PHE A CD2 1 
ATOM   605  C  CE1 . PHE A 1 79  ? -5.987  -9.502  -2.156  1.00 54.82 ? 67  PHE A CE1 1 
ATOM   606  C  CE2 . PHE A 1 79  ? -4.499  -10.886 -3.458  1.00 55.03 ? 67  PHE A CE2 1 
ATOM   607  C  CZ  . PHE A 1 79  ? -4.940  -10.422 -2.211  1.00 54.80 ? 67  PHE A CZ  1 
ATOM   608  N  N   . GLU A 1 80  ? -4.456  -8.238  -7.823  1.00 51.56 ? 68  GLU A N   1 
ATOM   609  C  CA  . GLU A 1 80  ? -3.031  -8.251  -8.193  1.00 51.82 ? 68  GLU A CA  1 
ATOM   610  C  C   . GLU A 1 80  ? -2.478  -6.851  -8.471  1.00 50.01 ? 68  GLU A C   1 
ATOM   611  O  O   . GLU A 1 80  ? -1.348  -6.528  -8.093  1.00 46.85 ? 68  GLU A O   1 
ATOM   612  C  CB  . GLU A 1 80  ? -2.756  -9.160  -9.385  1.00 51.43 ? 68  GLU A CB  1 
ATOM   613  C  CG  . GLU A 1 80  ? -3.089  -10.661 -9.160  1.00 48.74 ? 68  GLU A CG  1 
ATOM   614  C  CD  . GLU A 1 80  ? -2.299  -11.304 -7.993  1.00 61.27 ? 68  GLU A CD  1 
ATOM   615  O  OE1 . GLU A 1 80  ? -1.098  -11.007 -7.828  1.00 53.93 ? 68  GLU A OE1 1 
ATOM   616  O  OE2 . GLU A 1 80  ? -2.893  -12.101 -7.231  1.00 61.05 ? 68  GLU A OE2 1 
ATOM   617  N  N   . LEU A 1 81  ? -3.269  -6.006  -9.105  1.00 50.09 ? 69  LEU A N   1 
ATOM   618  C  CA  . LEU A 1 81  ? -2.815  -4.629  -9.313  1.00 49.91 ? 69  LEU A CA  1 
ATOM   619  C  C   . LEU A 1 81  ? -2.696  -3.851  -8.037  1.00 47.30 ? 69  LEU A C   1 
ATOM   620  O  O   . LEU A 1 81  ? -1.792  -3.051  -7.895  1.00 46.17 ? 69  LEU A O   1 
ATOM   621  C  CB  . LEU A 1 81  ? -3.737  -3.904  -10.279 1.00 53.51 ? 69  LEU A CB  1 
ATOM   622  C  CG  . LEU A 1 81  ? -3.758  -4.616  -11.635 1.00 65.60 ? 69  LEU A CG  1 
ATOM   623  C  CD1 . LEU A 1 81  ? -4.615  -3.818  -12.627 1.00 73.43 ? 69  LEU A CD1 1 
ATOM   624  C  CD2 . LEU A 1 81  ? -2.343  -4.839  -12.185 1.00 76.30 ? 69  LEU A CD2 1 
ATOM   625  N  N   . LEU A 1 82  ? -3.603  -4.102  -7.095  1.00 46.99 ? 70  LEU A N   1 
ATOM   626  C  CA  . LEU A 1 82  ? -3.593  -3.418  -5.844  1.00 49.28 ? 70  LEU A CA  1 
ATOM   627  C  C   . LEU A 1 82  ? -2.300  -3.724  -5.119  1.00 51.16 ? 70  LEU A C   1 
ATOM   628  O  O   . LEU A 1 82  ? -1.660  -2.806  -4.613  1.00 53.27 ? 70  LEU A O   1 
ATOM   629  C  CB  . LEU A 1 82  ? -4.790  -3.801  -5.001  1.00 47.78 ? 70  LEU A CB  1 
ATOM   630  C  CG  . LEU A 1 82  ? -4.784  -3.239  -3.584  1.00 53.34 ? 70  LEU A CG  1 
ATOM   631  C  CD1 . LEU A 1 82  ? -4.760  -1.709  -3.526  1.00 56.66 ? 70  LEU A CD1 1 
ATOM   632  C  CD2 . LEU A 1 82  ? -5.983  -3.818  -2.796  1.00 53.16 ? 70  LEU A CD2 1 
ATOM   633  N  N   . ILE A 1 83  ? -1.902  -4.999  -5.112  1.00 53.39 ? 71  ILE A N   1 
ATOM   634  C  CA  . ILE A 1 83  ? -0.691  -5.454  -4.408  1.00 51.63 ? 71  ILE A CA  1 
ATOM   635  C  C   . ILE A 1 83  ? 0.542   -4.785  -5.008  1.00 46.98 ? 71  ILE A C   1 
ATOM   636  O  O   . ILE A 1 83  ? 1.398   -4.277  -4.299  1.00 45.18 ? 71  ILE A O   1 
ATOM   637  C  CB  . ILE A 1 83  ? -0.507  -6.989  -4.562  1.00 53.35 ? 71  ILE A CB  1 
ATOM   638  C  CG1 . ILE A 1 83  ? -1.556  -7.822  -3.779  1.00 59.80 ? 71  ILE A CG1 1 
ATOM   639  C  CG2 . ILE A 1 83  ? 0.939   -7.444  -4.251  1.00 52.40 ? 71  ILE A CG2 1 
ATOM   640  C  CD1 . ILE A 1 83  ? -1.868  -7.389  -2.421  1.00 61.74 ? 71  ILE A CD1 1 
ATOM   641  N  N   . ALA A 1 84  ? 0.598   -4.792  -6.331  1.00 47.56 ? 72  ALA A N   1 
ATOM   642  C  CA  . ALA A 1 84  ? 1.718   -4.208  -7.068  1.00 49.24 ? 72  ALA A CA  1 
ATOM   643  C  C   . ALA A 1 84  ? 1.769   -2.678  -6.854  1.00 50.81 ? 72  ALA A C   1 
ATOM   644  O  O   . ALA A 1 84  ? 2.832   -2.088  -6.648  1.00 53.22 ? 72  ALA A O   1 
ATOM   645  C  CB  . ALA A 1 84  ? 1.612   -4.551  -8.534  1.00 46.10 ? 72  ALA A CB  1 
ATOM   646  N  N   . ASN A 1 85  ? 0.612   -2.028  -6.920  1.00 52.19 ? 73  ASN A N   1 
ATOM   647  C  CA  . ASN A 1 85  ? 0.549   -0.610  -6.634  1.00 51.90 ? 73  ASN A CA  1 
ATOM   648  C  C   . ASN A 1 85  ? 1.063   -0.246  -5.239  1.00 51.25 ? 73  ASN A C   1 
ATOM   649  O  O   . ASN A 1 85  ? 1.745   0.739   -5.078  1.00 52.11 ? 73  ASN A O   1 
ATOM   650  C  CB  . ASN A 1 85  ? -0.888  -0.105  -6.761  1.00 50.81 ? 73  ASN A CB  1 
ATOM   651  C  CG  . ASN A 1 85  ? -1.301  0.075   -8.171  1.00 54.39 ? 73  ASN A CG  1 
ATOM   652  O  OD1 . ASN A 1 85  ? -0.477  0.176   -9.035  1.00 43.79 ? 73  ASN A OD1 1 
ATOM   653  N  ND2 . ASN A 1 85  ? -2.584  0.106   -8.412  1.00 53.01 ? 73  ASN A ND2 1 
ATOM   654  N  N   . ILE A 1 86  ? 0.701   -1.035  -4.242  1.00 49.08 ? 74  ILE A N   1 
ATOM   655  C  CA  . ILE A 1 86  ? 1.174   -0.805  -2.884  1.00 48.54 ? 74  ILE A CA  1 
ATOM   656  C  C   . ILE A 1 86  ? 2.697   -1.038  -2.768  1.00 48.71 ? 74  ILE A C   1 
ATOM   657  O  O   . ILE A 1 86  ? 3.402   -0.256  -2.121  1.00 47.74 ? 74  ILE A O   1 
ATOM   658  C  CB  . ILE A 1 86  ? 0.416   -1.694  -1.897  1.00 49.57 ? 74  ILE A CB  1 
ATOM   659  C  CG1 . ILE A 1 86  ? -1.056  -1.296  -1.818  1.00 50.32 ? 74  ILE A CG1 1 
ATOM   660  C  CG2 . ILE A 1 86  ? 1.059   -1.671  -0.474  1.00 50.30 ? 74  ILE A CG2 1 
ATOM   661  C  CD1 . ILE A 1 86  ? -1.904  -2.265  -0.971  1.00 51.15 ? 74  ILE A CD1 1 
ATOM   662  N  N   . GLU A 1 87  ? 3.204   -2.105  -3.390  1.00 45.70 ? 75  GLU A N   1 
ATOM   663  C  CA  . GLU A 1 87  ? 4.646   -2.345  -3.387  1.00 49.85 ? 75  GLU A CA  1 
ATOM   664  C  C   . GLU A 1 87  ? 5.444   -1.204  -4.010  1.00 51.03 ? 75  GLU A C   1 
ATOM   665  O  O   . GLU A 1 87  ? 6.487   -0.755  -3.504  1.00 48.44 ? 75  GLU A O   1 
ATOM   666  C  CB  . GLU A 1 87  ? 4.958   -3.595  -4.183  1.00 48.63 ? 75  GLU A CB  1 
ATOM   667  C  CG  . GLU A 1 87  ? 4.552   -4.911  -3.448  1.00 53.67 ? 75  GLU A CG  1 
ATOM   668  C  CD  . GLU A 1 87  ? 4.585   -6.101  -4.416  1.00 50.87 ? 75  GLU A CD  1 
ATOM   669  O  OE1 . GLU A 1 87  ? 4.620   -5.902  -5.654  1.00 65.31 ? 75  GLU A OE1 1 
ATOM   670  O  OE2 . GLU A 1 87  ? 4.549   -7.218  -3.964  1.00 47.74 ? 75  GLU A OE2 1 
ATOM   671  N  N   . GLN A 1 88  ? 4.914   -0.745  -5.124  1.00 49.23 ? 76  GLN A N   1 
ATOM   672  C  CA  . GLN A 1 88  ? 5.506   0.334   -5.882  1.00 54.37 ? 76  GLN A CA  1 
ATOM   673  C  C   . GLN A 1 88  ? 5.528   1.637   -5.079  1.00 51.76 ? 76  GLN A C   1 
ATOM   674  O  O   . GLN A 1 88  ? 6.565   2.297   -4.966  1.00 53.38 ? 76  GLN A O   1 
ATOM   675  C  CB  . GLN A 1 88  ? 4.704   0.491   -7.180  1.00 52.71 ? 76  GLN A CB  1 
ATOM   676  C  CG  . GLN A 1 88  ? 5.302   1.442   -8.080  1.00 67.87 ? 76  GLN A CG  1 
ATOM   677  C  CD  . GLN A 1 88  ? 4.759   1.369   -9.530  1.00 68.93 ? 76  GLN A CD  1 
ATOM   678  O  OE1 . GLN A 1 88  ? 5.209   2.171   -10.380 1.00 74.74 ? 76  GLN A OE1 1 
ATOM   679  N  NE2 . GLN A 1 88  ? 3.764   0.459   -9.800  1.00 56.09 ? 76  GLN A NE2 1 
ATOM   680  N  N   . LEU A 1 89  ? 4.405   1.990   -4.485  1.00 50.18 ? 77  LEU A N   1 
ATOM   681  C  CA  . LEU A 1 89  ? 4.364   3.142   -3.570  1.00 49.03 ? 77  LEU A CA  1 
ATOM   682  C  C   . LEU A 1 89  ? 5.309   3.027   -2.388  1.00 51.00 ? 77  LEU A C   1 
ATOM   683  O  O   . LEU A 1 89  ? 5.857   4.046   -1.909  1.00 52.71 ? 77  LEU A O   1 
ATOM   684  C  CB  . LEU A 1 89  ? 2.954   3.303   -3.002  1.00 50.22 ? 77  LEU A CB  1 
ATOM   685  C  CG  . LEU A 1 89  ? 1.851   3.698   -3.988  1.00 50.56 ? 77  LEU A CG  1 
ATOM   686  C  CD1 . LEU A 1 89  ? 0.544   3.633   -3.201  1.00 50.15 ? 77  LEU A CD1 1 
ATOM   687  C  CD2 . LEU A 1 89  ? 2.058   5.096   -4.648  1.00 50.78 ? 77  LEU A CD2 1 
ATOM   688  N  N   . SER A 1 90  ? 5.458   1.804   -1.872  1.00 50.17 ? 78  SER A N   1 
ATOM   689  C  CA  . SER A 1 90  ? 6.287   1.584   -0.703  1.00 49.12 ? 78  SER A CA  1 
ATOM   690  C  C   . SER A 1 90  ? 7.760   1.898   -1.027  1.00 50.53 ? 78  SER A C   1 
ATOM   691  O  O   . SER A 1 90  ? 8.490   2.299   -0.155  1.00 51.56 ? 78  SER A O   1 
ATOM   692  C  CB  . SER A 1 90  ? 6.170   0.163   -0.210  1.00 49.69 ? 78  SER A CB  1 
ATOM   693  O  OG  . SER A 1 90  ? 6.889   -0.731  -1.043  1.00 46.45 ? 78  SER A OG  1 
ATOM   694  N  N   . VAL A 1 91  ? 8.139   1.781   -2.304  1.00 49.11 ? 79  VAL A N   1 
ATOM   695  C  CA  . VAL A 1 91  ? 9.469   2.157   -2.790  1.00 51.11 ? 79  VAL A CA  1 
ATOM   696  C  C   . VAL A 1 91  ? 9.542   3.621   -3.252  1.00 50.51 ? 79  VAL A C   1 
ATOM   697  O  O   . VAL A 1 91  ? 10.470  4.383   -2.873  1.00 52.25 ? 79  VAL A O   1 
ATOM   698  C  CB  . VAL A 1 91  ? 9.880   1.263   -3.984  1.00 54.21 ? 79  VAL A CB  1 
ATOM   699  C  CG1 . VAL A 1 91  ? 11.071  1.872   -4.692  1.00 62.40 ? 79  VAL A CG1 1 
ATOM   700  C  CG2 . VAL A 1 91  ? 10.220  -0.098  -3.491  1.00 57.29 ? 79  VAL A CG2 1 
ATOM   701  N  N   . GLU A 1 92  ? 8.539   4.034   -4.022  1.00 47.15 ? 80  GLU A N   1 
ATOM   702  C  CA  . GLU A 1 92  ? 8.597   5.336   -4.683  1.00 49.17 ? 80  GLU A CA  1 
ATOM   703  C  C   . GLU A 1 92  ? 8.559   6.503   -3.699  1.00 49.96 ? 80  GLU A C   1 
ATOM   704  O  O   . GLU A 1 92  ? 9.050   7.612   -4.004  1.00 50.42 ? 80  GLU A O   1 
ATOM   705  C  CB  . GLU A 1 92  ? 7.493   5.454   -5.726  1.00 47.60 ? 80  GLU A CB  1 
ATOM   706  C  CG  . GLU A 1 92  ? 7.721   4.535   -6.888  1.00 56.25 ? 80  GLU A CG  1 
ATOM   707  C  CD  . GLU A 1 92  ? 6.543   4.492   -7.851  1.00 57.47 ? 80  GLU A CD  1 
ATOM   708  O  OE1 . GLU A 1 92  ? 5.587   5.279   -7.713  1.00 62.63 ? 80  GLU A OE1 1 
ATOM   709  O  OE2 . GLU A 1 92  ? 6.610   3.658   -8.761  1.00 85.73 ? 80  GLU A OE2 1 
ATOM   710  N  N   . CYS A 1 93  ? 8.041   6.244   -2.505  1.00 50.29 ? 81  CYS A N   1 
ATOM   711  C  CA  . CYS A 1 93  ? 7.811   7.310   -1.555  1.00 50.96 ? 81  CYS A CA  1 
ATOM   712  C  C   . CYS A 1 93  ? 9.124   7.772   -0.905  1.00 52.06 ? 81  CYS A C   1 
ATOM   713  O  O   . CYS A 1 93  ? 9.151   8.763   -0.142  1.00 53.18 ? 81  CYS A O   1 
ATOM   714  C  CB  . CYS A 1 93  ? 6.774   6.874   -0.519  1.00 52.07 ? 81  CYS A CB  1 
ATOM   715  S  SG  . CYS A 1 93  ? 7.409   5.618   0.655   1.00 49.90 ? 81  CYS A SG  1 
ATOM   716  N  N   . HIS A 1 94  ? 10.203  7.064   -1.236  1.00 50.94 ? 82  HIS A N   1 
ATOM   717  C  CA  . HIS A 1 94  ? 11.511  7.326   -0.663  1.00 49.02 ? 82  HIS A CA  1 
ATOM   718  C  C   . HIS A 1 94  ? 12.429  8.044   -1.643  1.00 49.09 ? 82  HIS A C   1 
ATOM   719  O  O   . HIS A 1 94  ? 13.589  8.287   -1.329  1.00 47.65 ? 82  HIS A O   1 
ATOM   720  C  CB  . HIS A 1 94  ? 12.154  6.001   -0.219  1.00 49.18 ? 82  HIS A CB  1 
ATOM   721  C  CG  . HIS A 1 94  ? 11.389  5.290   0.848   1.00 46.58 ? 82  HIS A CG  1 
ATOM   722  N  ND1 . HIS A 1 94  ? 11.293  5.761   2.154   1.00 50.60 ? 82  HIS A ND1 1 
ATOM   723  C  CD2 . HIS A 1 94  ? 10.699  4.126   0.812   1.00 49.22 ? 82  HIS A CD2 1 
ATOM   724  C  CE1 . HIS A 1 94  ? 10.553  4.920   2.858   1.00 54.73 ? 82  HIS A CE1 1 
ATOM   725  N  NE2 . HIS A 1 94  ? 10.182  3.920   2.068   1.00 54.74 ? 82  HIS A NE2 1 
ATOM   726  N  N   . PHE A 1 95  ? 11.906  8.389   -2.823  1.00 49.94 ? 83  PHE A N   1 
ATOM   727  C  CA  . PHE A 1 95  ? 12.715  9.003   -3.884  1.00 51.70 ? 83  PHE A CA  1 
ATOM   728  C  C   . PHE A 1 95  ? 12.223  10.394  -4.235  1.00 50.11 ? 83  PHE A C   1 
ATOM   729  O  O   . PHE A 1 95  ? 11.043  10.573  -4.566  1.00 50.02 ? 83  PHE A O   1 
ATOM   730  C  CB  . PHE A 1 95  ? 12.756  8.111   -5.130  1.00 53.89 ? 83  PHE A CB  1 
ATOM   731  C  CG  . PHE A 1 95  ? 13.614  6.886   -4.959  1.00 56.63 ? 83  PHE A CG  1 
ATOM   732  C  CD1 . PHE A 1 95  ? 13.067  5.710   -4.445  1.00 65.51 ? 83  PHE A CD1 1 
ATOM   733  C  CD2 . PHE A 1 95  ? 14.963  6.913   -5.269  1.00 53.25 ? 83  PHE A CD2 1 
ATOM   734  C  CE1 . PHE A 1 95  ? 13.838  4.584   -4.236  1.00 50.76 ? 83  PHE A CE1 1 
ATOM   735  C  CE2 . PHE A 1 95  ? 15.752  5.773   -5.091  1.00 52.02 ? 83  PHE A CE2 1 
ATOM   736  C  CZ  . PHE A 1 95  ? 15.185  4.602   -4.568  1.00 55.88 ? 83  PHE A CZ  1 
ATOM   737  N  N   . LYS A 1 96  ? 13.136  11.367  -4.172  1.00 51.16 ? 84  LYS A N   1 
ATOM   738  C  CA  . LYS A 1 96  ? 12.817  12.774  -4.447  1.00 50.60 ? 84  LYS A CA  1 
ATOM   739  C  C   . LYS A 1 96  ? 12.397  12.954  -5.876  1.00 54.13 ? 84  LYS A C   1 
ATOM   740  O  O   . LYS A 1 96  ? 11.590  13.832  -6.165  1.00 54.22 ? 84  LYS A O   1 
ATOM   741  C  CB  . LYS A 1 96  ? 13.989  13.712  -4.140  1.00 52.58 ? 84  LYS A CB  1 
ATOM   742  C  CG  . LYS A 1 96  ? 15.266  13.522  -4.990  1.00 51.09 ? 84  LYS A CG  1 
ATOM   743  C  CD  . LYS A 1 96  ? 16.339  14.498  -4.519  1.00 52.98 ? 84  LYS A CD  1 
ATOM   744  C  CE  . LYS A 1 96  ? 17.622  14.395  -5.322  1.00 52.21 ? 84  LYS A CE  1 
ATOM   745  N  NZ  . LYS A 1 96  ? 18.778  15.203  -4.705  1.00 41.17 ? 84  LYS A NZ  1 
ATOM   746  N  N   . ARG A 1 97  ? 12.911  12.096  -6.760  1.00 53.07 ? 85  ARG A N   1 
ATOM   747  C  CA  . ARG A 1 97  ? 12.616  12.220  -8.168  1.00 52.86 ? 85  ARG A CA  1 
ATOM   748  C  C   . ARG A 1 97  ? 11.249  11.613  -8.515  1.00 53.35 ? 85  ARG A C   1 
ATOM   749  O  O   . ARG A 1 97  ? 10.746  11.803  -9.602  1.00 49.60 ? 85  ARG A O   1 
ATOM   750  C  CB  . ARG A 1 97  ? 13.746  11.619  -9.024  1.00 54.06 ? 85  ARG A CB  1 
ATOM   751  N  N   . THR A 1 98  ? 10.603  10.932  -7.582  1.00 52.12 ? 86  THR A N   1 
ATOM   752  C  CA  . THR A 1 98  ? 9.273   10.386  -7.875  1.00 50.23 ? 86  THR A CA  1 
ATOM   753  C  C   . THR A 1 98  ? 8.296   11.515  -8.303  1.00 52.69 ? 86  THR A C   1 
ATOM   754  O  O   . THR A 1 98  ? 8.153   12.566  -7.624  1.00 53.51 ? 86  THR A O   1 
ATOM   755  C  CB  . THR A 1 98  ? 8.718   9.631   -6.654  1.00 50.03 ? 86  THR A CB  1 
ATOM   756  O  OG1 . THR A 1 98  ? 9.513   8.449   -6.411  1.00 48.08 ? 86  THR A OG1 1 
ATOM   757  C  CG2 . THR A 1 98  ? 7.262   9.293   -6.835  1.00 50.51 ? 86  THR A CG2 1 
ATOM   758  N  N   . SER A 1 99  ? 7.592   11.279  -9.402  1.00 52.77 ? 87  SER A N   1 
ATOM   759  C  CA  . SER A 1 99  ? 6.577   12.219  -9.901  1.00 53.97 ? 87  SER A CA  1 
ATOM   760  C  C   . SER A 1 99  ? 5.372   12.392  -8.983  1.00 53.88 ? 87  SER A C   1 
ATOM   761  O  O   . SER A 1 99  ? 4.654   11.440  -8.708  1.00 52.24 ? 87  SER A O   1 
ATOM   762  C  CB  . SER A 1 99  ? 6.045   11.729  -11.257 1.00 55.97 ? 87  SER A CB  1 
ATOM   763  O  OG  . SER A 1 99  ? 4.876   12.451  -11.614 1.00 49.99 ? 87  SER A OG  1 
ATOM   764  N  N   . ARG A 1 100 ? 5.106   13.616  -8.557  1.00 54.82 ? 88  ARG A N   1 
ATOM   765  C  CA  . ARG A 1 100 ? 3.946   13.872  -7.692  1.00 56.04 ? 88  ARG A CA  1 
ATOM   766  C  C   . ARG A 1 100 ? 2.636   13.468  -8.373  1.00 55.33 ? 88  ARG A C   1 
ATOM   767  O  O   . ARG A 1 100 ? 1.752   12.884  -7.761  1.00 53.41 ? 88  ARG A O   1 
ATOM   768  C  CB  . ARG A 1 100 ? 3.870   15.341  -7.332  1.00 55.63 ? 88  ARG A CB  1 
ATOM   769  C  CG  . ARG A 1 100 ? 2.638   15.679  -6.510  1.00 59.53 ? 88  ARG A CG  1 
ATOM   770  C  CD  . ARG A 1 100 ? 2.691   17.105  -5.984  1.00 59.85 ? 88  ARG A CD  1 
ATOM   771  N  NE  . ARG A 1 100 ? 3.839   17.327  -5.106  1.00 63.90 ? 88  ARG A NE  1 
ATOM   772  C  CZ  . ARG A 1 100 ? 3.867   17.092  -3.790  1.00 72.53 ? 88  ARG A CZ  1 
ATOM   773  N  NH1 . ARG A 1 100 ? 2.794   16.594  -3.179  1.00 72.12 ? 88  ARG A NH1 1 
ATOM   774  N  NH2 . ARG A 1 100 ? 4.982   17.348  -3.080  1.00 65.11 ? 88  ARG A NH2 1 
ATOM   775  N  N   . LYS A 1 101 ? 2.531   13.825  -9.646  1.00 51.82 ? 89  LYS A N   1 
ATOM   776  C  CA  . LYS A 1 101 ? 1.364   13.533  -10.436 1.00 53.60 ? 89  LYS A CA  1 
ATOM   777  C  C   . LYS A 1 101 ? 1.043   12.020  -10.408 1.00 51.18 ? 89  LYS A C   1 
ATOM   778  O  O   . LYS A 1 101 ? -0.080  11.622  -10.110 1.00 53.07 ? 89  LYS A O   1 
ATOM   779  C  CB  . LYS A 1 101 ? 1.599   14.074  -11.858 1.00 50.69 ? 89  LYS A CB  1 
ATOM   780  C  CG  . LYS A 1 101 ? 0.552   13.693  -12.876 1.00 62.52 ? 89  LYS A CG  1 
ATOM   781  C  CD  . LYS A 1 101 ? 0.823   14.403  -14.214 1.00 60.69 ? 89  LYS A CD  1 
ATOM   782  C  CE  . LYS A 1 101 ? 0.492   13.535  -15.435 1.00 73.30 ? 89  LYS A CE  1 
ATOM   783  N  NZ  . LYS A 1 101 ? -0.939  13.096  -15.463 1.00 71.13 ? 89  LYS A NZ  1 
ATOM   784  N  N   . LEU A 1 102 ? 2.039   11.194  -10.666 1.00 47.75 ? 90  LEU A N   1 
ATOM   785  C  CA  . LEU A 1 102 ? 1.812   9.748   -10.842 1.00 52.83 ? 90  LEU A CA  1 
ATOM   786  C  C   . LEU A 1 102 ? 1.688   9.046   -9.482  1.00 51.62 ? 90  LEU A C   1 
ATOM   787  O  O   . LEU A 1 102 ? 0.895   8.131   -9.332  1.00 49.90 ? 90  LEU A O   1 
ATOM   788  C  CB  . LEU A 1 102 ? 2.943   9.119   -11.659 1.00 51.06 ? 90  LEU A CB  1 
ATOM   789  C  CG  . LEU A 1 102 ? 3.128   9.625   -13.100 1.00 59.77 ? 90  LEU A CG  1 
ATOM   790  C  CD1 . LEU A 1 102 ? 4.324   8.928   -13.747 1.00 61.21 ? 90  LEU A CD1 1 
ATOM   791  C  CD2 . LEU A 1 102 ? 1.897   9.443   -13.952 1.00 58.01 ? 90  LEU A CD2 1 
ATOM   792  N  N   . PHE A 1 103 ? 2.482   9.502   -8.515  1.00 50.00 ? 91  PHE A N   1 
ATOM   793  C  CA  . PHE A 1 103 ? 2.468   8.972   -7.150  1.00 49.13 ? 91  PHE A CA  1 
ATOM   794  C  C   . PHE A 1 103 ? 1.128   9.205   -6.466  1.00 50.40 ? 91  PHE A C   1 
ATOM   795  O  O   . PHE A 1 103 ? 0.525   8.277   -5.917  1.00 49.86 ? 91  PHE A O   1 
ATOM   796  C  CB  . PHE A 1 103 ? 3.601   9.571   -6.323  1.00 50.86 ? 91  PHE A CB  1 
ATOM   797  C  CG  . PHE A 1 103 ? 3.690   9.007   -4.925  1.00 52.25 ? 91  PHE A CG  1 
ATOM   798  C  CD1 . PHE A 1 103 ? 4.352   7.844   -4.701  1.00 49.52 ? 91  PHE A CD1 1 
ATOM   799  C  CD2 . PHE A 1 103 ? 3.043   9.621   -3.865  1.00 50.19 ? 91  PHE A CD2 1 
ATOM   800  C  CE1 . PHE A 1 103 ? 4.414   7.306   -3.432  1.00 50.22 ? 91  PHE A CE1 1 
ATOM   801  C  CE2 . PHE A 1 103 ? 3.110   9.113   -2.601  1.00 56.47 ? 91  PHE A CE2 1 
ATOM   802  C  CZ  . PHE A 1 103 ? 3.783   7.962   -2.372  1.00 59.79 ? 91  PHE A CZ  1 
ATOM   803  N  N   . ILE A 1 104 ? 0.623   10.424  -6.554  1.00 51.19 ? 92  ILE A N   1 
ATOM   804  C  CA  . ILE A 1 104 ? -0.623  10.766  -5.890  1.00 52.88 ? 92  ILE A CA  1 
ATOM   805  C  C   . ILE A 1 104 ? -1.841  10.111  -6.562  1.00 54.83 ? 92  ILE A C   1 
ATOM   806  O  O   . ILE A 1 104 ? -2.741  9.624   -5.904  1.00 55.08 ? 92  ILE A O   1 
ATOM   807  C  CB  . ILE A 1 104 ? -0.768  12.288  -5.822  1.00 55.67 ? 92  ILE A CB  1 
ATOM   808  C  CG1 . ILE A 1 104 ? 0.374   12.883  -4.964  1.00 53.68 ? 92  ILE A CG1 1 
ATOM   809  C  CG2 . ILE A 1 104 ? -2.137  12.700  -5.268  1.00 58.95 ? 92  ILE A CG2 1 
ATOM   810  C  CD1 . ILE A 1 104 ? 0.465   12.371  -3.555  1.00 62.04 ? 92  ILE A CD1 1 
ATOM   811  N  N   . GLU A 1 105 ? -1.847  10.062  -7.871  1.00 53.25 ? 93  GLU A N   1 
ATOM   812  C  CA  . GLU A 1 105 ? -2.856  9.309   -8.557  1.00 56.04 ? 93  GLU A CA  1 
ATOM   813  C  C   . GLU A 1 105 ? -2.909  7.825   -8.154  1.00 51.77 ? 93  GLU A C   1 
ATOM   814  O  O   . GLU A 1 105 ? -3.981  7.285   -7.884  1.00 51.45 ? 93  GLU A O   1 
ATOM   815  C  CB  . GLU A 1 105 ? -2.611  9.498   -10.031 1.00 54.59 ? 93  GLU A CB  1 
ATOM   816  C  CG  . GLU A 1 105 ? -3.290  8.574   -10.992 1.00 69.77 ? 93  GLU A CG  1 
ATOM   817  C  CD  . GLU A 1 105 ? -2.922  9.015   -12.404 1.00 69.99 ? 93  GLU A CD  1 
ATOM   818  O  OE1 . GLU A 1 105 ? -1.886  8.522   -12.949 1.00 75.75 ? 93  GLU A OE1 1 
ATOM   819  O  OE2 . GLU A 1 105 ? -3.604  9.949   -12.890 1.00 81.81 ? 93  GLU A OE2 1 
ATOM   820  N  N   . LYS A 1 106 ? -1.758  7.177   -8.125  1.00 48.36 ? 94  LYS A N   1 
ATOM   821  C  CA  . LYS A 1 106 ? -1.691  5.791   -7.712  1.00 51.20 ? 94  LYS A CA  1 
ATOM   822  C  C   . LYS A 1 106 ? -2.095  5.609   -6.225  1.00 48.56 ? 94  LYS A C   1 
ATOM   823  O  O   . LYS A 1 106 ? -2.858  4.732   -5.887  1.00 50.87 ? 94  LYS A O   1 
ATOM   824  C  CB  . LYS A 1 106 ? -0.287  5.286   -7.924  1.00 48.87 ? 94  LYS A CB  1 
ATOM   825  C  CG  . LYS A 1 106 ? -0.106  3.798   -7.619  1.00 59.10 ? 94  LYS A CG  1 
ATOM   826  C  CD  . LYS A 1 106 ? 1.374   3.382   -7.790  1.00 60.04 ? 94  LYS A CD  1 
ATOM   827  C  CE  . LYS A 1 106 ? 1.818   3.311   -9.229  1.00 65.32 ? 94  LYS A CE  1 
ATOM   828  N  NZ  . LYS A 1 106 ? 3.370   3.439   -9.202  1.00 66.01 ? 94  LYS A NZ  1 
ATOM   829  N  N   . LEU A 1 107 ? -1.590  6.451   -5.354  1.00 50.70 ? 95  LEU A N   1 
ATOM   830  C  CA  . LEU A 1 107 ? -2.055  6.466   -3.942  1.00 53.17 ? 95  LEU A CA  1 
ATOM   831  C  C   . LEU A 1 107 ? -3.592  6.612   -3.790  1.00 51.16 ? 95  LEU A C   1 
ATOM   832  O  O   . LEU A 1 107 ? -4.223  5.919   -2.993  1.00 51.29 ? 95  LEU A O   1 
ATOM   833  C  CB  . LEU A 1 107 ? -1.378  7.594   -3.170  1.00 52.32 ? 95  LEU A CB  1 
ATOM   834  C  CG  . LEU A 1 107 ? -1.560  7.594   -1.633  1.00 53.04 ? 95  LEU A CG  1 
ATOM   835  C  CD1 . LEU A 1 107 ? -0.244  7.292   -0.915  1.00 54.25 ? 95  LEU A CD1 1 
ATOM   836  C  CD2 . LEU A 1 107 ? -2.105  8.953   -1.207  1.00 57.83 ? 95  LEU A CD2 1 
ATOM   837  N  N   . LYS A 1 108 ? -4.201  7.495   -4.556  1.00 51.20 ? 96  LYS A N   1 
ATOM   838  C  CA  . LYS A 1 108 ? -5.649  7.693   -4.416  1.00 54.72 ? 96  LYS A CA  1 
ATOM   839  C  C   . LYS A 1 108 ? -6.394  6.428   -4.836  1.00 54.88 ? 96  LYS A C   1 
ATOM   840  O  O   . LYS A 1 108 ? -7.350  6.001   -4.197  1.00 54.09 ? 96  LYS A O   1 
ATOM   841  C  CB  . LYS A 1 108 ? -6.114  8.862   -5.238  1.00 56.27 ? 96  LYS A CB  1 
ATOM   842  C  CG  . LYS A 1 108 ? -5.430  10.185  -4.841  1.00 69.61 ? 96  LYS A CG  1 
ATOM   843  C  CD  . LYS A 1 108 ? -5.854  10.721  -3.514  1.00 72.83 ? 96  LYS A CD  1 
ATOM   844  C  CE  . LYS A 1 108 ? -5.539  12.248  -3.409  1.00 81.45 ? 96  LYS A CE  1 
ATOM   845  N  NZ  . LYS A 1 108 ? -6.042  13.071  -4.567  1.00 82.21 ? 96  LYS A NZ  1 
ATOM   846  N  N   . SER A 1 109 ? -5.908  5.816   -5.904  1.00 52.59 ? 97  SER A N   1 
ATOM   847  C  CA  . SER A 1 109 ? -6.468  4.596   -6.413  1.00 52.13 ? 97  SER A CA  1 
ATOM   848  C  C   . SER A 1 109 ? -6.356  3.460   -5.393  1.00 52.57 ? 97  SER A C   1 
ATOM   849  O  O   . SER A 1 109 ? -7.294  2.729   -5.191  1.00 52.33 ? 97  SER A O   1 
ATOM   850  C  CB  . SER A 1 109 ? -5.755  4.245   -7.748  1.00 55.28 ? 97  SER A CB  1 
ATOM   851  O  OG  . SER A 1 109 ? -5.736  2.862   -7.970  1.00 57.40 ? 97  SER A OG  1 
ATOM   852  N  N   . VAL A 1 110 ? -5.195  3.328   -4.762  1.00 50.22 ? 98  VAL A N   1 
ATOM   853  C  CA  . VAL A 1 110 ? -4.978  2.356   -3.689  1.00 50.89 ? 98  VAL A CA  1 
ATOM   854  C  C   . VAL A 1 110 ? -5.889  2.604   -2.467  1.00 50.86 ? 98  VAL A C   1 
ATOM   855  O  O   . VAL A 1 110 ? -6.534  1.665   -1.973  1.00 52.44 ? 98  VAL A O   1 
ATOM   856  C  CB  . VAL A 1 110 ? -3.487  2.329   -3.291  1.00 48.31 ? 98  VAL A CB  1 
ATOM   857  C  CG1 . VAL A 1 110 ? -3.246  1.557   -2.046  1.00 53.31 ? 98  VAL A CG1 1 
ATOM   858  C  CG2 . VAL A 1 110 ? -2.664  1.715   -4.445  1.00 50.72 ? 98  VAL A CG2 1 
ATOM   859  N  N   . GLN A 1 111 ? -5.989  3.851   -2.013  1.00 47.52 ? 99  GLN A N   1 
ATOM   860  C  CA  . GLN A 1 111 ? -6.869  4.154   -0.860  1.00 49.79 ? 99  GLN A CA  1 
ATOM   861  C  C   . GLN A 1 111 ? -8.292  3.834   -1.276  1.00 49.11 ? 99  GLN A C   1 
ATOM   862  O  O   . GLN A 1 111 ? -9.062  3.285   -0.472  1.00 47.49 ? 99  GLN A O   1 
ATOM   863  C  CB  . GLN A 1 111 ? -6.734  5.615   -0.349  1.00 46.47 ? 99  GLN A CB  1 
ATOM   864  C  CG  . GLN A 1 111 ? -5.281  5.975   0.040   1.00 51.65 ? 99  GLN A CG  1 
ATOM   865  C  CD  . GLN A 1 111 ? -5.032  7.444   0.462   1.00 56.77 ? 99  GLN A CD  1 
ATOM   866  O  OE1 . GLN A 1 111 ? -5.380  8.406   -0.267  1.00 60.94 ? 99  GLN A OE1 1 
ATOM   867  N  NE2 . GLN A 1 111 ? -4.395  7.616   1.649   1.00 58.91 ? 99  GLN A NE2 1 
ATOM   868  N  N   . TYR A 1 112 ? -8.634  4.102   -2.547  1.00 48.16 ? 100 TYR A N   1 
ATOM   869  C  CA  . TYR A 1 112 ? -9.984  3.803   -2.997  1.00 51.36 ? 100 TYR A CA  1 
ATOM   870  C  C   . TYR A 1 112 ? -10.298 2.283   -2.909  1.00 50.28 ? 100 TYR A C   1 
ATOM   871  O  O   . TYR A 1 112 ? -11.284 1.861   -2.303  1.00 50.48 ? 100 TYR A O   1 
ATOM   872  C  CB  . TYR A 1 112 ? -10.248 4.386   -4.394  1.00 54.73 ? 100 TYR A CB  1 
ATOM   873  C  CG  . TYR A 1 112 ? -11.551 3.941   -4.952  1.00 54.33 ? 100 TYR A CG  1 
ATOM   874  C  CD1 . TYR A 1 112 ? -11.654 2.728   -5.633  1.00 60.17 ? 100 TYR A CD1 1 
ATOM   875  C  CD2 . TYR A 1 112 ? -12.699 4.706   -4.779  1.00 58.04 ? 100 TYR A CD2 1 
ATOM   876  C  CE1 . TYR A 1 112 ? -12.875 2.287   -6.125  1.00 63.10 ? 100 TYR A CE1 1 
ATOM   877  C  CE2 . TYR A 1 112 ? -13.931 4.269   -5.282  1.00 48.56 ? 100 TYR A CE2 1 
ATOM   878  C  CZ  . TYR A 1 112 ? -14.006 3.064   -5.938  1.00 51.74 ? 100 TYR A CZ  1 
ATOM   879  O  OH  . TYR A 1 112 ? -15.214 2.608   -6.412  1.00 57.76 ? 100 TYR A OH  1 
ATOM   880  N  N   . ASP A 1 113 ? -9.432  1.467   -3.470  1.00 49.51 ? 101 ASP A N   1 
ATOM   881  C  CA  . ASP A 1 113 ? -9.580  0.020   -3.360  1.00 51.19 ? 101 ASP A CA  1 
ATOM   882  C  C   . ASP A 1 113 ? -9.616  -0.502  -1.924  1.00 52.89 ? 101 ASP A C   1 
ATOM   883  O  O   . ASP A 1 113 ? -10.408 -1.380  -1.571  1.00 52.56 ? 101 ASP A O   1 
ATOM   884  C  CB  . ASP A 1 113 ? -8.419  -0.636  -4.069  1.00 53.75 ? 101 ASP A CB  1 
ATOM   885  C  CG  . ASP A 1 113 ? -8.534  -0.546  -5.592  1.00 57.49 ? 101 ASP A CG  1 
ATOM   886  O  OD1 . ASP A 1 113 ? -9.643  -0.244  -6.112  1.00 54.94 ? 101 ASP A OD1 1 
ATOM   887  O  OD2 . ASP A 1 113 ? -7.502  -0.804  -6.252  1.00 58.13 ? 101 ASP A OD2 1 
ATOM   888  N  N   . LEU A 1 114 ? -8.696  0.001   -1.114  1.00 52.58 ? 102 LEU A N   1 
ATOM   889  C  CA  . LEU A 1 114 ? -8.604  -0.404  0.284   1.00 51.04 ? 102 LEU A CA  1 
ATOM   890  C  C   . LEU A 1 114 ? -9.892  -0.133  1.055   1.00 49.45 ? 102 LEU A C   1 
ATOM   891  O  O   . LEU A 1 114 ? -10.317 -0.951  1.872   1.00 45.93 ? 102 LEU A O   1 
ATOM   892  C  CB  . LEU A 1 114 ? -7.428  0.312   0.953   1.00 50.53 ? 102 LEU A CB  1 
ATOM   893  C  CG  . LEU A 1 114 ? -6.044  -0.219  0.548   1.00 52.66 ? 102 LEU A CG  1 
ATOM   894  C  CD1 . LEU A 1 114 ? -4.984  0.605   1.221   1.00 55.20 ? 102 LEU A CD1 1 
ATOM   895  C  CD2 . LEU A 1 114 ? -5.854  -1.695  0.919   1.00 54.27 ? 102 LEU A CD2 1 
ATOM   896  N  N   . GLN A 1 115 ? -10.519 1.008   0.788   1.00 49.28 ? 103 GLN A N   1 
ATOM   897  C  CA  . GLN A 1 115 ? -11.788 1.317   1.432   1.00 49.57 ? 103 GLN A CA  1 
ATOM   898  C  C   . GLN A 1 115 ? -12.886 0.340   1.043   1.00 49.59 ? 103 GLN A C   1 
ATOM   899  O  O   . GLN A 1 115 ? -13.708 -0.027  1.888   1.00 52.14 ? 103 GLN A O   1 
ATOM   900  C  CB  . GLN A 1 115 ? -12.250 2.735   1.096   1.00 50.80 ? 103 GLN A CB  1 
ATOM   901  C  CG  . GLN A 1 115 ? -11.561 3.809   1.852   1.00 51.17 ? 103 GLN A CG  1 
ATOM   902  C  CD  . GLN A 1 115 ? -11.790 3.698   3.373   1.00 59.84 ? 103 GLN A CD  1 
ATOM   903  O  OE1 . GLN A 1 115 ? -10.852 3.887   4.149   1.00 49.37 ? 103 GLN A OE1 1 
ATOM   904  N  NE2 . GLN A 1 115 ? -13.018 3.342   3.788   1.00 49.93 ? 103 GLN A NE2 1 
ATOM   905  N  N   . ASN A 1 116 ? -12.929 -0.047  -0.234  1.00 46.14 ? 104 ASN A N   1 
ATOM   906  C  CA  . ASN A 1 116 ? -13.942 -0.958  -0.721  1.00 46.63 ? 104 ASN A CA  1 
ATOM   907  C  C   . ASN A 1 116 ? -13.768 -2.323  -0.086  1.00 47.22 ? 104 ASN A C   1 
ATOM   908  O  O   . ASN A 1 116 ? -14.745 -3.044  0.184   1.00 45.18 ? 104 ASN A O   1 
ATOM   909  C  CB  . ASN A 1 116 ? -13.871 -1.093  -2.250  1.00 50.86 ? 104 ASN A CB  1 
ATOM   910  C  CG  . ASN A 1 116 ? -14.460 0.107   -2.980  1.00 51.89 ? 104 ASN A CG  1 
ATOM   911  O  OD1 . ASN A 1 116 ? -15.292 0.841   -2.442  1.00 49.75 ? 104 ASN A OD1 1 
ATOM   912  N  ND2 . ASN A 1 116 ? -14.039 0.300   -4.210  1.00 43.27 ? 104 ASN A ND2 1 
ATOM   913  N  N   . ILE A 1 117 ? -12.512 -2.687  0.121   1.00 47.62 ? 105 ILE A N   1 
ATOM   914  C  CA  . ILE A 1 117 ? -12.189 -3.965  0.702   1.00 51.13 ? 105 ILE A CA  1 
ATOM   915  C  C   . ILE A 1 117 ? -12.610 -3.905  2.146   1.00 50.41 ? 105 ILE A C   1 
ATOM   916  O  O   . ILE A 1 117 ? -13.334 -4.787  2.613   1.00 50.33 ? 105 ILE A O   1 
ATOM   917  C  CB  . ILE A 1 117 ? -10.684 -4.302  0.571   1.00 50.67 ? 105 ILE A CB  1 
ATOM   918  C  CG1 . ILE A 1 117 ? -10.359 -4.606  -0.887  1.00 54.02 ? 105 ILE A CG1 1 
ATOM   919  C  CG2 . ILE A 1 117 ? -10.316 -5.484  1.444   1.00 51.11 ? 105 ILE A CG2 1 
ATOM   920  C  CD1 . ILE A 1 117 ? -8.861  -4.788  -1.173  1.00 55.67 ? 105 ILE A CD1 1 
ATOM   921  N  N   . LEU A 1 118 ? -12.189 -2.841  2.833   1.00 51.35 ? 106 LEU A N   1 
ATOM   922  C  CA  . LEU A 1 118 ? -12.551 -2.647  4.238   1.00 53.11 ? 106 LEU A CA  1 
ATOM   923  C  C   . LEU A 1 118 ? -14.051 -2.749  4.386   1.00 52.19 ? 106 LEU A C   1 
ATOM   924  O  O   . LEU A 1 118 ? -14.497 -3.493  5.220   1.00 55.16 ? 106 LEU A O   1 
ATOM   925  C  CB  . LEU A 1 118 ? -12.037 -1.309  4.796   1.00 53.19 ? 106 LEU A CB  1 
ATOM   926  C  CG  . LEU A 1 118 ? -12.199 -1.088  6.311   1.00 54.29 ? 106 LEU A CG  1 
ATOM   927  C  CD1 . LEU A 1 118 ? -11.192 -1.924  7.120   1.00 50.95 ? 106 LEU A CD1 1 
ATOM   928  C  CD2 . LEU A 1 118 ? -12.076 0.395   6.685   1.00 54.37 ? 106 LEU A CD2 1 
ATOM   929  N  N   . ASP A 1 119 ? -14.829 -2.044  3.561   1.00 54.23 ? 107 ASP A N   1 
ATOM   930  C  CA  . ASP A 1 119 ? -16.306 -2.198  3.595   1.00 54.08 ? 107 ASP A CA  1 
ATOM   931  C  C   . ASP A 1 119 ? -16.724 -3.649  3.404   1.00 53.83 ? 107 ASP A C   1 
ATOM   932  O  O   . ASP A 1 119 ? -17.573 -4.137  4.119   1.00 54.24 ? 107 ASP A O   1 
ATOM   933  C  CB  . ASP A 1 119 ? -17.037 -1.393  2.508   1.00 52.87 ? 107 ASP A CB  1 
ATOM   934  C  CG  . ASP A 1 119 ? -16.747 0.081   2.554   1.00 55.42 ? 107 ASP A CG  1 
ATOM   935  O  OD1 . ASP A 1 119 ? -16.031 0.529   3.479   1.00 54.55 ? 107 ASP A OD1 1 
ATOM   936  O  OD2 . ASP A 1 119 ? -17.224 0.789   1.630   1.00 61.38 ? 107 ASP A OD2 1 
ATOM   937  N  N   . GLY A 1 120 ? -16.139 -4.317  2.410   1.00 54.68 ? 108 GLY A N   1 
ATOM   938  C  CA  . GLY A 1 120 ? -16.485 -5.697  2.091   1.00 55.32 ? 108 GLY A CA  1 
ATOM   939  C  C   . GLY A 1 120 ? -16.183 -6.726  3.178   1.00 56.98 ? 108 GLY A C   1 
ATOM   940  O  O   . GLY A 1 120 ? -16.839 -7.747  3.247   1.00 53.65 ? 108 GLY A O   1 
ATOM   941  N  N   . VAL A 1 121 ? -15.171 -6.476  4.004   1.00 60.66 ? 109 VAL A N   1 
ATOM   942  C  CA  . VAL A 1 121 ? -14.721 -7.442  5.010   1.00 62.94 ? 109 VAL A CA  1 
ATOM   943  C  C   . VAL A 1 121 ? -15.145 -6.937  6.374   1.00 66.28 ? 109 VAL A C   1 
ATOM   944  O  O   . VAL A 1 121 ? -14.328 -6.747  7.260   1.00 68.46 ? 109 VAL A O   1 
ATOM   945  C  CB  . VAL A 1 121 ? -13.171 -7.673  4.963   1.00 61.93 ? 109 VAL A CB  1 
ATOM   946  C  CG1 . VAL A 1 121 ? -12.714 -8.075  3.551   1.00 61.25 ? 109 VAL A CG1 1 
ATOM   947  C  CG2 . VAL A 1 121 ? -12.389 -6.449  5.432   1.00 62.22 ? 109 VAL A CG2 1 
ATOM   948  N  N   . THR A 1 122 ? -16.444 -6.737  6.545   1.00 70.51 ? 110 THR A N   1 
ATOM   949  C  CA  . THR A 1 122 ? -16.940 -5.938  7.659   1.00 72.95 ? 110 THR A CA  1 
ATOM   950  C  C   . THR A 1 122 ? -18.443 -6.165  7.847   1.00 74.98 ? 110 THR A C   1 
ATOM   951  O  O   . THR A 1 122 ? -19.123 -6.635  6.924   1.00 78.31 ? 110 THR A O   1 
ATOM   952  C  CB  . THR A 1 122 ? -16.570 -4.443  7.388   1.00 73.10 ? 110 THR A CB  1 
ATOM   953  O  OG1 . THR A 1 122 ? -15.417 -4.097  8.160   1.00 71.98 ? 110 THR A OG1 1 
ATOM   954  C  CG2 . THR A 1 122 ? -17.689 -3.475  7.713   1.00 74.75 ? 110 THR A CG2 1 
HETATM 955  P  P   . PO4 B 2 .   ? 4.637   -9.826  -6.478  1.00 98.03 ? 117 PO4 A P   1 
HETATM 956  O  O1  . PO4 B 2 .   ? 6.034   -10.118 -7.062  1.00 65.35 ? 117 PO4 A O1  1 
HETATM 957  O  O2  . PO4 B 2 .   ? 4.028   -8.562  -7.118  1.00 82.46 ? 117 PO4 A O2  1 
HETATM 958  O  O3  . PO4 B 2 .   ? 3.727   -10.999 -6.789  1.00 75.62 ? 117 PO4 A O3  1 
HETATM 959  O  O4  . PO4 B 2 .   ? 4.707   -9.644  -4.931  1.00 63.43 ? 117 PO4 A O4  1 
HETATM 960  CL CL  . CL  C 3 .   ? -11.132 -5.666  -14.047 1.00 63.51 ? 118 CL  A CL  1 
HETATM 961  CL CL  . CL  D 3 .   ? -10.506 -8.994  -15.148 1.00 64.95 ? 119 CL  A CL  1 
HETATM 962  CL CL  . CL  E 3 .   ? -7.751  4.850   2.585   1.00 82.65 ? 120 CL  A CL  1 
HETATM 963  O  O   . HOH F 4 .   ? 7.458   8.716   -10.779 1.00 35.04 ? 121 HOH A O   1 
HETATM 964  O  O   . HOH F 4 .   ? -5.024  0.491   -6.753  1.00 38.04 ? 122 HOH A O   1 
HETATM 965  O  O   . HOH F 4 .   ? 9.911   6.850   -8.552  1.00 38.75 ? 123 HOH A O   1 
HETATM 966  O  O   . HOH F 4 .   ? -10.101 -10.992 -12.948 1.00 38.90 ? 124 HOH A O   1 
HETATM 967  O  O   . HOH F 4 .   ? 6.947   18.688  -5.227  1.00 42.27 ? 125 HOH A O   1 
HETATM 968  O  O   . HOH F 4 .   ? 0.607   -8.757  -7.940  1.00 42.51 ? 126 HOH A O   1 
HETATM 969  O  O   . HOH F 4 .   ? -0.158  7.026   -11.447 1.00 42.65 ? 127 HOH A O   1 
HETATM 970  O  O   . HOH F 4 .   ? 19.344  12.956  -2.640  1.00 43.68 ? 128 HOH A O   1 
HETATM 971  O  O   . HOH F 4 .   ? 15.142  10.318  -6.497  1.00 43.81 ? 129 HOH A O   1 
HETATM 972  O  O   . HOH F 4 .   ? 5.097   12.952  -14.239 1.00 44.47 ? 130 HOH A O   1 
HETATM 973  O  O   . HOH F 4 .   ? -6.435  7.870   -8.818  1.00 44.68 ? 131 HOH A O   1 
HETATM 974  O  O   . HOH F 4 .   ? 16.896  7.769   5.424   1.00 44.82 ? 132 HOH A O   1 
HETATM 975  O  O   . HOH F 4 .   ? -12.013 -12.882 -9.869  1.00 44.89 ? 133 HOH A O   1 
HETATM 976  O  O   . HOH F 4 .   ? 7.176   16.040  -9.334  1.00 44.93 ? 134 HOH A O   1 
HETATM 977  O  O   . HOH F 4 .   ? -6.826  -2.479  -8.210  1.00 45.51 ? 135 HOH A O   1 
HETATM 978  O  O   . HOH F 4 .   ? 3.921   5.718   -11.530 1.00 46.43 ? 136 HOH A O   1 
HETATM 979  O  O   . HOH F 4 .   ? 5.998   -4.806  -7.491  0.50 46.84 ? 137 HOH A O   1 
HETATM 980  O  O   . HOH F 4 .   ? 4.143   -1.871  -10.284 0.50 46.62 ? 138 HOH A O   1 
HETATM 981  O  O   . HOH F 4 .   ? 4.236   16.029  -11.023 1.00 47.02 ? 139 HOH A O   1 
HETATM 982  O  O   . HOH F 4 .   ? 11.664  17.021  -6.833  1.00 48.57 ? 140 HOH A O   1 
HETATM 983  O  O   . HOH F 4 .   ? 4.465   6.847   -9.210  1.00 49.45 ? 141 HOH A O   1 
HETATM 984  O  O   . HOH F 4 .   ? -8.781  7.610   -2.956  1.00 50.00 ? 142 HOH A O   1 
HETATM 985  O  O   . HOH F 4 .   ? 8.082   -2.196  -5.897  1.00 49.74 ? 143 HOH A O   1 
HETATM 986  O  O   . HOH F 4 .   ? 7.997   11.666  -14.914 0.50 49.87 ? 144 HOH A O   1 
HETATM 987  O  O   . HOH F 4 .   ? -16.442 -4.476  -1.092  1.00 51.25 ? 145 HOH A O   1 
HETATM 988  O  O   . HOH F 4 .   ? 17.528  17.806  -5.364  1.00 52.61 ? 146 HOH A O   1 
HETATM 989  O  O   . HOH F 4 .   ? 6.986   -3.415  -0.852  1.00 52.89 ? 147 HOH A O   1 
HETATM 990  O  O   . HOH F 4 .   ? -16.627 -9.400  -6.702  1.00 53.02 ? 148 HOH A O   1 
HETATM 991  O  O   . HOH F 4 .   ? -1.739  -12.852 -4.874  1.00 53.42 ? 149 HOH A O   1 
HETATM 992  O  O   . HOH F 4 .   ? 1.757   -15.115 0.912   1.00 54.71 ? 150 HOH A O   1 
HETATM 993  O  O   . HOH F 4 .   ? -6.356  -0.849  -10.511 1.00 55.19 ? 151 HOH A O   1 
HETATM 994  O  O   . HOH F 4 .   ? -1.314  -15.293 -3.715  1.00 54.96 ? 152 HOH A O   1 
HETATM 995  O  O   . HOH F 4 .   ? -2.074  12.843  -9.685  1.00 55.74 ? 153 HOH A O   1 
HETATM 996  O  O   . HOH F 4 .   ? -5.438  -12.541 -7.495  1.00 57.10 ? 154 HOH A O   1 
HETATM 997  O  O   . HOH F 4 .   ? 7.477   6.544   -9.922  1.00 57.37 ? 155 HOH A O   1 
HETATM 998  O  O   . HOH F 4 .   ? -13.577 3.526   -1.856  1.00 58.28 ? 156 HOH A O   1 
HETATM 999  O  O   . HOH F 4 .   ? -6.932  -1.408  -14.897 1.00 58.20 ? 157 HOH A O   1 
HETATM 1000 O  O   . HOH F 4 .   ? -5.397  5.118   9.010   1.00 58.40 ? 158 HOH A O   1 
HETATM 1001 O  O   . HOH F 4 .   ? -12.129 -1.223  -5.587  1.00 58.30 ? 159 HOH A O   1 
HETATM 1002 O  O   . HOH F 4 .   ? -17.046 3.908   -5.725  1.00 58.65 ? 160 HOH A O   1 
HETATM 1003 O  O   . HOH F 4 .   ? 20.964  14.929  -6.405  1.00 59.80 ? 161 HOH A O   1 
HETATM 1004 O  O   . HOH F 4 .   ? -4.917  5.002   2.936   1.00 61.05 ? 162 HOH A O   1 
HETATM 1005 O  O   . HOH F 4 .   ? 4.649   -12.588 6.047   1.00 61.96 ? 163 HOH A O   1 
HETATM 1006 O  O   . HOH F 4 .   ? 10.491  -9.118  1.015   1.00 60.94 ? 164 HOH A O   1 
HETATM 1007 O  O   . HOH F 4 .   ? 10.006  5.282   6.547   1.00 61.90 ? 165 HOH A O   1 
HETATM 1008 O  O   . HOH F 4 .   ? 16.580  -4.657  5.613   1.00 62.16 ? 166 HOH A O   1 
HETATM 1009 O  O   . HOH F 4 .   ? 4.031   -9.858  -0.947  1.00 62.70 ? 167 HOH A O   1 
HETATM 1010 O  O   . HOH F 4 .   ? 19.264  18.710  -1.479  1.00 63.28 ? 168 HOH A O   1 
HETATM 1011 O  O   . HOH F 4 .   ? -4.727  11.016  -0.454  1.00 64.10 ? 169 HOH A O   1 
HETATM 1012 O  O   . HOH F 4 .   ? -2.944  9.702   -16.070 1.00 64.51 ? 170 HOH A O   1 
HETATM 1013 O  O   . HOH F 4 .   ? -10.597 4.253   7.039   1.00 66.41 ? 171 HOH A O   1 
HETATM 1014 O  O   . HOH F 4 .   ? -12.627 -17.092 -4.412  1.00 67.43 ? 172 HOH A O   1 
HETATM 1015 O  O   . HOH F 4 .   ? -6.594  2.480   9.444   1.00 68.15 ? 173 HOH A O   1 
HETATM 1016 O  O   . HOH F 4 .   ? -7.815  -17.331 0.602   1.00 69.10 ? 174 HOH A O   1 
HETATM 1017 O  O   . HOH F 4 .   ? 16.957  0.423   9.695   1.00 69.66 ? 175 HOH A O   1 
# 
